data_6S7B
#
_entry.id   6S7B
#
_cell.length_a   75.455
_cell.length_b   99.367
_cell.length_c   208.463
_cell.angle_alpha   90.000
_cell.angle_beta   90.000
_cell.angle_gamma   90.000
#
_symmetry.space_group_name_H-M   'P 21 21 2'
#
loop_
_entity.id
_entity.type
_entity.pdbx_description
1 polymer 'Histone-arginine methyltransferase CARM1'
2 non-polymer 1-[4-[[(2~{R},3~{S},4~{R},5~{R})-5-(6-aminopurin-9-yl)-3,4-bis(oxidanyl)oxolan-2-yl]methyl-(3-azanylpropyl)amino]butyl]guanidine
3 water water
#
_entity_poly.entity_id   1
_entity_poly.type   'polypeptide(L)'
_entity_poly.pdbx_seq_one_letter_code
;SVFSERTEESSAVQYFQFYGYLSQQQNMMQDYVRTGTYQRAILQNHTDFKDKIVLDVGCGSGILSFFAAQAGARKIYAVE
ASTMAQHAEVLVKSNNLTDRIVVIPGKVEEVSLPEQVDIIISEPMGYMLFNERMLESYLHAKKYLKPSGNMFPTIGDVHL
APFTDEQLYMEQFTKANFWYQPSFHGVDLSALRGAAVDEYFRQPVVDTFDIRILMAKSVKYTVNFLEAKEGDLHRIEIPF
KFHMLHSGLVHGLAFWFDVAFIGSIMTVWLSTAPTEPLTHWYQVRCLFQSPLFAKAGDTLSGTCLLIANKRQSYDISIVA
QVDQTGSKSSNLLDLKNPFFRYTGTHHHHHH
;
_entity_poly.pdbx_strand_id   A,B,C,D
#
loop_
_chem_comp.id
_chem_comp.type
_chem_comp.name
_chem_comp.formula
KYH non-polymer 1-[4-[[(2~{R},3~{S},4~{R},5~{R})-5-(6-aminopurin-9-yl)-3,4-bis(oxidanyl)oxolan-2-yl]methyl-(3-azanylpropyl)amino]butyl]guanidine 'C18 H32 N10 O3'
#
# COMPACT_ATOMS: atom_id res chain seq x y z
N SER A 1 -2.76 -43.62 -15.27
CA SER A 1 -1.71 -43.75 -14.23
C SER A 1 -2.36 -44.26 -12.95
N VAL A 2 -1.54 -44.45 -11.91
CA VAL A 2 -2.03 -44.72 -10.58
C VAL A 2 -2.91 -43.55 -10.09
N PHE A 3 -2.71 -42.33 -10.60
CA PHE A 3 -3.45 -41.15 -10.15
C PHE A 3 -4.84 -41.05 -10.82
N SER A 4 -4.92 -41.15 -12.14
CA SER A 4 -6.25 -41.04 -12.84
C SER A 4 -7.16 -42.26 -12.55
N GLU A 5 -6.59 -43.42 -12.18
CA GLU A 5 -7.41 -44.62 -11.81
C GLU A 5 -8.17 -44.37 -10.49
N ARG A 6 -7.52 -43.75 -9.50
CA ARG A 6 -8.14 -43.49 -8.16
C ARG A 6 -8.88 -42.14 -8.10
N THR A 7 -8.87 -41.33 -9.18
CA THR A 7 -9.40 -39.95 -9.14
C THR A 7 -10.35 -39.68 -10.32
N GLU A 8 -11.63 -39.43 -10.02
CA GLU A 8 -12.61 -38.79 -10.93
C GLU A 8 -11.93 -37.53 -11.51
N GLU A 9 -11.97 -37.34 -12.84
CA GLU A 9 -11.36 -36.17 -13.53
C GLU A 9 -11.92 -34.84 -13.00
N SER A 10 -13.23 -34.77 -12.77
CA SER A 10 -13.92 -33.57 -12.24
C SER A 10 -13.31 -33.05 -10.92
N SER A 11 -12.96 -34.00 -10.03
CA SER A 11 -12.38 -33.71 -8.71
C SER A 11 -10.94 -33.22 -8.87
N ALA A 12 -10.16 -33.85 -9.77
CA ALA A 12 -8.75 -33.46 -10.07
C ALA A 12 -8.67 -32.02 -10.62
N VAL A 13 -9.60 -31.60 -11.49
CA VAL A 13 -9.50 -30.25 -12.07
C VAL A 13 -9.84 -29.23 -10.97
N GLN A 14 -10.92 -29.40 -10.22
CA GLN A 14 -11.20 -28.55 -9.04
C GLN A 14 -9.97 -28.49 -8.10
N TYR A 15 -9.32 -29.64 -7.84
CA TYR A 15 -8.23 -29.74 -6.88
C TYR A 15 -7.01 -28.91 -7.31
N PHE A 16 -6.59 -29.07 -8.56
CA PHE A 16 -5.39 -28.38 -9.09
C PHE A 16 -5.69 -26.91 -9.49
N GLN A 17 -6.96 -26.57 -9.80
CA GLN A 17 -7.34 -25.14 -9.98
C GLN A 17 -7.22 -24.40 -8.64
N PHE A 18 -7.66 -25.04 -7.54
CA PHE A 18 -7.56 -24.48 -6.18
C PHE A 18 -6.10 -24.22 -5.78
N TYR A 19 -5.18 -25.13 -6.11
CA TYR A 19 -3.77 -24.98 -5.70
C TYR A 19 -2.96 -24.10 -6.68
N GLY A 20 -3.54 -23.76 -7.85
CA GLY A 20 -2.92 -22.88 -8.81
C GLY A 20 -2.98 -21.40 -8.45
N TYR A 21 -3.74 -21.01 -7.43
CA TYR A 21 -3.82 -19.64 -7.00
C TYR A 21 -2.71 -19.32 -6.01
N LEU A 22 -2.03 -18.20 -6.28
CA LEU A 22 -1.00 -17.70 -5.38
C LEU A 22 -1.57 -17.38 -4.00
N SER A 23 -2.83 -16.89 -3.94
CA SER A 23 -3.44 -16.58 -2.69
C SER A 23 -3.51 -17.81 -1.78
N GLN A 24 -3.80 -19.00 -2.34
CA GLN A 24 -3.83 -20.19 -1.52
C GLN A 24 -2.43 -20.55 -1.04
N GLN A 25 -1.44 -20.41 -1.91
CA GLN A 25 -0.10 -20.65 -1.50
C GLN A 25 0.31 -19.70 -0.35
N GLN A 26 -0.08 -18.43 -0.46
CA GLN A 26 0.23 -17.43 0.52
C GLN A 26 -0.40 -17.77 1.87
N ASN A 27 -1.66 -18.16 1.84
CA ASN A 27 -2.41 -18.53 3.03
C ASN A 27 -1.61 -19.63 3.76
N MET A 28 -1.03 -20.57 3.03
CA MET A 28 -0.28 -21.65 3.70
C MET A 28 1.09 -21.19 4.18
N MET A 29 1.77 -20.34 3.41
CA MET A 29 3.07 -19.80 3.80
C MET A 29 2.98 -18.90 5.04
N GLN A 30 1.86 -18.19 5.25
CA GLN A 30 1.67 -17.29 6.38
C GLN A 30 1.37 -18.04 7.67
N ASP A 31 1.09 -19.33 7.60
CA ASP A 31 1.03 -20.15 8.81
C ASP A 31 2.45 -20.36 9.32
N TYR A 32 2.81 -19.60 10.35
CA TYR A 32 4.18 -19.58 10.85
C TYR A 32 4.53 -20.94 11.44
N VAL A 33 3.61 -21.59 12.11
CA VAL A 33 3.93 -22.88 12.67
C VAL A 33 4.33 -23.87 11.57
N ARG A 34 3.51 -23.96 10.50
CA ARG A 34 3.78 -24.87 9.37
C ARG A 34 5.18 -24.54 8.83
N THR A 35 5.34 -23.31 8.36
CA THR A 35 6.49 -22.96 7.57
C THR A 35 7.76 -23.02 8.38
N GLY A 36 7.68 -22.49 9.61
CA GLY A 36 8.80 -22.43 10.50
C GLY A 36 9.24 -23.81 10.90
N THR A 37 8.29 -24.71 11.16
CA THR A 37 8.63 -26.07 11.59
C THR A 37 9.33 -26.83 10.45
N TYR A 38 8.84 -26.73 9.23
CA TYR A 38 9.52 -27.34 8.08
C TYR A 38 10.94 -26.80 7.94
N GLN A 39 11.12 -25.48 8.03
CA GLN A 39 12.43 -24.92 7.90
C GLN A 39 13.38 -25.42 9.00
N ARG A 40 12.86 -25.48 10.21
CA ARG A 40 13.61 -25.92 11.34
C ARG A 40 14.01 -27.40 11.15
N ALA A 41 13.08 -28.23 10.71
CA ALA A 41 13.36 -29.66 10.55
C ALA A 41 14.46 -29.87 9.53
N ILE A 42 14.39 -29.12 8.42
CA ILE A 42 15.36 -29.25 7.35
C ILE A 42 16.70 -28.65 7.77
N LEU A 43 16.73 -27.40 8.24
CA LEU A 43 18.06 -26.77 8.58
C LEU A 43 18.73 -27.48 9.77
N GLN A 44 17.98 -27.93 10.77
CA GLN A 44 18.60 -28.59 11.93
C GLN A 44 19.09 -30.00 11.59
N ASN A 45 18.57 -30.63 10.54
CA ASN A 45 19.09 -31.90 10.03
C ASN A 45 19.87 -31.66 8.74
N HIS A 46 20.74 -30.65 8.71
CA HIS A 46 21.54 -30.31 7.49
C HIS A 46 22.37 -31.49 6.95
N THR A 47 22.85 -32.41 7.80
CA THR A 47 23.58 -33.62 7.34
C THR A 47 22.74 -34.48 6.38
N ASP A 48 21.42 -34.52 6.54
CA ASP A 48 20.52 -35.32 5.65
C ASP A 48 20.29 -34.64 4.28
N PHE A 49 20.80 -33.43 4.08
CA PHE A 49 20.64 -32.73 2.83
C PHE A 49 21.97 -32.40 2.15
N LYS A 50 23.04 -32.16 2.93
CA LYS A 50 24.29 -31.60 2.38
C LYS A 50 24.80 -32.54 1.29
N ASP A 51 24.92 -31.99 0.09
CA ASP A 51 25.40 -32.69 -1.12
C ASP A 51 24.57 -33.94 -1.48
N LYS A 52 23.26 -33.97 -1.14
CA LYS A 52 22.38 -35.10 -1.48
C LYS A 52 21.39 -34.73 -2.61
N ILE A 53 20.72 -35.74 -3.16
CA ILE A 53 19.66 -35.51 -4.14
C ILE A 53 18.30 -35.55 -3.40
N VAL A 54 17.42 -34.58 -3.67
CA VAL A 54 16.16 -34.55 -2.96
C VAL A 54 15.00 -34.41 -3.93
N LEU A 55 13.90 -35.09 -3.64
CA LEU A 55 12.68 -34.91 -4.35
C LEU A 55 11.65 -34.18 -3.48
N ASP A 56 11.07 -33.07 -4.02
CA ASP A 56 9.98 -32.30 -3.36
C ASP A 56 8.65 -32.58 -4.08
N VAL A 57 7.75 -33.29 -3.39
CA VAL A 57 6.53 -33.77 -3.98
C VAL A 57 5.43 -32.75 -3.72
N GLY A 58 4.95 -32.17 -4.80
CA GLY A 58 3.99 -31.08 -4.70
C GLY A 58 4.64 -29.84 -4.10
N CYS A 59 5.61 -29.31 -4.81
CA CYS A 59 6.44 -28.23 -4.32
C CYS A 59 5.67 -26.91 -4.11
N GLY A 60 4.57 -26.71 -4.83
CA GLY A 60 3.83 -25.48 -4.74
C GLY A 60 4.65 -24.33 -5.28
N SER A 61 4.72 -23.22 -4.51
CA SER A 61 5.63 -22.05 -4.73
C SER A 61 7.10 -22.51 -4.74
N GLY A 62 7.40 -23.63 -4.08
CA GLY A 62 8.75 -24.19 -4.09
C GLY A 62 9.50 -23.93 -2.80
N ILE A 63 8.78 -23.49 -1.76
CA ILE A 63 9.43 -23.08 -0.52
C ILE A 63 10.24 -24.22 0.14
N LEU A 64 9.76 -25.46 0.13
CA LEU A 64 10.56 -26.54 0.77
C LEU A 64 11.85 -26.83 -0.01
N SER A 65 11.81 -26.72 -1.33
CA SER A 65 12.96 -26.85 -2.14
C SER A 65 14.00 -25.80 -1.79
N PHE A 66 13.57 -24.54 -1.62
CA PHE A 66 14.49 -23.48 -1.21
C PHE A 66 15.08 -23.83 0.14
N PHE A 67 14.31 -24.40 1.07
CA PHE A 67 14.91 -24.79 2.34
C PHE A 67 15.93 -25.93 2.15
N ALA A 68 15.66 -26.91 1.30
CA ALA A 68 16.62 -27.97 1.05
C ALA A 68 17.90 -27.36 0.44
N ALA A 69 17.76 -26.35 -0.41
CA ALA A 69 18.90 -25.61 -0.97
C ALA A 69 19.71 -24.90 0.14
N GLN A 70 19.02 -24.16 1.00
CA GLN A 70 19.67 -23.52 2.18
C GLN A 70 20.45 -24.56 3.03
N ALA A 71 20.03 -25.82 3.07
CA ALA A 71 20.65 -26.83 3.87
C ALA A 71 21.83 -27.49 3.17
N GLY A 72 22.07 -27.17 1.89
CA GLY A 72 23.22 -27.70 1.13
C GLY A 72 22.96 -28.84 0.16
N ALA A 73 21.73 -29.05 -0.31
CA ALA A 73 21.48 -30.14 -1.26
C ALA A 73 22.21 -29.87 -2.59
N ARG A 74 22.77 -30.92 -3.18
CA ARG A 74 23.35 -30.85 -4.54
C ARG A 74 22.26 -30.54 -5.58
N LYS A 75 21.18 -31.31 -5.53
CA LYS A 75 20.11 -31.22 -6.51
C LYS A 75 18.75 -31.52 -5.88
N ILE A 76 17.73 -30.75 -6.30
CA ILE A 76 16.40 -30.89 -5.87
C ILE A 76 15.45 -30.95 -7.07
N TYR A 77 14.70 -32.05 -7.15
CA TYR A 77 13.65 -32.18 -8.15
C TYR A 77 12.35 -31.78 -7.49
N ALA A 78 11.72 -30.75 -8.02
CA ALA A 78 10.54 -30.27 -7.42
C ALA A 78 9.39 -30.57 -8.36
N VAL A 79 8.54 -31.52 -8.00
CA VAL A 79 7.47 -31.95 -8.87
C VAL A 79 6.18 -31.21 -8.48
N GLU A 80 5.50 -30.64 -9.45
CA GLU A 80 4.27 -29.89 -9.17
C GLU A 80 3.25 -30.00 -10.32
N ALA A 81 2.01 -30.27 -9.97
CA ALA A 81 1.00 -30.66 -10.94
C ALA A 81 0.07 -29.52 -11.34
N SER A 82 -0.06 -28.51 -10.49
CA SER A 82 -0.86 -27.34 -10.87
C SER A 82 -0.03 -26.39 -11.76
N THR A 83 -0.70 -25.34 -12.22
CA THR A 83 -0.05 -24.21 -12.93
C THR A 83 0.90 -23.42 -12.01
N MET A 84 0.88 -23.69 -10.71
CA MET A 84 1.89 -23.19 -9.78
C MET A 84 3.32 -23.57 -10.19
N ALA A 85 3.51 -24.64 -10.96
CA ALA A 85 4.86 -25.02 -11.41
C ALA A 85 5.56 -23.90 -12.17
N GLN A 86 4.83 -23.14 -12.99
CA GLN A 86 5.41 -22.07 -13.81
C GLN A 86 5.89 -20.92 -12.89
N HIS A 87 5.13 -20.62 -11.83
CA HIS A 87 5.50 -19.63 -10.84
C HIS A 87 6.72 -20.09 -10.04
N ALA A 88 6.78 -21.37 -9.65
CA ALA A 88 7.98 -21.91 -9.00
C ALA A 88 9.20 -21.71 -9.89
N GLU A 89 9.07 -21.95 -11.20
CA GLU A 89 10.24 -21.84 -12.09
C GLU A 89 10.74 -20.38 -12.06
N VAL A 90 9.83 -19.42 -12.12
CA VAL A 90 10.18 -18.02 -12.00
C VAL A 90 10.96 -17.77 -10.70
N LEU A 91 10.52 -18.29 -9.58
CA LEU A 91 11.24 -18.07 -8.33
C LEU A 91 12.61 -18.73 -8.35
N VAL A 92 12.74 -19.89 -8.98
CA VAL A 92 14.04 -20.54 -8.97
C VAL A 92 15.04 -19.70 -9.76
N LYS A 93 14.62 -19.09 -10.88
CA LYS A 93 15.47 -18.23 -11.69
C LYS A 93 15.85 -16.96 -10.91
N SER A 94 14.88 -16.28 -10.30
CA SER A 94 15.14 -15.04 -9.65
C SER A 94 15.87 -15.23 -8.32
N ASN A 95 15.93 -16.42 -7.72
CA ASN A 95 16.81 -16.65 -6.57
C ASN A 95 18.09 -17.37 -6.99
N ASN A 96 18.41 -17.41 -8.29
CA ASN A 96 19.70 -17.93 -8.85
C ASN A 96 19.96 -19.38 -8.43
N LEU A 97 18.96 -20.26 -8.54
CA LEU A 97 19.15 -21.63 -8.17
C LEU A 97 18.79 -22.59 -9.29
N THR A 98 18.88 -22.19 -10.56
CA THR A 98 18.64 -23.15 -11.68
C THR A 98 19.70 -24.28 -11.74
N ASP A 99 20.89 -24.03 -11.23
CA ASP A 99 21.92 -25.09 -11.10
C ASP A 99 21.53 -26.19 -10.08
N ARG A 100 20.58 -25.91 -9.19
CA ARG A 100 20.31 -26.83 -8.04
C ARG A 100 18.84 -27.28 -7.93
N ILE A 101 17.88 -26.49 -8.42
CA ILE A 101 16.49 -26.83 -8.37
C ILE A 101 15.96 -26.97 -9.79
N VAL A 102 15.42 -28.15 -10.07
CA VAL A 102 14.78 -28.40 -11.33
C VAL A 102 13.30 -28.62 -11.08
N VAL A 103 12.49 -27.74 -11.63
CA VAL A 103 11.06 -27.88 -11.49
C VAL A 103 10.58 -28.82 -12.60
N ILE A 104 9.84 -29.85 -12.21
CA ILE A 104 9.25 -30.79 -13.16
C ILE A 104 7.74 -30.67 -13.12
N PRO A 105 7.09 -30.16 -14.18
CA PRO A 105 5.63 -30.05 -14.16
C PRO A 105 4.99 -31.42 -14.41
N GLY A 106 3.97 -31.76 -13.65
CA GLY A 106 3.18 -32.96 -13.82
C GLY A 106 2.89 -33.64 -12.50
N LYS A 107 2.18 -34.77 -12.54
CA LYS A 107 1.86 -35.51 -11.33
C LYS A 107 3.00 -36.51 -11.09
N VAL A 108 3.33 -36.76 -9.82
CA VAL A 108 4.49 -37.55 -9.47
C VAL A 108 4.33 -39.00 -9.92
N GLU A 109 3.08 -39.41 -10.13
CA GLU A 109 2.74 -40.72 -10.68
C GLU A 109 2.97 -40.82 -12.21
N GLU A 110 3.30 -39.72 -12.90
CA GLU A 110 3.36 -39.72 -14.38
C GLU A 110 4.65 -39.14 -14.92
N VAL A 111 5.37 -38.34 -14.15
CA VAL A 111 6.61 -37.75 -14.61
C VAL A 111 7.74 -38.77 -14.54
N SER A 112 8.89 -38.40 -15.10
CA SER A 112 10.11 -39.18 -15.08
C SER A 112 11.21 -38.36 -14.37
N LEU A 113 11.87 -38.95 -13.39
CA LEU A 113 13.07 -38.33 -12.83
C LEU A 113 14.31 -38.97 -13.43
N PRO A 114 15.36 -38.19 -13.71
CA PRO A 114 16.60 -38.76 -14.19
C PRO A 114 17.33 -39.71 -13.23
N GLU A 115 17.16 -39.57 -11.91
CA GLU A 115 17.95 -40.39 -10.98
C GLU A 115 17.14 -40.65 -9.72
N GLN A 116 17.62 -41.59 -8.93
CA GLN A 116 17.06 -41.91 -7.64
C GLN A 116 17.54 -40.86 -6.63
N VAL A 117 16.74 -40.66 -5.56
CA VAL A 117 17.00 -39.60 -4.62
C VAL A 117 17.31 -40.12 -3.20
N ASP A 118 17.98 -39.30 -2.40
CA ASP A 118 18.45 -39.66 -1.09
C ASP A 118 17.33 -39.44 -0.07
N ILE A 119 16.43 -38.51 -0.38
CA ILE A 119 15.38 -38.13 0.55
C ILE A 119 14.22 -37.46 -0.16
N ILE A 120 13.01 -37.74 0.35
CA ILE A 120 11.81 -37.15 -0.18
C ILE A 120 11.22 -36.18 0.85
N ILE A 121 10.77 -35.01 0.38
CA ILE A 121 10.12 -34.03 1.26
C ILE A 121 8.78 -33.60 0.68
N SER A 122 7.79 -33.37 1.54
CA SER A 122 6.48 -32.98 1.10
C SER A 122 5.67 -32.49 2.29
N GLU A 123 4.56 -31.79 2.01
CA GLU A 123 3.53 -31.45 2.96
C GLU A 123 2.25 -32.12 2.48
N PRO A 124 2.11 -33.44 2.69
CA PRO A 124 0.93 -34.12 2.17
C PRO A 124 -0.29 -34.13 3.11
N MET A 125 -0.19 -33.58 4.32
CA MET A 125 -1.24 -33.70 5.30
C MET A 125 -2.37 -32.75 4.94
N GLY A 126 -3.62 -33.28 5.00
CA GLY A 126 -4.86 -32.50 4.91
C GLY A 126 -5.60 -32.48 6.22
N TYR A 127 -6.84 -31.98 6.23
CA TYR A 127 -7.66 -32.09 7.41
C TYR A 127 -7.65 -33.53 7.87
N MET A 128 -7.50 -33.74 9.19
CA MET A 128 -7.57 -35.11 9.74
C MET A 128 -6.42 -35.96 9.19
N LEU A 129 -5.36 -35.32 8.65
CA LEU A 129 -4.18 -35.96 8.04
C LEU A 129 -4.47 -36.45 6.63
N PHE A 130 -5.59 -37.16 6.42
CA PHE A 130 -5.75 -37.99 5.26
C PHE A 130 -6.52 -37.30 4.13
N ASN A 131 -7.27 -36.24 4.41
CA ASN A 131 -8.08 -35.58 3.40
C ASN A 131 -7.22 -35.08 2.25
N GLU A 132 -7.77 -35.11 1.04
CA GLU A 132 -7.11 -34.78 -0.28
C GLU A 132 -6.29 -35.95 -0.86
N ARG A 133 -6.04 -36.98 -0.03
CA ARG A 133 -5.39 -38.24 -0.42
C ARG A 133 -4.02 -37.99 -1.03
N MET A 134 -3.33 -36.97 -0.54
CA MET A 134 -2.05 -36.69 -1.07
C MET A 134 -0.99 -37.63 -0.45
N LEU A 135 -1.31 -38.31 0.64
CA LEU A 135 -0.40 -39.29 1.20
C LEU A 135 -0.12 -40.42 0.21
N GLU A 136 -1.10 -40.72 -0.63
CA GLU A 136 -0.88 -41.73 -1.63
C GLU A 136 0.19 -41.28 -2.62
N SER A 137 0.21 -40.01 -3.01
CA SER A 137 1.25 -39.57 -3.98
C SER A 137 2.60 -39.57 -3.28
N TYR A 138 2.62 -39.11 -2.04
CA TYR A 138 3.82 -39.12 -1.28
C TYR A 138 4.38 -40.53 -1.20
N LEU A 139 3.56 -41.52 -0.89
CA LEU A 139 4.04 -42.92 -0.76
C LEU A 139 4.43 -43.52 -2.13
N HIS A 140 3.65 -43.24 -3.17
CA HIS A 140 3.98 -43.61 -4.53
C HIS A 140 5.39 -43.18 -4.94
N ALA A 141 5.77 -41.96 -4.55
CA ALA A 141 7.10 -41.44 -4.85
C ALA A 141 8.23 -42.25 -4.21
N LYS A 142 7.95 -43.24 -3.35
CA LYS A 142 9.04 -44.06 -2.81
C LYS A 142 9.73 -44.90 -3.89
N LYS A 143 9.06 -45.04 -5.04
CA LYS A 143 9.66 -45.67 -6.19
C LYS A 143 10.93 -44.95 -6.64
N TYR A 144 11.10 -43.65 -6.39
CA TYR A 144 12.34 -42.95 -6.75
C TYR A 144 13.33 -42.89 -5.59
N LEU A 145 13.03 -43.54 -4.47
CA LEU A 145 13.90 -43.37 -3.33
C LEU A 145 15.00 -44.43 -3.32
N LYS A 146 16.24 -44.00 -3.16
CA LYS A 146 17.34 -44.95 -2.96
C LYS A 146 17.04 -45.84 -1.75
N PRO A 147 17.57 -47.08 -1.75
CA PRO A 147 17.46 -47.93 -0.57
C PRO A 147 18.12 -47.25 0.64
N SER A 148 17.46 -47.32 1.80
CA SER A 148 17.91 -46.61 3.02
C SER A 148 17.77 -45.08 2.92
N GLY A 149 17.01 -44.58 1.96
CA GLY A 149 16.66 -43.15 1.92
C GLY A 149 15.65 -42.74 2.98
N ASN A 150 15.56 -41.45 3.27
CA ASN A 150 14.68 -40.93 4.31
C ASN A 150 13.46 -40.26 3.65
N MET A 151 12.44 -40.03 4.47
CA MET A 151 11.28 -39.22 4.11
C MET A 151 11.01 -38.17 5.19
N PHE A 152 10.66 -36.95 4.77
CA PHE A 152 10.27 -35.82 5.63
C PHE A 152 8.89 -35.31 5.19
N PRO A 153 7.83 -35.53 5.97
CA PRO A 153 7.81 -36.16 7.29
C PRO A 153 7.96 -37.67 7.20
N THR A 154 8.34 -38.25 8.32
CA THR A 154 8.71 -39.64 8.42
C THR A 154 7.56 -40.48 8.98
N ILE A 155 6.88 -39.97 10.01
CA ILE A 155 5.71 -40.62 10.59
C ILE A 155 4.58 -39.60 10.79
N GLY A 156 3.34 -40.12 10.81
CA GLY A 156 2.12 -39.36 11.04
C GLY A 156 1.26 -40.05 12.06
N ASP A 157 0.75 -39.32 13.05
CA ASP A 157 -0.13 -39.87 14.07
C ASP A 157 -1.46 -39.14 13.95
N VAL A 158 -2.56 -39.85 13.73
CA VAL A 158 -3.87 -39.32 13.95
C VAL A 158 -4.30 -39.56 15.38
N HIS A 159 -4.83 -38.53 16.03
CA HIS A 159 -5.41 -38.64 17.38
C HIS A 159 -6.94 -38.44 17.32
N LEU A 160 -7.68 -39.23 18.07
CA LEU A 160 -9.08 -39.19 18.24
C LEU A 160 -9.38 -39.07 19.74
N ALA A 161 -10.43 -38.34 20.08
CA ALA A 161 -10.92 -38.31 21.44
C ALA A 161 -12.38 -37.90 21.46
N PRO A 162 -13.15 -38.46 22.39
CA PRO A 162 -14.55 -38.11 22.51
C PRO A 162 -14.70 -36.74 23.15
N PHE A 163 -15.73 -35.99 22.73
CA PHE A 163 -15.96 -34.66 23.25
C PHE A 163 -17.45 -34.42 23.58
N THR A 164 -17.68 -33.39 24.40
CA THR A 164 -18.99 -32.88 24.76
C THR A 164 -19.11 -31.41 24.35
N ASP A 165 -20.09 -31.10 23.50
CA ASP A 165 -20.34 -29.75 23.11
C ASP A 165 -21.80 -29.60 22.76
N GLU A 166 -22.60 -29.30 23.76
CA GLU A 166 -24.00 -29.25 23.66
C GLU A 166 -24.43 -28.19 22.65
N GLN A 167 -23.75 -27.04 22.61
CA GLN A 167 -24.17 -25.93 21.78
C GLN A 167 -23.95 -26.24 20.29
N LEU A 168 -22.86 -26.95 19.97
CA LEU A 168 -22.62 -27.39 18.60
C LEU A 168 -23.67 -28.38 18.18
N TYR A 169 -23.93 -29.37 19.01
CA TYR A 169 -24.93 -30.35 18.70
C TYR A 169 -26.28 -29.68 18.44
N MET A 170 -26.63 -28.68 19.26
CA MET A 170 -27.96 -28.07 19.17
C MET A 170 -28.05 -27.14 17.96
N GLU A 171 -26.97 -26.44 17.61
CA GLU A 171 -26.96 -25.61 16.42
C GLU A 171 -27.45 -26.40 15.19
N GLN A 172 -27.21 -27.71 15.12
CA GLN A 172 -27.56 -28.49 13.96
C GLN A 172 -29.09 -28.59 13.81
N PHE A 173 -29.79 -28.80 14.93
CA PHE A 173 -31.21 -28.87 14.84
C PHE A 173 -31.80 -27.50 14.72
N THR A 174 -31.18 -26.48 15.23
CA THR A 174 -31.69 -25.14 15.04
C THR A 174 -31.71 -24.80 13.55
N LYS A 175 -30.60 -25.11 12.83
CA LYS A 175 -30.52 -24.76 11.44
C LYS A 175 -31.58 -25.55 10.68
N ALA A 176 -31.74 -26.81 11.04
CA ALA A 176 -32.61 -27.71 10.33
C ALA A 176 -34.07 -27.38 10.57
N ASN A 177 -34.38 -26.73 11.70
CA ASN A 177 -35.76 -26.51 12.03
C ASN A 177 -36.32 -25.37 11.17
N PHE A 178 -35.49 -24.73 10.35
CA PHE A 178 -36.03 -23.86 9.34
C PHE A 178 -37.09 -24.58 8.50
N TRP A 179 -36.91 -25.88 8.31
CA TRP A 179 -37.81 -26.67 7.51
C TRP A 179 -39.10 -27.05 8.27
N TYR A 180 -39.20 -26.84 9.60
CA TYR A 180 -40.33 -27.34 10.39
C TYR A 180 -41.28 -26.18 10.57
N GLN A 181 -41.94 -25.90 9.47
CA GLN A 181 -42.66 -24.65 9.26
C GLN A 181 -43.85 -24.94 8.38
N PRO A 182 -45.08 -24.92 8.89
CA PRO A 182 -46.22 -25.36 8.08
C PRO A 182 -46.64 -24.37 7.00
N SER A 183 -46.15 -23.13 7.04
CA SER A 183 -46.61 -22.21 6.04
C SER A 183 -45.56 -21.11 5.83
N PHE A 184 -44.50 -21.50 5.11
CA PHE A 184 -43.50 -20.63 4.59
C PHE A 184 -44.02 -20.06 3.27
N HIS A 185 -44.46 -18.82 3.31
CA HIS A 185 -45.11 -18.19 2.18
C HIS A 185 -46.22 -19.09 1.61
N GLY A 186 -46.96 -19.74 2.48
CA GLY A 186 -48.07 -20.58 2.10
C GLY A 186 -47.66 -22.01 1.78
N VAL A 187 -46.42 -22.43 2.03
CA VAL A 187 -45.98 -23.78 1.71
C VAL A 187 -45.48 -24.51 2.95
N ASP A 188 -45.85 -25.77 3.08
CA ASP A 188 -45.45 -26.54 4.19
C ASP A 188 -44.10 -27.22 3.87
N LEU A 189 -43.07 -26.86 4.61
CA LEU A 189 -41.75 -27.41 4.36
C LEU A 189 -41.39 -28.64 5.21
N SER A 190 -42.25 -28.99 6.17
CA SER A 190 -41.83 -29.82 7.32
C SER A 190 -41.31 -31.21 6.94
N ALA A 191 -41.76 -31.73 5.81
CA ALA A 191 -41.43 -33.05 5.33
C ALA A 191 -39.96 -33.17 4.99
N LEU A 192 -39.21 -32.04 4.82
CA LEU A 192 -37.81 -32.07 4.50
C LEU A 192 -36.93 -31.91 5.76
N ARG A 193 -37.53 -31.77 6.94
CA ARG A 193 -36.73 -31.55 8.10
C ARG A 193 -35.73 -32.71 8.35
N GLY A 194 -36.17 -33.95 8.19
CA GLY A 194 -35.35 -35.10 8.41
C GLY A 194 -34.17 -35.10 7.48
N ALA A 195 -34.39 -34.78 6.20
CA ALA A 195 -33.33 -34.76 5.24
C ALA A 195 -32.32 -33.64 5.59
N ALA A 196 -32.80 -32.51 6.09
CA ALA A 196 -31.91 -31.44 6.45
C ALA A 196 -31.06 -31.82 7.66
N VAL A 197 -31.64 -32.45 8.68
CA VAL A 197 -30.82 -32.92 9.82
C VAL A 197 -29.74 -33.88 9.31
N ASP A 198 -30.12 -34.81 8.43
CA ASP A 198 -29.15 -35.78 7.93
C ASP A 198 -27.99 -35.08 7.27
N GLU A 199 -28.30 -34.09 6.42
CA GLU A 199 -27.28 -33.37 5.66
C GLU A 199 -26.34 -32.66 6.62
N TYR A 200 -26.84 -32.03 7.69
CA TYR A 200 -25.93 -31.32 8.58
C TYR A 200 -24.98 -32.27 9.32
N PHE A 201 -25.47 -33.43 9.72
CA PHE A 201 -24.68 -34.37 10.49
C PHE A 201 -23.63 -35.15 9.64
N ARG A 202 -23.81 -35.24 8.34
CA ARG A 202 -22.81 -35.80 7.45
C ARG A 202 -21.58 -34.87 7.34
N GLN A 203 -21.67 -33.61 7.80
CA GLN A 203 -20.52 -32.75 7.59
C GLN A 203 -19.62 -32.69 8.81
N PRO A 204 -18.31 -33.00 8.71
CA PRO A 204 -17.42 -32.74 9.83
C PRO A 204 -17.19 -31.24 10.02
N VAL A 205 -16.97 -30.85 11.24
CA VAL A 205 -16.81 -29.49 11.61
C VAL A 205 -15.34 -29.17 11.82
N VAL A 206 -14.88 -28.19 11.06
CA VAL A 206 -13.53 -27.77 11.14
C VAL A 206 -13.50 -26.47 11.89
N ASP A 207 -12.86 -26.49 13.05
CA ASP A 207 -12.58 -25.30 13.85
C ASP A 207 -11.81 -25.75 15.08
N THR A 208 -11.52 -24.82 15.97
CA THR A 208 -10.71 -25.11 17.13
C THR A 208 -11.67 -25.17 18.31
N PHE A 209 -11.15 -25.49 19.50
CA PHE A 209 -12.01 -25.68 20.64
C PHE A 209 -11.16 -25.73 21.91
N ASP A 210 -11.78 -25.46 23.05
CA ASP A 210 -11.11 -25.55 24.32
C ASP A 210 -10.94 -27.04 24.68
N ILE A 211 -9.75 -27.45 25.15
CA ILE A 211 -9.53 -28.84 25.58
C ILE A 211 -10.41 -29.28 26.75
N ARG A 212 -11.10 -28.36 27.39
CA ARG A 212 -12.00 -28.69 28.50
C ARG A 212 -13.14 -29.59 27.97
N ILE A 213 -13.45 -29.53 26.69
CA ILE A 213 -14.54 -30.37 26.14
C ILE A 213 -14.14 -31.86 26.00
N LEU A 214 -12.85 -32.21 26.02
CA LEU A 214 -12.46 -33.57 25.74
C LEU A 214 -12.66 -34.42 26.98
N MET A 215 -13.16 -35.63 26.81
CA MET A 215 -13.63 -36.40 27.92
C MET A 215 -12.78 -37.65 28.17
N ALA A 216 -11.70 -37.82 27.42
CA ALA A 216 -10.81 -38.97 27.64
C ALA A 216 -9.48 -38.70 26.99
N LYS A 217 -8.44 -39.35 27.51
CA LYS A 217 -7.17 -39.42 26.86
C LYS A 217 -7.39 -39.87 25.41
N SER A 218 -6.68 -39.24 24.47
CA SER A 218 -6.83 -39.55 23.05
C SER A 218 -6.25 -40.92 22.73
N VAL A 219 -6.67 -41.47 21.59
CA VAL A 219 -6.14 -42.70 21.04
C VAL A 219 -5.41 -42.31 19.77
N LYS A 220 -4.33 -43.02 19.48
CA LYS A 220 -3.39 -42.73 18.42
C LYS A 220 -3.49 -43.76 17.33
N TYR A 221 -3.43 -43.35 16.08
CA TYR A 221 -3.22 -44.26 14.96
C TYR A 221 -2.02 -43.77 14.16
N THR A 222 -1.04 -44.64 13.98
CA THR A 222 0.24 -44.28 13.42
C THR A 222 0.43 -44.85 12.03
N VAL A 223 0.79 -44.00 11.08
CA VAL A 223 1.29 -44.40 9.79
C VAL A 223 2.81 -44.16 9.74
N ASN A 224 3.60 -45.19 9.44
CA ASN A 224 5.04 -45.04 9.26
C ASN A 224 5.33 -44.88 7.77
N PHE A 225 5.70 -43.69 7.29
CA PHE A 225 5.70 -43.47 5.83
C PHE A 225 6.85 -44.21 5.15
N LEU A 226 7.92 -44.55 5.87
CA LEU A 226 9.00 -45.40 5.33
C LEU A 226 8.52 -46.82 4.97
N GLU A 227 7.55 -47.37 5.71
CA GLU A 227 7.08 -48.74 5.52
C GLU A 227 5.74 -48.82 4.76
N ALA A 228 4.90 -47.79 4.80
CA ALA A 228 3.53 -47.90 4.25
C ALA A 228 3.52 -47.97 2.70
N LYS A 229 2.56 -48.75 2.18
CA LYS A 229 2.29 -48.91 0.77
C LYS A 229 1.06 -48.07 0.48
N GLU A 230 0.90 -47.63 -0.79
CA GLU A 230 -0.29 -46.88 -1.21
C GLU A 230 -1.60 -47.55 -0.76
N GLY A 231 -1.68 -48.87 -0.88
CA GLY A 231 -2.90 -49.61 -0.56
C GLY A 231 -3.32 -49.58 0.90
N ASP A 232 -2.40 -49.29 1.82
CA ASP A 232 -2.73 -49.23 3.25
C ASP A 232 -3.69 -48.07 3.54
N LEU A 233 -3.81 -47.10 2.65
CA LEU A 233 -4.60 -45.93 2.90
C LEU A 233 -5.95 -45.95 2.20
N HIS A 234 -6.33 -47.02 1.51
CA HIS A 234 -7.65 -47.10 0.92
C HIS A 234 -8.72 -47.38 1.99
N ARG A 235 -8.34 -48.06 3.05
CA ARG A 235 -9.22 -48.48 4.05
C ARG A 235 -8.47 -48.39 5.34
N ILE A 236 -8.86 -47.45 6.20
CA ILE A 236 -8.18 -47.22 7.43
C ILE A 236 -9.13 -47.48 8.57
N GLU A 237 -8.83 -48.50 9.37
CA GLU A 237 -9.65 -48.97 10.48
C GLU A 237 -8.95 -48.53 11.76
N ILE A 238 -9.65 -47.74 12.58
CA ILE A 238 -9.10 -47.21 13.78
C ILE A 238 -9.93 -47.69 14.93
N PRO A 239 -9.52 -48.76 15.64
CA PRO A 239 -10.32 -49.24 16.76
C PRO A 239 -10.03 -48.29 17.92
N PHE A 240 -11.01 -48.08 18.80
CA PHE A 240 -10.77 -47.26 19.96
C PHE A 240 -11.52 -47.78 21.16
N LYS A 241 -10.92 -47.52 22.32
CA LYS A 241 -11.44 -47.94 23.63
C LYS A 241 -11.09 -46.84 24.62
N PHE A 242 -12.00 -45.87 24.81
CA PHE A 242 -11.72 -44.75 25.69
C PHE A 242 -12.15 -45.07 27.12
N HIS A 243 -11.30 -44.66 28.08
CA HIS A 243 -11.62 -44.70 29.49
C HIS A 243 -12.01 -43.28 29.93
N MET A 244 -13.30 -43.08 30.19
CA MET A 244 -13.84 -41.73 30.34
C MET A 244 -13.30 -41.13 31.64
N LEU A 245 -12.80 -39.90 31.57
CA LEU A 245 -12.31 -39.16 32.73
C LEU A 245 -13.38 -38.22 33.29
N HIS A 246 -14.44 -37.94 32.52
CA HIS A 246 -15.51 -37.03 32.91
C HIS A 246 -16.83 -37.69 32.52
N SER A 247 -17.86 -37.51 33.34
CA SER A 247 -19.20 -37.92 33.04
C SER A 247 -19.87 -36.83 32.22
N GLY A 248 -20.77 -37.21 31.33
CA GLY A 248 -21.48 -36.29 30.52
C GLY A 248 -22.01 -36.97 29.27
N LEU A 249 -22.71 -36.22 28.43
CA LEU A 249 -23.06 -36.65 27.13
C LEU A 249 -21.87 -36.47 26.18
N VAL A 250 -21.54 -37.54 25.46
CA VAL A 250 -20.56 -37.54 24.42
C VAL A 250 -21.26 -37.21 23.12
N HIS A 251 -20.90 -36.10 22.48
CA HIS A 251 -21.56 -35.69 21.25
C HIS A 251 -20.83 -36.11 19.98
N GLY A 252 -19.58 -36.56 20.08
CA GLY A 252 -18.87 -37.08 18.95
C GLY A 252 -17.40 -37.27 19.23
N LEU A 253 -16.62 -37.30 18.14
CA LEU A 253 -15.19 -37.50 18.26
C LEU A 253 -14.44 -36.34 17.62
N ALA A 254 -13.34 -35.95 18.25
CA ALA A 254 -12.46 -34.94 17.76
C ALA A 254 -11.20 -35.61 17.19
N PHE A 255 -10.71 -35.07 16.07
CA PHE A 255 -9.53 -35.55 15.44
C PHE A 255 -8.51 -34.43 15.30
N TRP A 256 -7.25 -34.79 15.47
CA TRP A 256 -6.16 -33.95 15.12
C TRP A 256 -4.98 -34.82 14.73
N PHE A 257 -3.86 -34.24 14.29
CA PHE A 257 -2.72 -35.08 13.91
C PHE A 257 -1.37 -34.45 14.21
N ASP A 258 -0.36 -35.29 14.31
CA ASP A 258 1.01 -34.93 14.54
C ASP A 258 1.86 -35.58 13.44
N VAL A 259 2.87 -34.89 12.91
CA VAL A 259 3.87 -35.59 12.10
C VAL A 259 5.23 -35.35 12.70
N ALA A 260 6.14 -36.29 12.46
CA ALA A 260 7.51 -36.17 12.96
C ALA A 260 8.50 -36.23 11.79
N PHE A 261 9.47 -35.33 11.82
CA PHE A 261 10.57 -35.36 10.91
C PHE A 261 11.77 -35.97 11.64
N ILE A 262 12.05 -37.25 11.38
CA ILE A 262 13.08 -37.99 12.10
C ILE A 262 14.37 -37.91 11.28
N GLY A 263 15.22 -36.93 11.58
CA GLY A 263 16.52 -36.80 10.98
C GLY A 263 17.61 -37.51 11.75
N SER A 264 18.83 -37.46 11.24
CA SER A 264 20.02 -37.99 11.89
C SER A 264 20.41 -37.17 13.13
N ILE A 265 20.29 -35.83 13.06
CA ILE A 265 20.67 -34.98 14.17
C ILE A 265 19.53 -34.88 15.16
N MET A 266 18.31 -34.66 14.71
CA MET A 266 17.21 -34.56 15.68
C MET A 266 15.84 -34.82 15.04
N THR A 267 14.88 -35.10 15.92
CA THR A 267 13.52 -35.29 15.56
C THR A 267 12.78 -33.97 15.82
N VAL A 268 12.04 -33.46 14.84
CA VAL A 268 11.20 -32.31 15.01
C VAL A 268 9.76 -32.71 14.80
N TRP A 269 8.85 -32.22 15.63
CA TRP A 269 7.39 -32.50 15.56
C TRP A 269 6.63 -31.30 15.03
N LEU A 270 5.60 -31.57 14.23
CA LEU A 270 4.63 -30.58 13.86
C LEU A 270 3.30 -31.10 14.33
N SER A 271 2.70 -30.42 15.31
CA SER A 271 1.46 -30.89 15.94
C SER A 271 0.31 -29.93 15.65
N THR A 272 -0.89 -30.48 15.41
CA THR A 272 -2.06 -29.69 15.28
C THR A 272 -3.00 -29.93 16.44
N ALA A 273 -2.48 -30.48 17.51
CA ALA A 273 -3.26 -30.72 18.73
C ALA A 273 -3.95 -29.43 19.19
N PRO A 274 -5.07 -29.52 19.93
CA PRO A 274 -5.71 -28.33 20.47
C PRO A 274 -4.98 -27.73 21.70
N THR A 275 -4.07 -28.49 22.31
CA THR A 275 -3.14 -27.95 23.33
C THR A 275 -2.03 -27.07 22.75
N GLU A 276 -1.84 -27.07 21.41
CA GLU A 276 -0.73 -26.40 20.73
C GLU A 276 -1.22 -25.17 19.99
N PRO A 277 -0.35 -24.23 19.58
CA PRO A 277 -0.85 -23.07 18.86
C PRO A 277 -1.50 -23.48 17.53
N LEU A 278 -2.49 -22.69 17.17
CA LEU A 278 -3.33 -22.92 16.04
C LEU A 278 -2.54 -22.91 14.72
N THR A 279 -2.97 -23.76 13.80
CA THR A 279 -2.48 -23.88 12.45
C THR A 279 -3.68 -23.81 11.51
N HIS A 280 -3.42 -23.72 10.22
N HIS A 280 -3.41 -23.71 10.20
CA HIS A 280 -4.50 -23.58 9.29
CA HIS A 280 -4.45 -23.62 9.21
C HIS A 280 -5.24 -24.93 9.08
C HIS A 280 -5.24 -24.93 9.08
N TRP A 281 -4.82 -26.00 9.77
CA TRP A 281 -5.54 -27.30 9.79
C TRP A 281 -6.61 -27.38 10.90
N TYR A 282 -6.56 -26.45 11.83
CA TYR A 282 -7.42 -26.46 13.01
C TYR A 282 -7.49 -27.85 13.61
N GLN A 283 -8.70 -28.27 14.00
CA GLN A 283 -9.06 -29.59 14.36
C GLN A 283 -10.40 -29.92 13.70
N VAL A 284 -10.80 -31.19 13.81
CA VAL A 284 -11.98 -31.66 13.14
C VAL A 284 -12.83 -32.45 14.12
N ARG A 285 -14.13 -32.23 14.03
CA ARG A 285 -15.09 -32.90 14.91
C ARG A 285 -16.21 -33.53 14.11
N CYS A 286 -16.54 -34.77 14.43
CA CYS A 286 -17.58 -35.52 13.81
C CYS A 286 -18.64 -35.79 14.85
N LEU A 287 -19.81 -35.15 14.70
CA LEU A 287 -20.90 -35.35 15.62
C LEU A 287 -21.56 -36.72 15.43
N PHE A 288 -22.04 -37.28 16.53
CA PHE A 288 -22.94 -38.40 16.50
C PHE A 288 -24.37 -37.87 16.41
N GLN A 289 -25.26 -38.54 15.66
CA GLN A 289 -26.60 -37.95 15.57
C GLN A 289 -27.34 -38.25 16.88
N SER A 290 -27.01 -39.37 17.56
CA SER A 290 -27.56 -39.52 18.89
C SER A 290 -26.42 -39.57 19.90
N PRO A 291 -26.37 -38.60 20.85
CA PRO A 291 -25.26 -38.54 21.79
C PRO A 291 -25.36 -39.67 22.82
N LEU A 292 -24.27 -40.05 23.45
CA LEU A 292 -24.26 -41.16 24.36
C LEU A 292 -23.94 -40.66 25.75
N PHE A 293 -24.64 -41.16 26.76
CA PHE A 293 -24.31 -40.86 28.14
C PHE A 293 -23.22 -41.82 28.65
N ALA A 294 -22.15 -41.26 29.20
CA ALA A 294 -21.07 -42.03 29.83
C ALA A 294 -20.72 -41.44 31.21
N LYS A 295 -20.55 -42.31 32.19
CA LYS A 295 -20.13 -41.97 33.53
C LYS A 295 -18.61 -42.07 33.54
N ALA A 296 -17.95 -41.19 34.27
CA ALA A 296 -16.51 -41.32 34.47
C ALA A 296 -16.21 -42.74 34.95
N GLY A 297 -15.14 -43.35 34.40
CA GLY A 297 -14.77 -44.75 34.67
C GLY A 297 -15.35 -45.76 33.66
N ASP A 298 -16.42 -45.40 32.94
CA ASP A 298 -16.99 -46.21 31.85
C ASP A 298 -16.07 -46.23 30.62
N THR A 299 -16.35 -47.21 29.74
CA THR A 299 -15.55 -47.45 28.56
C THR A 299 -16.46 -47.19 27.35
N LEU A 300 -16.00 -46.28 26.49
CA LEU A 300 -16.65 -45.99 25.23
C LEU A 300 -15.79 -46.63 24.13
N SER A 301 -16.35 -47.62 23.43
CA SER A 301 -15.57 -48.45 22.49
C SER A 301 -16.22 -48.48 21.10
N GLY A 302 -15.40 -48.77 20.09
CA GLY A 302 -15.90 -48.85 18.76
C GLY A 302 -14.84 -48.65 17.72
N THR A 303 -15.27 -48.18 16.56
CA THR A 303 -14.42 -48.17 15.38
C THR A 303 -14.68 -46.90 14.60
N CYS A 304 -13.58 -46.36 14.10
CA CYS A 304 -13.64 -45.35 13.13
C CYS A 304 -13.07 -45.95 11.84
N LEU A 305 -13.90 -46.04 10.80
CA LEU A 305 -13.50 -46.62 9.53
C LEU A 305 -13.49 -45.58 8.41
N LEU A 306 -12.33 -45.28 7.85
CA LEU A 306 -12.22 -44.37 6.70
C LEU A 306 -12.05 -45.14 5.39
N ILE A 307 -12.96 -44.93 4.45
CA ILE A 307 -12.93 -45.60 3.19
C ILE A 307 -12.71 -44.61 2.05
N ALA A 308 -11.62 -44.76 1.32
CA ALA A 308 -11.26 -43.84 0.23
C ALA A 308 -12.33 -43.88 -0.86
N ASN A 309 -12.63 -42.70 -1.40
CA ASN A 309 -13.54 -42.49 -2.53
C ASN A 309 -12.76 -41.81 -3.67
N LYS A 310 -13.40 -41.76 -4.83
CA LYS A 310 -12.77 -41.22 -6.04
C LYS A 310 -12.83 -39.67 -6.11
N ARG A 311 -13.46 -38.99 -5.13
CA ARG A 311 -13.40 -37.54 -5.04
C ARG A 311 -12.25 -37.06 -4.14
N GLN A 312 -11.17 -37.83 -4.07
CA GLN A 312 -9.95 -37.47 -3.32
C GLN A 312 -10.24 -37.25 -1.85
N SER A 313 -11.17 -38.01 -1.29
CA SER A 313 -11.39 -37.95 0.12
C SER A 313 -11.78 -39.33 0.66
N TYR A 314 -12.53 -39.31 1.75
CA TYR A 314 -12.86 -40.45 2.49
C TYR A 314 -14.31 -40.35 2.96
N ASP A 315 -15.03 -41.47 2.95
CA ASP A 315 -16.26 -41.64 3.70
C ASP A 315 -15.86 -42.14 5.09
N ILE A 316 -16.41 -41.52 6.12
CA ILE A 316 -16.07 -41.86 7.48
C ILE A 316 -17.27 -42.49 8.16
N SER A 317 -17.04 -43.67 8.72
CA SER A 317 -18.04 -44.39 9.46
C SER A 317 -17.59 -44.52 10.92
N ILE A 318 -18.36 -43.98 11.86
CA ILE A 318 -18.00 -44.09 13.26
C ILE A 318 -19.09 -44.85 14.03
N VAL A 319 -18.72 -45.90 14.75
CA VAL A 319 -19.68 -46.60 15.59
C VAL A 319 -19.08 -46.64 16.98
N ALA A 320 -19.89 -46.29 17.97
CA ALA A 320 -19.43 -46.24 19.34
C ALA A 320 -20.48 -46.87 20.23
N GLN A 321 -20.02 -47.46 21.33
CA GLN A 321 -20.94 -47.96 22.27
C GLN A 321 -20.37 -47.74 23.66
N VAL A 322 -21.27 -47.48 24.63
CA VAL A 322 -20.87 -47.47 26.00
C VAL A 322 -21.01 -48.90 26.49
N ASP A 323 -19.95 -49.46 27.06
CA ASP A 323 -19.94 -50.90 27.30
C ASP A 323 -20.83 -51.24 28.48
N GLN A 324 -20.79 -50.41 29.53
CA GLN A 324 -21.54 -50.66 30.77
C GLN A 324 -23.06 -50.61 30.53
N THR A 325 -23.57 -49.72 29.69
CA THR A 325 -25.02 -49.53 29.44
C THR A 325 -25.49 -50.19 28.11
N GLY A 326 -24.60 -50.48 27.17
CA GLY A 326 -25.01 -50.99 25.85
C GLY A 326 -25.65 -49.95 24.93
N SER A 327 -25.51 -48.69 25.25
CA SER A 327 -25.99 -47.58 24.41
C SER A 327 -25.02 -47.42 23.23
N LYS A 328 -25.59 -47.46 22.03
CA LYS A 328 -24.90 -47.48 20.76
C LYS A 328 -25.16 -46.20 19.95
N SER A 329 -24.21 -45.82 19.11
CA SER A 329 -24.42 -44.75 18.17
C SER A 329 -23.53 -44.95 16.95
N SER A 330 -24.03 -44.54 15.77
CA SER A 330 -23.28 -44.59 14.53
C SER A 330 -23.47 -43.28 13.73
N ASN A 331 -22.44 -42.83 13.00
CA ASN A 331 -22.65 -41.84 12.03
C ASN A 331 -21.81 -42.15 10.79
N LEU A 332 -22.24 -41.58 9.67
CA LEU A 332 -21.57 -41.56 8.41
C LEU A 332 -21.27 -40.15 8.02
N LEU A 333 -20.03 -39.85 7.71
CA LEU A 333 -19.67 -38.50 7.36
C LEU A 333 -18.94 -38.47 6.05
N ASP A 334 -19.04 -37.31 5.41
CA ASP A 334 -18.42 -37.07 4.15
C ASP A 334 -17.37 -35.97 4.34
N LEU A 335 -16.11 -36.41 4.38
CA LEU A 335 -14.99 -35.54 4.64
C LEU A 335 -14.69 -34.56 3.48
N LYS A 336 -15.19 -34.80 2.28
CA LYS A 336 -15.01 -33.83 1.16
C LYS A 336 -15.77 -32.51 1.38
N ASN A 337 -16.95 -32.53 2.01
CA ASN A 337 -17.82 -31.35 2.22
C ASN A 337 -17.80 -30.96 3.71
N PRO A 338 -16.68 -30.46 4.28
CA PRO A 338 -16.68 -30.15 5.70
C PRO A 338 -17.37 -28.79 5.97
N PHE A 339 -17.79 -28.57 7.22
CA PHE A 339 -18.34 -27.31 7.62
C PHE A 339 -17.26 -26.47 8.33
N PHE A 340 -16.88 -25.35 7.71
CA PHE A 340 -15.88 -24.44 8.26
CA PHE A 340 -15.86 -24.44 8.28
C PHE A 340 -16.62 -23.49 9.20
N ARG A 341 -16.54 -23.77 10.49
CA ARG A 341 -17.29 -23.06 11.49
C ARG A 341 -16.46 -21.90 12.02
N TYR A 342 -15.14 -22.02 11.96
CA TYR A 342 -14.24 -20.97 12.37
C TYR A 342 -14.31 -19.80 11.39
N SER B 1 30.50 29.00 -19.94
CA SER B 1 29.28 29.19 -20.78
C SER B 1 28.53 30.45 -20.32
N VAL B 2 27.43 30.74 -21.00
CA VAL B 2 26.48 31.77 -20.55
C VAL B 2 25.93 31.39 -19.16
N PHE B 3 25.89 30.10 -18.82
CA PHE B 3 25.29 29.65 -17.54
C PHE B 3 26.28 29.79 -16.36
N SER B 4 27.52 29.30 -16.49
CA SER B 4 28.50 29.41 -15.38
C SER B 4 28.96 30.87 -15.12
N GLU B 5 28.86 31.76 -16.12
CA GLU B 5 29.24 33.19 -15.94
C GLU B 5 28.23 33.90 -15.02
N ARG B 6 26.92 33.60 -15.17
CA ARG B 6 25.87 34.23 -14.35
C ARG B 6 25.56 33.45 -13.05
N THR B 7 26.20 32.29 -12.81
CA THR B 7 25.81 31.39 -11.69
C THR B 7 27.04 30.97 -10.86
N GLU B 8 27.07 31.40 -9.59
CA GLU B 8 27.98 30.84 -8.55
C GLU B 8 27.79 29.31 -8.56
N GLU B 9 28.89 28.55 -8.61
CA GLU B 9 28.80 27.05 -8.75
C GLU B 9 28.12 26.44 -7.52
N SER B 10 28.35 26.97 -6.31
CA SER B 10 27.68 26.56 -5.04
C SER B 10 26.14 26.53 -5.14
N SER B 11 25.57 27.55 -5.80
CA SER B 11 24.11 27.69 -5.99
C SER B 11 23.64 26.67 -7.04
N ALA B 12 24.39 26.47 -8.13
CA ALA B 12 24.10 25.45 -9.18
C ALA B 12 24.06 24.00 -8.61
N VAL B 13 24.98 23.66 -7.70
CA VAL B 13 25.01 22.31 -7.07
C VAL B 13 23.72 22.12 -6.27
N GLN B 14 23.45 23.03 -5.32
CA GLN B 14 22.18 22.97 -4.55
C GLN B 14 20.96 22.90 -5.50
N TYR B 15 20.96 23.67 -6.59
CA TYR B 15 19.81 23.78 -7.50
C TYR B 15 19.51 22.45 -8.20
N PHE B 16 20.53 21.83 -8.78
CA PHE B 16 20.39 20.57 -9.53
C PHE B 16 20.29 19.33 -8.58
N GLN B 17 20.82 19.41 -7.35
CA GLN B 17 20.57 18.35 -6.32
C GLN B 17 19.08 18.34 -5.94
N PHE B 18 18.48 19.53 -5.78
CA PHE B 18 17.06 19.68 -5.44
C PHE B 18 16.16 19.09 -6.54
N TYR B 19 16.50 19.30 -7.81
CA TYR B 19 15.66 18.83 -8.93
C TYR B 19 15.96 17.38 -9.35
N GLY B 20 17.03 16.79 -8.79
CA GLY B 20 17.36 15.39 -9.01
C GLY B 20 16.51 14.40 -8.22
N TYR B 21 15.67 14.86 -7.29
CA TYR B 21 14.82 13.99 -6.52
C TYR B 21 13.50 13.74 -7.26
N LEU B 22 13.13 12.47 -7.32
CA LEU B 22 11.83 12.07 -7.87
C LEU B 22 10.68 12.68 -7.06
N SER B 23 10.84 12.80 -5.76
CA SER B 23 9.80 13.38 -4.95
C SER B 23 9.48 14.81 -5.39
N GLN B 24 10.49 15.60 -5.78
CA GLN B 24 10.21 16.94 -6.26
C GLN B 24 9.49 16.88 -7.61
N GLN B 25 9.91 15.98 -8.47
CA GLN B 25 9.23 15.79 -9.73
C GLN B 25 7.76 15.44 -9.50
N GLN B 26 7.50 14.56 -8.55
CA GLN B 26 6.18 14.09 -8.25
C GLN B 26 5.32 15.24 -7.78
N ASN B 27 5.85 16.04 -6.86
CA ASN B 27 5.15 17.18 -6.31
CA ASN B 27 5.16 17.20 -6.30
C ASN B 27 4.69 18.08 -7.47
N MET B 28 5.52 18.25 -8.49
CA MET B 28 5.13 19.12 -9.61
C MET B 28 4.11 18.43 -10.53
N MET B 29 4.25 17.14 -10.77
CA MET B 29 3.34 16.38 -11.60
C MET B 29 1.93 16.27 -10.98
N GLN B 30 1.83 16.22 -9.66
CA GLN B 30 0.56 16.07 -8.95
C GLN B 30 -0.22 17.38 -8.91
N ASP B 31 0.38 18.50 -9.30
CA ASP B 31 -0.35 19.75 -9.48
C ASP B 31 -1.17 19.62 -10.76
N TYR B 32 -2.46 19.35 -10.60
CA TYR B 32 -3.31 19.07 -11.74
C TYR B 32 -3.43 20.32 -12.61
N VAL B 33 -3.46 21.51 -12.02
CA VAL B 33 -3.60 22.68 -12.87
C VAL B 33 -2.40 22.79 -13.83
N ARG B 34 -1.18 22.69 -13.27
CA ARG B 34 0.06 22.77 -14.07
C ARG B 34 -0.02 21.72 -15.18
N THR B 35 -0.10 20.46 -14.77
CA THR B 35 0.11 19.36 -15.70
C THR B 35 -0.99 19.28 -16.74
N GLY B 36 -2.23 19.48 -16.30
CA GLY B 36 -3.38 19.43 -17.12
C GLY B 36 -3.37 20.53 -18.13
N THR B 37 -2.98 21.72 -17.72
CA THR B 37 -2.98 22.89 -18.63
C THR B 37 -1.90 22.72 -19.72
N TYR B 38 -0.69 22.26 -19.35
CA TYR B 38 0.33 21.95 -20.35
C TYR B 38 -0.19 20.91 -21.35
N GLN B 39 -0.82 19.83 -20.86
CA GLN B 39 -1.29 18.79 -21.76
C GLN B 39 -2.35 19.33 -22.70
N ARG B 40 -3.24 20.13 -22.15
CA ARG B 40 -4.32 20.72 -22.91
C ARG B 40 -3.75 21.65 -23.97
N ALA B 41 -2.78 22.49 -23.61
CA ALA B 41 -2.24 23.45 -24.55
C ALA B 41 -1.60 22.71 -25.73
N ILE B 42 -0.87 21.64 -25.44
CA ILE B 42 -0.16 20.89 -26.47
C ILE B 42 -1.16 20.09 -27.30
N LEU B 43 -2.04 19.28 -26.68
CA LEU B 43 -2.96 18.43 -27.47
C LEU B 43 -3.97 19.29 -28.28
N GLN B 44 -4.47 20.39 -27.73
CA GLN B 44 -5.45 21.22 -28.45
C GLN B 44 -4.80 22.02 -29.58
N ASN B 45 -3.48 22.24 -29.56
CA ASN B 45 -2.75 22.82 -30.67
C ASN B 45 -1.92 21.74 -31.40
N HIS B 46 -2.53 20.58 -31.67
CA HIS B 46 -1.79 19.44 -32.32
C HIS B 46 -1.14 19.81 -33.67
N THR B 47 -1.71 20.74 -34.45
CA THR B 47 -1.10 21.19 -35.74
C THR B 47 0.32 21.75 -35.53
N ASP B 48 0.61 22.38 -34.36
CA ASP B 48 1.92 22.95 -34.08
C ASP B 48 2.97 21.88 -33.68
N PHE B 49 2.55 20.62 -33.56
CA PHE B 49 3.47 19.55 -33.20
C PHE B 49 3.57 18.47 -34.28
N LYS B 50 2.47 18.22 -35.02
CA LYS B 50 2.41 17.05 -35.90
C LYS B 50 3.57 17.13 -36.90
N ASP B 51 4.40 16.08 -36.88
CA ASP B 51 5.58 15.92 -37.75
C ASP B 51 6.59 17.09 -37.62
N LYS B 52 6.69 17.74 -36.45
CA LYS B 52 7.66 18.83 -36.22
C LYS B 52 8.81 18.39 -35.30
N ILE B 53 9.87 19.18 -35.28
CA ILE B 53 10.98 18.97 -34.35
C ILE B 53 10.77 19.87 -33.12
N VAL B 54 10.98 19.33 -31.93
CA VAL B 54 10.69 20.06 -30.73
C VAL B 54 11.89 19.99 -29.79
N LEU B 55 12.15 21.09 -29.08
CA LEU B 55 13.11 21.08 -28.00
C LEU B 55 12.38 21.27 -26.66
N ASP B 56 12.63 20.37 -25.68
CA ASP B 56 12.09 20.47 -24.28
C ASP B 56 13.24 20.89 -23.36
N VAL B 57 13.16 22.11 -22.86
CA VAL B 57 14.20 22.71 -22.05
C VAL B 57 13.94 22.43 -20.59
N GLY B 58 14.84 21.65 -19.99
CA GLY B 58 14.65 21.19 -18.64
C GLY B 58 13.48 20.23 -18.51
N CYS B 59 13.58 19.09 -19.17
CA CYS B 59 12.49 18.15 -19.29
C CYS B 59 12.08 17.50 -17.96
N GLY B 60 12.98 17.44 -16.99
CA GLY B 60 12.70 16.78 -15.72
C GLY B 60 12.51 15.29 -15.93
N SER B 61 11.42 14.75 -15.37
CA SER B 61 10.88 13.37 -15.65
C SER B 61 10.65 13.14 -17.16
N GLY B 62 10.37 14.21 -17.91
CA GLY B 62 10.18 14.10 -19.34
C GLY B 62 8.71 14.22 -19.76
N ILE B 63 7.85 14.62 -18.83
CA ILE B 63 6.42 14.62 -19.05
C ILE B 63 5.98 15.50 -20.25
N LEU B 64 6.59 16.68 -20.45
CA LEU B 64 6.17 17.53 -21.59
C LEU B 64 6.54 16.91 -22.93
N SER B 65 7.69 16.23 -22.97
CA SER B 65 8.12 15.53 -24.16
C SER B 65 7.11 14.45 -24.52
N PHE B 66 6.63 13.69 -23.52
CA PHE B 66 5.63 12.67 -23.78
C PHE B 66 4.36 13.33 -24.35
N PHE B 67 3.97 14.50 -23.83
CA PHE B 67 2.82 15.18 -24.41
C PHE B 67 3.08 15.61 -25.86
N ALA B 68 4.27 16.12 -26.17
CA ALA B 68 4.56 16.49 -27.54
C ALA B 68 4.49 15.24 -28.44
N ALA B 69 4.94 14.09 -27.92
CA ALA B 69 4.84 12.81 -28.63
C ALA B 69 3.38 12.42 -28.90
N GLN B 70 2.54 12.50 -27.87
CA GLN B 70 1.09 12.26 -28.02
C GLN B 70 0.48 13.16 -29.11
N ALA B 71 1.00 14.33 -29.35
CA ALA B 71 0.46 15.25 -30.31
C ALA B 71 0.99 15.01 -31.73
N GLY B 72 1.95 14.10 -31.89
CA GLY B 72 2.48 13.72 -33.22
C GLY B 72 3.81 14.34 -33.64
N ALA B 73 4.66 14.75 -32.70
CA ALA B 73 5.98 15.30 -33.09
C ALA B 73 6.84 14.20 -33.76
N ARG B 74 7.57 14.55 -34.82
CA ARG B 74 8.59 13.67 -35.43
C ARG B 74 9.74 13.39 -34.45
N LYS B 75 10.27 14.45 -33.83
CA LYS B 75 11.48 14.34 -33.00
C LYS B 75 11.43 15.35 -31.84
N ILE B 76 11.91 14.92 -30.67
CA ILE B 76 11.92 15.71 -29.48
C ILE B 76 13.28 15.59 -28.81
N TYR B 77 13.97 16.73 -28.66
CA TYR B 77 15.21 16.78 -27.92
C TYR B 77 14.86 17.26 -26.52
N ALA B 78 15.14 16.43 -25.53
CA ALA B 78 14.76 16.77 -24.21
C ALA B 78 16.05 17.01 -23.45
N VAL B 79 16.33 18.28 -23.14
CA VAL B 79 17.57 18.62 -22.47
C VAL B 79 17.34 18.71 -20.97
N GLU B 80 18.21 18.08 -20.19
CA GLU B 80 18.06 18.09 -18.73
C GLU B 80 19.40 18.04 -18.01
N ALA B 81 19.56 18.90 -17.01
CA ALA B 81 20.85 19.17 -16.42
C ALA B 81 21.06 18.42 -15.10
N SER B 82 19.98 18.03 -14.42
CA SER B 82 20.14 17.23 -13.19
C SER B 82 20.33 15.75 -13.54
N THR B 83 20.54 14.95 -12.50
CA THR B 83 20.58 13.48 -12.59
C THR B 83 19.22 12.88 -12.96
N MET B 84 18.17 13.70 -12.97
CA MET B 84 16.88 13.33 -13.51
C MET B 84 16.94 12.88 -14.98
N ALA B 85 17.97 13.32 -15.74
CA ALA B 85 18.11 12.87 -17.13
C ALA B 85 18.16 11.34 -17.28
N GLN B 86 18.80 10.64 -16.34
CA GLN B 86 18.94 9.18 -16.37
C GLN B 86 17.57 8.51 -16.19
N HIS B 87 16.72 9.06 -15.30
CA HIS B 87 15.39 8.57 -15.07
C HIS B 87 14.50 8.85 -16.28
N ALA B 88 14.62 10.04 -16.90
CA ALA B 88 13.91 10.31 -18.17
C ALA B 88 14.27 9.26 -19.22
N GLU B 89 15.55 8.87 -19.33
CA GLU B 89 15.94 7.92 -20.37
C GLU B 89 15.21 6.58 -20.11
N VAL B 90 15.17 6.14 -18.86
CA VAL B 90 14.42 4.95 -18.50
C VAL B 90 12.96 5.06 -18.99
N LEU B 91 12.28 6.19 -18.77
CA LEU B 91 10.90 6.31 -19.18
C LEU B 91 10.77 6.31 -20.69
N VAL B 92 11.73 6.89 -21.40
CA VAL B 92 11.59 6.94 -22.84
C VAL B 92 11.65 5.51 -23.42
N LYS B 93 12.52 4.66 -22.87
CA LYS B 93 12.65 3.27 -23.31
C LYS B 93 11.37 2.49 -22.99
N SER B 94 10.86 2.59 -21.76
CA SER B 94 9.75 1.80 -21.36
C SER B 94 8.44 2.32 -21.98
N ASN B 95 8.35 3.53 -22.51
CA ASN B 95 7.17 3.92 -23.30
C ASN B 95 7.42 3.81 -24.82
N ASN B 96 8.48 3.12 -25.24
CA ASN B 96 8.83 2.82 -26.66
C ASN B 96 8.89 4.09 -27.53
N LEU B 97 9.64 5.10 -27.06
CA LEU B 97 9.75 6.31 -27.83
C LEU B 97 11.21 6.67 -28.06
N THR B 98 12.15 5.72 -28.05
CA THR B 98 13.56 5.98 -28.40
C THR B 98 13.75 6.50 -29.85
N ASP B 99 12.86 6.12 -30.77
CA ASP B 99 12.89 6.62 -32.14
C ASP B 99 12.51 8.12 -32.20
N ARG B 100 11.88 8.68 -31.16
CA ARG B 100 11.27 10.02 -31.24
C ARG B 100 11.75 10.98 -30.15
N ILE B 101 12.16 10.50 -28.98
CA ILE B 101 12.64 11.34 -27.91
C ILE B 101 14.10 10.98 -27.64
N VAL B 102 14.94 12.00 -27.74
CA VAL B 102 16.32 11.88 -27.41
C VAL B 102 16.58 12.71 -26.17
N VAL B 103 16.99 12.06 -25.10
CA VAL B 103 17.33 12.78 -23.90
C VAL B 103 18.78 13.20 -24.04
N ILE B 104 19.04 14.48 -23.83
CA ILE B 104 20.39 15.00 -23.86
C ILE B 104 20.75 15.51 -22.47
N PRO B 105 21.70 14.88 -21.76
CA PRO B 105 22.10 15.39 -20.45
C PRO B 105 23.00 16.61 -20.61
N GLY B 106 22.76 17.63 -19.79
CA GLY B 106 23.59 18.82 -19.74
C GLY B 106 22.76 20.09 -19.68
N LYS B 107 23.45 21.23 -19.65
CA LYS B 107 22.74 22.52 -19.63
C LYS B 107 22.54 22.97 -21.07
N VAL B 108 21.43 23.65 -21.35
CA VAL B 108 21.04 23.99 -22.70
C VAL B 108 22.02 25.00 -23.31
N GLU B 109 22.72 25.73 -22.45
CA GLU B 109 23.78 26.66 -22.85
C GLU B 109 25.07 25.94 -23.28
N GLU B 110 25.21 24.63 -23.07
CA GLU B 110 26.50 23.93 -23.26
C GLU B 110 26.40 22.70 -24.14
N VAL B 111 25.23 22.11 -24.27
CA VAL B 111 25.04 20.95 -25.15
C VAL B 111 24.95 21.45 -26.58
N SER B 112 25.00 20.51 -27.53
CA SER B 112 24.82 20.80 -28.95
C SER B 112 23.68 19.92 -29.47
N LEU B 113 22.76 20.52 -30.21
CA LEU B 113 21.73 19.77 -30.88
C LEU B 113 22.10 19.55 -32.33
N PRO B 114 21.71 18.39 -32.88
CA PRO B 114 21.95 18.12 -34.30
C PRO B 114 21.23 19.05 -35.28
N GLU B 115 20.07 19.62 -34.92
CA GLU B 115 19.33 20.41 -35.91
C GLU B 115 18.60 21.56 -35.22
N GLN B 116 18.08 22.48 -36.04
CA GLN B 116 17.21 23.53 -35.57
C GLN B 116 15.82 22.95 -35.33
N VAL B 117 15.03 23.59 -34.45
CA VAL B 117 13.72 23.05 -34.06
C VAL B 117 12.57 24.00 -34.46
N ASP B 118 11.37 23.43 -34.58
CA ASP B 118 10.20 24.14 -35.03
C ASP B 118 9.56 24.86 -33.86
N ILE B 119 9.76 24.32 -32.65
CA ILE B 119 9.13 24.86 -31.46
C ILE B 119 9.80 24.39 -30.17
N ILE B 120 9.81 25.28 -29.19
CA ILE B 120 10.44 25.04 -27.92
C ILE B 120 9.38 24.96 -26.84
N ILE B 121 9.52 23.99 -25.93
CA ILE B 121 8.58 23.87 -24.79
C ILE B 121 9.36 23.80 -23.47
N SER B 122 8.83 24.42 -22.42
CA SER B 122 9.46 24.40 -21.12
C SER B 122 8.48 24.83 -20.05
N GLU B 123 8.82 24.56 -18.80
CA GLU B 123 8.19 25.13 -17.63
C GLU B 123 9.24 25.94 -16.89
N PRO B 124 9.55 27.15 -17.36
CA PRO B 124 10.60 27.93 -16.72
C PRO B 124 10.18 28.83 -15.55
N MET B 125 8.89 28.89 -15.23
CA MET B 125 8.39 29.85 -14.26
C MET B 125 8.72 29.38 -12.86
N GLY B 126 9.23 30.29 -12.02
CA GLY B 126 9.41 30.10 -10.56
C GLY B 126 8.48 31.00 -9.76
N TYR B 127 8.67 31.08 -8.44
CA TYR B 127 7.88 32.02 -7.64
C TYR B 127 8.02 33.40 -8.29
N MET B 128 6.93 34.13 -8.41
CA MET B 128 6.95 35.49 -8.95
C MET B 128 7.38 35.46 -10.41
N LEU B 129 7.29 34.30 -11.07
CA LEU B 129 7.70 34.07 -12.48
C LEU B 129 9.22 33.91 -12.60
N PHE B 130 9.99 34.81 -12.01
CA PHE B 130 11.36 35.00 -12.40
C PHE B 130 12.36 34.22 -11.53
N ASN B 131 11.97 33.84 -10.32
CA ASN B 131 12.85 33.17 -9.40
C ASN B 131 13.41 31.88 -10.03
N GLU B 132 14.65 31.54 -9.67
CA GLU B 132 15.47 30.41 -10.25
C GLU B 132 16.20 30.79 -11.57
N ARG B 133 15.77 31.89 -12.21
CA ARG B 133 16.38 32.46 -13.43
C ARG B 133 16.38 31.44 -14.57
N MET B 134 15.35 30.61 -14.61
CA MET B 134 15.29 29.64 -15.65
C MET B 134 14.76 30.29 -16.96
N LEU B 135 14.14 31.47 -16.88
CA LEU B 135 13.72 32.15 -18.08
C LEU B 135 14.91 32.49 -18.98
N GLU B 136 16.06 32.71 -18.36
CA GLU B 136 17.22 33.03 -19.13
C GLU B 136 17.59 31.81 -19.99
N SER B 137 17.51 30.58 -19.45
CA SER B 137 17.89 29.41 -20.27
C SER B 137 16.85 29.21 -21.36
N TYR B 138 15.59 29.39 -21.02
CA TYR B 138 14.55 29.27 -21.98
C TYR B 138 14.80 30.22 -23.14
N LEU B 139 15.13 31.49 -22.85
CA LEU B 139 15.37 32.47 -23.93
C LEU B 139 16.67 32.19 -24.73
N HIS B 140 17.73 31.80 -24.03
CA HIS B 140 18.98 31.37 -24.64
C HIS B 140 18.73 30.29 -25.71
N ALA B 141 17.86 29.33 -25.41
CA ALA B 141 17.55 28.25 -26.36
C ALA B 141 16.92 28.76 -27.67
N LYS B 142 16.59 30.04 -27.81
CA LYS B 142 16.08 30.52 -29.11
C LYS B 142 17.15 30.45 -30.20
N LYS B 143 18.41 30.32 -29.80
CA LYS B 143 19.48 30.07 -30.74
C LYS B 143 19.24 28.78 -31.56
N TYR B 144 18.50 27.78 -31.06
CA TYR B 144 18.18 26.59 -31.85
C TYR B 144 16.84 26.71 -32.57
N LEU B 145 16.18 27.86 -32.50
CA LEU B 145 14.82 27.94 -33.05
C LEU B 145 14.83 28.36 -34.51
N LYS B 146 14.17 27.59 -35.38
CA LYS B 146 13.99 28.02 -36.75
C LYS B 146 13.30 29.37 -36.80
N PRO B 147 13.56 30.17 -37.86
CA PRO B 147 12.85 31.44 -38.05
C PRO B 147 11.33 31.19 -38.12
N SER B 148 10.54 32.03 -37.46
CA SER B 148 9.08 31.87 -37.36
C SER B 148 8.67 30.63 -36.53
N GLY B 149 9.58 30.10 -35.71
CA GLY B 149 9.23 29.05 -34.75
C GLY B 149 8.43 29.55 -33.56
N ASN B 150 7.79 28.64 -32.83
CA ASN B 150 6.96 28.99 -31.71
C ASN B 150 7.68 28.65 -30.40
N MET B 151 7.17 29.22 -29.30
CA MET B 151 7.58 28.88 -27.97
C MET B 151 6.33 28.64 -27.11
N PHE B 152 6.37 27.58 -26.27
CA PHE B 152 5.33 27.22 -25.30
C PHE B 152 5.94 27.14 -23.90
N PRO B 153 5.64 28.09 -23.01
CA PRO B 153 4.72 29.19 -23.14
C PRO B 153 5.30 30.31 -24.00
N THR B 154 4.41 31.14 -24.50
CA THR B 154 4.72 32.16 -25.47
C THR B 154 4.88 33.52 -24.80
N ILE B 155 3.98 33.84 -23.85
CA ILE B 155 4.04 35.09 -23.11
C ILE B 155 3.86 34.83 -21.60
N GLY B 156 4.40 35.75 -20.79
CA GLY B 156 4.29 35.70 -19.32
C GLY B 156 3.91 37.07 -18.80
N ASP B 157 2.95 37.14 -17.89
CA ASP B 157 2.52 38.38 -17.28
C ASP B 157 2.81 38.25 -15.79
N VAL B 158 3.60 39.16 -15.22
CA VAL B 158 3.62 39.33 -13.77
C VAL B 158 2.58 40.33 -13.36
N HIS B 159 1.81 39.99 -12.33
CA HIS B 159 0.82 40.88 -11.74
C HIS B 159 1.27 41.29 -10.32
N LEU B 160 1.10 42.57 -10.00
CA LEU B 160 1.38 43.17 -8.71
C LEU B 160 0.12 43.87 -8.25
N ALA B 161 -0.13 43.85 -6.94
CA ALA B 161 -1.22 44.61 -6.39
C ALA B 161 -0.94 44.89 -4.92
N PRO B 162 -1.37 46.07 -4.43
CA PRO B 162 -1.19 46.42 -3.04
C PRO B 162 -2.18 45.63 -2.20
N PHE B 163 -1.76 45.30 -0.97
CA PHE B 163 -2.60 44.56 -0.08
C PHE B 163 -2.56 45.13 1.33
N THR B 164 -3.57 44.76 2.11
CA THR B 164 -3.69 45.07 3.53
C THR B 164 -3.78 43.76 4.31
N ASP B 165 -2.86 43.55 5.25
CA ASP B 165 -2.89 42.39 6.09
C ASP B 165 -2.20 42.74 7.39
N GLU B 166 -3.00 43.25 8.32
CA GLU B 166 -2.51 43.76 9.56
C GLU B 166 -1.82 42.66 10.35
N GLN B 167 -2.37 41.45 10.32
CA GLN B 167 -1.90 40.37 11.16
C GLN B 167 -0.54 39.86 10.69
N LEU B 168 -0.31 39.83 9.37
CA LEU B 168 0.98 39.46 8.83
C LEU B 168 2.03 40.49 9.21
N TYR B 169 1.71 41.77 9.02
CA TYR B 169 2.62 42.81 9.36
C TYR B 169 3.00 42.73 10.84
N MET B 170 2.02 42.45 11.71
CA MET B 170 2.27 42.47 13.15
C MET B 170 3.05 41.24 13.60
N GLU B 171 2.78 40.08 13.00
CA GLU B 171 3.49 38.86 13.29
C GLU B 171 4.99 39.07 13.16
N GLN B 172 5.47 39.99 12.33
CA GLN B 172 6.91 40.18 12.15
C GLN B 172 7.56 40.74 13.43
N PHE B 173 6.89 41.70 14.03
CA PHE B 173 7.42 42.28 15.24
C PHE B 173 7.18 41.36 16.40
N THR B 174 6.13 40.58 16.39
CA THR B 174 5.93 39.59 17.44
C THR B 174 7.08 38.58 17.45
N LYS B 175 7.49 38.08 16.29
CA LYS B 175 8.56 37.11 16.26
C LYS B 175 9.86 37.76 16.74
N ALA B 176 10.07 39.00 16.33
CA ALA B 176 11.31 39.70 16.65
C ALA B 176 11.38 40.08 18.13
N ASN B 177 10.22 40.20 18.80
CA ASN B 177 10.24 40.64 20.14
C ASN B 177 10.68 39.51 21.07
N PHE B 178 10.93 38.33 20.55
CA PHE B 178 11.62 37.35 21.34
C PHE B 178 12.94 37.90 21.88
N TRP B 179 13.57 38.78 21.10
CA TRP B 179 14.84 39.35 21.47
C TRP B 179 14.70 40.47 22.49
N TYR B 180 13.48 41.00 22.75
CA TYR B 180 13.31 42.22 23.57
C TYR B 180 12.99 41.75 24.98
N GLN B 181 14.03 41.28 25.62
CA GLN B 181 13.94 40.50 26.80
C GLN B 181 15.17 40.74 27.67
N PRO B 182 15.06 41.41 28.83
CA PRO B 182 16.26 41.79 29.55
C PRO B 182 16.94 40.62 30.27
N SER B 183 16.28 39.48 30.39
CA SER B 183 16.92 38.42 31.13
C SER B 183 16.37 37.07 30.68
N PHE B 184 16.86 36.65 29.50
CA PHE B 184 16.70 35.32 28.98
C PHE B 184 17.77 34.44 29.60
N HIS B 185 17.38 33.64 30.57
CA HIS B 185 18.31 32.85 31.33
C HIS B 185 19.50 33.69 31.81
N GLY B 186 19.20 34.91 32.26
CA GLY B 186 20.20 35.78 32.82
C GLY B 186 20.93 36.60 31.77
N VAL B 187 20.47 36.62 30.52
CA VAL B 187 21.15 37.39 29.50
C VAL B 187 20.21 38.39 28.85
N ASP B 188 20.69 39.59 28.60
CA ASP B 188 19.90 40.59 27.99
C ASP B 188 20.06 40.49 26.47
N LEU B 189 18.98 40.17 25.77
CA LEU B 189 19.01 39.96 24.34
C LEU B 189 18.63 41.19 23.53
N SER B 190 18.18 42.25 24.18
CA SER B 190 17.39 43.29 23.51
C SER B 190 18.14 44.02 22.38
N ALA B 191 19.46 44.04 22.48
CA ALA B 191 20.30 44.69 21.50
C ALA B 191 20.26 44.04 20.13
N LEU B 192 19.73 42.80 20.00
CA LEU B 192 19.60 42.16 18.68
C LEU B 192 18.21 42.34 18.05
N ARG B 193 17.29 42.99 18.75
CA ARG B 193 15.94 43.02 18.25
C ARG B 193 15.87 43.73 16.88
N GLY B 194 16.59 44.84 16.72
CA GLY B 194 16.58 45.57 15.47
C GLY B 194 17.06 44.70 14.31
N ALA B 195 18.14 43.93 14.52
CA ALA B 195 18.68 43.09 13.51
C ALA B 195 17.68 41.99 13.14
N ALA B 196 16.92 41.49 14.13
CA ALA B 196 15.96 40.48 13.89
C ALA B 196 14.80 41.02 13.05
N VAL B 197 14.29 42.20 13.38
CA VAL B 197 13.22 42.80 12.53
C VAL B 197 13.74 42.97 11.09
N ASP B 198 14.98 43.46 10.92
CA ASP B 198 15.52 43.63 9.60
C ASP B 198 15.48 42.32 8.82
N GLU B 199 15.95 41.24 9.44
CA GLU B 199 16.02 39.96 8.80
C GLU B 199 14.63 39.48 8.38
N TYR B 200 13.60 39.65 9.22
CA TYR B 200 12.28 39.16 8.84
C TYR B 200 11.70 39.95 7.65
N PHE B 201 11.96 41.24 7.57
CA PHE B 201 11.41 42.07 6.51
C PHE B 201 12.09 41.86 5.15
N ARG B 202 13.33 41.33 5.11
CA ARG B 202 13.97 40.99 3.84
C ARG B 202 13.31 39.77 3.20
N GLN B 203 12.46 39.02 3.95
CA GLN B 203 12.02 37.76 3.35
C GLN B 203 10.64 37.91 2.73
N PRO B 204 10.44 37.61 1.43
CA PRO B 204 9.09 37.55 0.88
C PRO B 204 8.32 36.36 1.43
N VAL B 205 7.03 36.53 1.50
CA VAL B 205 6.16 35.53 2.05
C VAL B 205 5.44 34.78 0.93
N VAL B 206 5.65 33.48 0.92
CA VAL B 206 4.99 32.62 -0.01
C VAL B 206 3.85 31.92 0.69
N ASP B 207 2.64 32.20 0.22
CA ASP B 207 1.42 31.50 0.64
C ASP B 207 0.26 32.12 -0.13
N THR B 208 -0.95 31.67 0.16
CA THR B 208 -2.11 32.11 -0.54
C THR B 208 -2.85 33.08 0.37
N PHE B 209 -3.94 33.66 -0.11
CA PHE B 209 -4.63 34.65 0.68
C PHE B 209 -6.00 34.92 0.06
N ASP B 210 -6.92 35.44 0.86
CA ASP B 210 -8.22 35.85 0.42
C ASP B 210 -8.10 37.13 -0.43
N ILE B 211 -8.75 37.16 -1.60
CA ILE B 211 -8.69 38.36 -2.48
C ILE B 211 -9.28 39.61 -1.82
N ARG B 212 -9.98 39.46 -0.70
CA ARG B 212 -10.56 40.61 0.01
C ARG B 212 -9.44 41.56 0.45
N ILE B 213 -8.22 41.05 0.63
CA ILE B 213 -7.13 41.91 1.09
C ILE B 213 -6.57 42.84 -0.02
N LEU B 214 -6.86 42.61 -1.29
CA LEU B 214 -6.26 43.39 -2.34
C LEU B 214 -7.01 44.71 -2.48
N MET B 215 -6.27 45.80 -2.65
CA MET B 215 -6.85 47.10 -2.52
C MET B 215 -6.92 47.89 -3.82
N ALA B 216 -6.55 47.25 -4.93
CA ALA B 216 -6.59 47.88 -6.23
C ALA B 216 -6.49 46.80 -7.29
N LYS B 217 -6.98 47.11 -8.48
CA LYS B 217 -6.76 46.28 -9.63
C LYS B 217 -5.23 46.16 -9.78
N SER B 218 -4.76 44.97 -10.14
CA SER B 218 -3.38 44.68 -10.35
C SER B 218 -2.83 45.43 -11.56
N VAL B 219 -1.50 45.53 -11.59
CA VAL B 219 -0.76 46.07 -12.70
C VAL B 219 0.03 44.91 -13.28
N LYS B 220 0.16 44.94 -14.60
CA LYS B 220 0.67 43.86 -15.38
C LYS B 220 2.02 44.25 -15.96
N TYR B 221 3.00 43.34 -15.90
CA TYR B 221 4.22 43.51 -16.65
C TYR B 221 4.43 42.29 -17.53
N THR B 222 4.59 42.51 -18.82
CA THR B 222 4.52 41.47 -19.81
C THR B 222 5.89 41.22 -20.42
N VAL B 223 6.30 39.95 -20.43
CA VAL B 223 7.41 39.50 -21.20
C VAL B 223 6.91 38.69 -22.40
N ASN B 224 7.27 39.07 -23.62
CA ASN B 224 6.95 38.30 -24.82
C ASN B 224 8.14 37.39 -25.13
N PHE B 225 8.04 36.07 -24.91
CA PHE B 225 9.24 35.24 -24.97
C PHE B 225 9.76 35.08 -26.40
N LEU B 226 8.91 35.23 -27.42
CA LEU B 226 9.36 35.24 -28.83
C LEU B 226 10.29 36.41 -29.15
N GLU B 227 10.12 37.56 -28.50
CA GLU B 227 10.84 38.81 -28.76
C GLU B 227 12.02 39.03 -27.78
N ALA B 228 11.88 38.58 -26.52
CA ALA B 228 12.84 38.97 -25.46
C ALA B 228 14.22 38.33 -25.63
N LYS B 229 15.26 39.09 -25.24
CA LYS B 229 16.63 38.64 -25.18
C LYS B 229 16.94 38.30 -23.72
N GLU B 230 17.90 37.41 -23.49
CA GLU B 230 18.44 37.09 -22.18
C GLU B 230 18.69 38.35 -21.35
N GLY B 231 19.27 39.40 -21.93
CA GLY B 231 19.61 40.62 -21.24
C GLY B 231 18.45 41.40 -20.62
N ASP B 232 17.24 41.22 -21.15
CA ASP B 232 16.07 41.94 -20.65
C ASP B 232 15.73 41.48 -19.23
N LEU B 233 16.24 40.33 -18.78
CA LEU B 233 15.89 39.80 -17.47
C LEU B 233 16.94 40.03 -16.38
N HIS B 234 18.04 40.72 -16.66
CA HIS B 234 19.03 41.00 -15.59
C HIS B 234 18.54 42.13 -14.68
N ARG B 235 17.74 43.03 -15.22
CA ARG B 235 17.25 44.15 -14.52
C ARG B 235 15.85 44.37 -15.04
N ILE B 236 14.88 44.17 -14.16
CA ILE B 236 13.50 44.26 -14.53
C ILE B 236 12.88 45.38 -13.73
N GLU B 237 12.43 46.43 -14.43
CA GLU B 237 11.88 47.60 -13.84
C GLU B 237 10.38 47.57 -14.11
N ILE B 238 9.59 47.58 -13.03
CA ILE B 238 8.18 47.47 -13.15
C ILE B 238 7.58 48.70 -12.52
N PRO B 239 7.20 49.70 -13.34
CA PRO B 239 6.60 50.90 -12.78
C PRO B 239 5.15 50.52 -12.48
N PHE B 240 4.59 51.11 -11.43
CA PHE B 240 3.20 50.90 -11.15
C PHE B 240 2.55 52.18 -10.65
N LYS B 241 1.27 52.25 -10.95
CA LYS B 241 0.40 53.36 -10.58
C LYS B 241 -0.95 52.72 -10.28
N PHE B 242 -1.25 52.48 -9.00
CA PHE B 242 -2.51 51.88 -8.61
C PHE B 242 -3.55 52.94 -8.35
N HIS B 243 -4.79 52.66 -8.82
CA HIS B 243 -5.97 53.41 -8.48
C HIS B 243 -6.72 52.66 -7.36
N MET B 244 -6.68 53.20 -6.14
CA MET B 244 -7.13 52.47 -5.00
C MET B 244 -8.66 52.33 -5.06
N LEU B 245 -9.16 51.12 -4.84
CA LEU B 245 -10.58 50.83 -4.80
C LEU B 245 -11.12 50.77 -3.37
N HIS B 246 -10.22 50.65 -2.39
CA HIS B 246 -10.55 50.57 -0.98
C HIS B 246 -9.62 51.49 -0.22
N SER B 247 -10.14 52.15 0.81
CA SER B 247 -9.34 52.90 1.74
C SER B 247 -8.79 51.94 2.78
N GLY B 248 -7.60 52.20 3.28
CA GLY B 248 -7.02 51.39 4.31
C GLY B 248 -5.52 51.56 4.35
N LEU B 249 -4.88 50.89 5.30
CA LEU B 249 -3.44 50.82 5.35
C LEU B 249 -2.94 49.74 4.37
N VAL B 250 -2.01 50.12 3.51
CA VAL B 250 -1.37 49.25 2.57
C VAL B 250 -0.10 48.70 3.22
N HIS B 251 -0.01 47.40 3.38
CA HIS B 251 1.15 46.79 4.04
C HIS B 251 2.23 46.28 3.09
N GLY B 252 1.91 46.12 1.81
CA GLY B 252 2.91 45.73 0.84
C GLY B 252 2.30 45.41 -0.51
N LEU B 253 3.01 44.60 -1.29
CA LEU B 253 2.61 44.25 -2.62
C LEU B 253 2.54 42.75 -2.75
N ALA B 254 1.51 42.28 -3.46
CA ALA B 254 1.30 40.89 -3.77
C ALA B 254 1.64 40.64 -5.23
N PHE B 255 2.29 39.52 -5.50
CA PHE B 255 2.70 39.16 -6.84
C PHE B 255 2.16 37.80 -7.22
N TRP B 256 1.73 37.68 -8.45
CA TRP B 256 1.45 36.42 -9.03
C TRP B 256 1.73 36.49 -10.53
N PHE B 257 1.55 35.40 -11.28
CA PHE B 257 1.78 35.48 -12.71
C PHE B 257 0.85 34.60 -13.54
N ASP B 258 0.74 34.93 -14.84
CA ASP B 258 0.01 34.21 -15.82
C ASP B 258 0.95 33.90 -16.99
N VAL B 259 0.84 32.73 -17.62
CA VAL B 259 1.51 32.53 -18.89
C VAL B 259 0.47 32.07 -19.90
N ALA B 260 0.74 32.32 -21.17
CA ALA B 260 -0.14 31.95 -22.25
C ALA B 260 0.62 31.08 -23.26
N PHE B 261 -0.04 30.01 -23.69
CA PHE B 261 0.41 29.18 -24.77
C PHE B 261 -0.36 29.53 -26.03
N ILE B 262 0.25 30.33 -26.90
CA ILE B 262 -0.45 30.89 -28.07
C ILE B 262 -0.15 29.99 -29.26
N GLY B 263 -1.04 29.01 -29.50
CA GLY B 263 -0.94 28.14 -30.64
C GLY B 263 -1.69 28.68 -31.84
N SER B 264 -1.65 27.90 -32.93
CA SER B 264 -2.41 28.18 -34.14
C SER B 264 -3.92 28.01 -33.93
N ILE B 265 -4.31 26.95 -33.19
CA ILE B 265 -5.72 26.64 -33.01
C ILE B 265 -6.27 27.45 -31.86
N MET B 266 -5.57 27.50 -30.73
CA MET B 266 -6.11 28.30 -29.62
C MET B 266 -5.03 28.71 -28.62
N THR B 267 -5.38 29.75 -27.85
CA THR B 267 -4.56 30.25 -26.80
C THR B 267 -5.06 29.64 -25.50
N VAL B 268 -4.16 29.06 -24.71
CA VAL B 268 -4.49 28.53 -23.41
C VAL B 268 -3.73 29.30 -22.35
N TRP B 269 -4.39 29.63 -21.24
CA TRP B 269 -3.78 30.35 -20.11
C TRP B 269 -3.52 29.45 -18.90
N LEU B 270 -2.40 29.68 -18.22
CA LEU B 270 -2.10 29.04 -16.97
C LEU B 270 -1.91 30.18 -15.97
N SER B 271 -2.81 30.28 -15.01
CA SER B 271 -2.83 31.42 -14.10
C SER B 271 -2.56 30.99 -12.66
N THR B 272 -1.79 31.78 -11.91
CA THR B 272 -1.56 31.53 -10.52
C THR B 272 -2.20 32.62 -9.68
N ALA B 273 -3.15 33.33 -10.27
CA ALA B 273 -3.89 34.37 -9.56
C ALA B 273 -4.52 33.80 -8.30
N PRO B 274 -4.78 34.65 -7.27
CA PRO B 274 -5.50 34.18 -6.09
C PRO B 274 -7.02 34.01 -6.33
N THR B 275 -7.56 34.54 -7.43
CA THR B 275 -8.95 34.24 -7.87
C THR B 275 -9.10 32.83 -8.47
N GLU B 276 -7.98 32.15 -8.76
CA GLU B 276 -7.97 30.85 -9.48
C GLU B 276 -7.62 29.73 -8.50
N PRO B 277 -7.86 28.45 -8.86
CA PRO B 277 -7.46 27.39 -7.93
C PRO B 277 -5.94 27.37 -7.70
N LEU B 278 -5.56 27.01 -6.49
CA LEU B 278 -4.22 27.05 -5.98
C LEU B 278 -3.29 26.12 -6.78
N THR B 279 -2.05 26.56 -6.98
CA THR B 279 -0.98 25.79 -7.58
C THR B 279 0.20 25.74 -6.62
N HIS B 280 1.20 24.93 -6.98
CA HIS B 280 2.39 24.81 -6.17
C HIS B 280 3.26 26.10 -6.16
N TRP B 281 2.89 27.12 -6.93
CA TRP B 281 3.60 28.46 -6.92
C TRP B 281 3.00 29.45 -5.90
N TYR B 282 1.84 29.10 -5.35
CA TYR B 282 1.09 29.98 -4.48
C TYR B 282 1.04 31.41 -5.04
N GLN B 283 1.19 32.37 -4.14
CA GLN B 283 1.44 33.75 -4.45
C GLN B 283 2.57 34.25 -3.52
N VAL B 284 3.04 35.46 -3.79
CA VAL B 284 4.13 36.03 -3.04
C VAL B 284 3.73 37.42 -2.59
N ARG B 285 4.10 37.75 -1.34
CA ARG B 285 3.88 39.05 -0.79
C ARG B 285 5.18 39.63 -0.21
N CYS B 286 5.44 40.89 -0.52
CA CYS B 286 6.58 41.62 -0.02
C CYS B 286 6.08 42.76 0.84
N LEU B 287 6.38 42.72 2.13
CA LEU B 287 5.93 43.80 3.02
C LEU B 287 6.76 45.07 2.83
N PHE B 288 6.11 46.21 3.03
CA PHE B 288 6.76 47.47 3.26
C PHE B 288 7.15 47.56 4.73
N GLN B 289 8.23 48.28 5.00
CA GLN B 289 8.71 48.48 6.36
C GLN B 289 7.69 49.27 7.17
N SER B 290 7.14 50.30 6.55
CA SER B 290 6.12 51.11 7.16
C SER B 290 4.90 51.10 6.28
N PRO B 291 3.72 50.79 6.84
CA PRO B 291 2.49 50.83 6.06
C PRO B 291 2.09 52.24 5.63
N LEU B 292 1.33 52.35 4.55
CA LEU B 292 0.94 53.62 3.99
C LEU B 292 -0.55 53.75 4.05
N PHE B 293 -1.09 54.89 4.43
CA PHE B 293 -2.53 55.11 4.38
C PHE B 293 -2.91 55.66 2.99
N ALA B 294 -3.87 55.00 2.34
CA ALA B 294 -4.45 55.46 1.09
C ALA B 294 -5.98 55.45 1.16
N LYS B 295 -6.59 56.54 0.65
CA LYS B 295 -8.02 56.69 0.55
C LYS B 295 -8.43 56.14 -0.81
N ALA B 296 -9.58 55.49 -0.90
CA ALA B 296 -10.13 55.08 -2.19
C ALA B 296 -10.15 56.30 -3.12
N GLY B 297 -9.75 56.08 -4.38
CA GLY B 297 -9.59 57.16 -5.38
C GLY B 297 -8.18 57.76 -5.47
N ASP B 298 -7.35 57.58 -4.43
CA ASP B 298 -5.90 57.98 -4.42
C ASP B 298 -5.09 57.07 -5.35
N THR B 299 -3.88 57.54 -5.65
CA THR B 299 -2.96 56.85 -6.52
C THR B 299 -1.74 56.49 -5.68
N LEU B 300 -1.44 55.20 -5.67
CA LEU B 300 -0.23 54.66 -5.04
C LEU B 300 0.72 54.30 -6.18
N SER B 301 1.87 54.98 -6.25
CA SER B 301 2.79 54.90 -7.40
C SER B 301 4.21 54.54 -6.95
N GLY B 302 4.98 53.99 -7.87
CA GLY B 302 6.33 53.66 -7.59
C GLY B 302 6.87 52.61 -8.51
N THR B 303 7.85 51.88 -8.00
CA THR B 303 8.66 51.02 -8.81
C THR B 303 8.96 49.76 -8.04
N CYS B 304 8.90 48.66 -8.77
CA CYS B 304 9.44 47.44 -8.31
C CYS B 304 10.63 47.13 -9.23
N LEU B 305 11.82 47.06 -8.64
CA LEU B 305 13.02 46.82 -9.42
C LEU B 305 13.66 45.49 -9.01
N LEU B 306 13.70 44.53 -9.94
CA LEU B 306 14.33 43.25 -9.69
C LEU B 306 15.70 43.20 -10.34
N ILE B 307 16.73 42.95 -9.53
CA ILE B 307 18.07 42.92 -10.02
C ILE B 307 18.65 41.51 -9.83
N ALA B 308 19.04 40.88 -10.94
CA ALA B 308 19.56 39.50 -10.91
C ALA B 308 20.85 39.43 -10.10
N ASN B 309 20.99 38.38 -9.30
CA ASN B 309 22.17 38.05 -8.52
C ASN B 309 22.70 36.68 -8.96
N LYS B 310 23.91 36.34 -8.47
CA LYS B 310 24.58 35.12 -8.94
C LYS B 310 24.10 33.87 -8.19
N ARG B 311 23.19 34.00 -7.22
CA ARG B 311 22.56 32.86 -6.55
C ARG B 311 21.26 32.45 -7.26
N GLN B 312 21.16 32.70 -8.57
CA GLN B 312 20.00 32.29 -9.40
C GLN B 312 18.71 32.90 -8.89
N SER B 313 18.77 34.12 -8.37
CA SER B 313 17.59 34.79 -7.97
C SER B 313 17.72 36.30 -8.21
N TYR B 314 16.95 37.06 -7.45
CA TYR B 314 16.81 38.47 -7.64
C TYR B 314 16.79 39.15 -6.29
N ASP B 315 17.42 40.32 -6.20
CA ASP B 315 17.21 41.26 -5.14
C ASP B 315 16.05 42.15 -5.58
N ILE B 316 15.08 42.35 -4.70
CA ILE B 316 13.89 43.09 -5.04
C ILE B 316 13.86 44.38 -4.24
N SER B 317 13.71 45.49 -4.96
CA SER B 317 13.67 46.78 -4.37
C SER B 317 12.32 47.41 -4.72
N ILE B 318 11.53 47.75 -3.70
CA ILE B 318 10.21 48.33 -3.92
C ILE B 318 10.14 49.73 -3.32
N VAL B 319 9.69 50.71 -4.08
CA VAL B 319 9.48 52.06 -3.59
C VAL B 319 8.05 52.41 -3.91
N ALA B 320 7.32 52.93 -2.94
CA ALA B 320 5.92 53.28 -3.18
C ALA B 320 5.63 54.62 -2.54
N GLN B 321 4.75 55.40 -3.16
CA GLN B 321 4.34 56.62 -2.54
C GLN B 321 2.87 56.85 -2.83
N VAL B 322 2.16 57.45 -1.87
CA VAL B 322 0.83 57.93 -2.12
C VAL B 322 0.97 59.32 -2.67
N ASP B 323 0.37 59.58 -3.82
CA ASP B 323 0.67 60.83 -4.53
C ASP B 323 -0.01 62.01 -3.83
N GLN B 324 -1.24 61.80 -3.38
CA GLN B 324 -2.07 62.87 -2.81
C GLN B 324 -1.48 63.37 -1.47
N THR B 325 -0.93 62.46 -0.64
CA THR B 325 -0.39 62.79 0.70
C THR B 325 1.13 62.89 0.72
N GLY B 326 1.85 62.34 -0.25
CA GLY B 326 3.33 62.29 -0.24
C GLY B 326 3.93 61.30 0.75
N SER B 327 3.12 60.40 1.27
CA SER B 327 3.56 59.33 2.16
C SER B 327 4.36 58.29 1.36
N LYS B 328 5.61 58.01 1.79
CA LYS B 328 6.55 57.17 1.06
C LYS B 328 6.92 55.90 1.84
N SER B 329 7.24 54.80 1.14
CA SER B 329 7.77 53.63 1.78
C SER B 329 8.63 52.83 0.82
N SER B 330 9.54 52.00 1.33
CA SER B 330 10.49 51.21 0.58
C SER B 330 10.61 49.79 1.20
N ASN B 331 11.05 48.77 0.43
CA ASN B 331 11.80 47.73 1.06
C ASN B 331 12.80 47.13 0.08
N LEU B 332 13.77 46.38 0.61
CA LEU B 332 14.71 45.54 -0.10
C LEU B 332 14.49 44.11 0.34
N LEU B 333 14.28 43.21 -0.59
CA LEU B 333 14.00 41.85 -0.23
C LEU B 333 14.90 40.90 -1.01
N ASP B 334 15.10 39.73 -0.42
CA ASP B 334 15.91 38.70 -1.01
C ASP B 334 15.03 37.51 -1.37
N LEU B 335 14.72 37.39 -2.65
CA LEU B 335 13.85 36.35 -3.16
C LEU B 335 14.45 34.94 -3.08
N LYS B 336 15.76 34.80 -2.91
CA LYS B 336 16.38 33.45 -2.68
C LYS B 336 15.95 32.81 -1.33
N ASN B 337 15.74 33.60 -0.26
CA ASN B 337 15.40 33.11 1.07
C ASN B 337 13.95 33.45 1.42
N PRO B 338 12.92 32.90 0.72
CA PRO B 338 11.54 33.29 1.05
C PRO B 338 11.04 32.58 2.33
N PHE B 339 10.00 33.12 2.94
CA PHE B 339 9.37 32.51 4.06
C PHE B 339 8.11 31.76 3.59
N PHE B 340 8.12 30.43 3.75
CA PHE B 340 7.00 29.57 3.41
C PHE B 340 6.08 29.57 4.62
N ARG B 341 5.01 30.38 4.55
CA ARG B 341 4.11 30.55 5.67
C ARG B 341 2.98 29.55 5.56
N TYR B 342 2.69 29.10 4.33
CA TYR B 342 1.74 28.06 4.07
C TYR B 342 2.30 26.74 4.61
N SER C 1 -25.92 -32.08 -25.92
CA SER C 1 -27.00 -31.08 -25.98
C SER C 1 -26.38 -29.68 -26.18
N VAL C 2 -27.26 -28.67 -26.25
CA VAL C 2 -26.82 -27.27 -26.20
C VAL C 2 -26.07 -27.00 -24.88
N PHE C 3 -26.38 -27.75 -23.80
CA PHE C 3 -25.78 -27.52 -22.48
C PHE C 3 -24.37 -28.13 -22.37
N SER C 4 -24.18 -29.40 -22.73
CA SER C 4 -22.82 -30.04 -22.61
C SER C 4 -21.81 -29.47 -23.62
N GLU C 5 -22.28 -28.88 -24.74
CA GLU C 5 -21.37 -28.28 -25.73
C GLU C 5 -20.75 -26.98 -25.19
N ARG C 6 -21.52 -26.17 -24.46
CA ARG C 6 -21.03 -24.91 -23.85
C ARG C 6 -20.42 -25.10 -22.44
N THR C 7 -20.44 -26.32 -21.88
CA THR C 7 -20.06 -26.54 -20.46
C THR C 7 -19.02 -27.69 -20.31
N GLU C 8 -17.81 -27.36 -19.86
CA GLU C 8 -16.79 -28.29 -19.32
C GLU C 8 -17.52 -29.18 -18.31
N GLU C 9 -17.34 -30.52 -18.40
CA GLU C 9 -18.04 -31.49 -17.49
C GLU C 9 -17.70 -31.22 -16.01
N SER C 10 -16.42 -30.93 -15.73
CA SER C 10 -15.89 -30.61 -14.38
C SER C 10 -16.67 -29.49 -13.67
N SER C 11 -17.00 -28.44 -14.43
CA SER C 11 -17.73 -27.27 -13.94
C SER C 11 -19.20 -27.62 -13.66
N ALA C 12 -19.84 -28.41 -14.55
CA ALA C 12 -21.25 -28.90 -14.39
C ALA C 12 -21.43 -29.75 -13.12
N VAL C 13 -20.45 -30.61 -12.80
CA VAL C 13 -20.55 -31.49 -11.62
C VAL C 13 -20.51 -30.61 -10.37
N GLN C 14 -19.48 -29.79 -10.25
CA GLN C 14 -19.38 -28.85 -9.12
C GLN C 14 -20.66 -27.98 -9.00
N TYR C 15 -21.21 -27.51 -10.12
CA TYR C 15 -22.36 -26.61 -10.15
C TYR C 15 -23.62 -27.27 -9.56
N PHE C 16 -23.93 -28.49 -10.04
CA PHE C 16 -25.14 -29.22 -9.62
C PHE C 16 -24.96 -29.90 -8.23
N GLN C 17 -23.71 -30.21 -7.82
CA GLN C 17 -23.45 -30.69 -6.45
C GLN C 17 -23.73 -29.54 -5.44
N PHE C 18 -23.33 -28.31 -5.77
CA PHE C 18 -23.56 -27.13 -4.94
C PHE C 18 -25.06 -26.87 -4.74
N TYR C 19 -25.87 -27.03 -5.78
CA TYR C 19 -27.32 -26.74 -5.70
C TYR C 19 -28.15 -27.94 -5.20
N GLY C 20 -27.52 -29.10 -5.05
CA GLY C 20 -28.14 -30.27 -4.42
C GLY C 20 -28.24 -30.21 -2.89
N TYR C 21 -27.61 -29.25 -2.23
CA TYR C 21 -27.67 -29.14 -0.79
C TYR C 21 -28.89 -28.35 -0.32
N LEU C 22 -29.60 -28.91 0.64
CA LEU C 22 -30.68 -28.20 1.29
C LEU C 22 -30.21 -26.93 2.00
N SER C 23 -29.00 -26.93 2.55
CA SER C 23 -28.49 -25.72 3.17
C SER C 23 -28.41 -24.55 2.19
N GLN C 24 -28.04 -24.82 0.95
CA GLN C 24 -27.99 -23.75 -0.05
C GLN C 24 -29.41 -23.29 -0.37
N GLN C 25 -30.35 -24.22 -0.47
CA GLN C 25 -31.74 -23.89 -0.68
C GLN C 25 -32.23 -22.96 0.44
N GLN C 26 -31.89 -23.30 1.69
CA GLN C 26 -32.33 -22.56 2.83
C GLN C 26 -31.80 -21.13 2.75
N ASN C 27 -30.50 -21.02 2.49
CA ASN C 27 -29.83 -19.74 2.39
C ASN C 27 -30.58 -18.85 1.38
N MET C 28 -31.02 -19.41 0.27
CA MET C 28 -31.71 -18.59 -0.73
C MET C 28 -33.15 -18.26 -0.32
N MET C 29 -33.86 -19.20 0.29
CA MET C 29 -35.23 -18.99 0.70
C MET C 29 -35.36 -17.94 1.81
N GLN C 30 -34.33 -17.83 2.68
CA GLN C 30 -34.29 -16.88 3.77
C GLN C 30 -34.08 -15.44 3.30
N ASP C 31 -33.73 -15.21 2.05
CA ASP C 31 -33.73 -13.86 1.52
C ASP C 31 -35.18 -13.37 1.31
N TYR C 32 -35.69 -12.59 2.26
CA TYR C 32 -37.08 -12.21 2.24
C TYR C 32 -37.36 -11.31 1.01
N VAL C 33 -36.44 -10.44 0.64
CA VAL C 33 -36.71 -9.60 -0.51
C VAL C 33 -36.90 -10.44 -1.77
N ARG C 34 -36.00 -11.39 -2.02
CA ARG C 34 -36.10 -12.29 -3.20
C ARG C 34 -37.45 -12.97 -3.14
N THR C 35 -37.69 -13.73 -2.07
CA THR C 35 -38.80 -14.65 -2.06
C THR C 35 -40.13 -13.91 -2.08
N GLY C 36 -40.21 -12.84 -1.31
CA GLY C 36 -41.41 -12.06 -1.19
C GLY C 36 -41.73 -11.35 -2.48
N THR C 37 -40.70 -10.83 -3.16
CA THR C 37 -40.93 -10.13 -4.43
C THR C 37 -41.42 -11.10 -5.52
N TYR C 38 -40.81 -12.30 -5.62
CA TYR C 38 -41.33 -13.32 -6.52
C TYR C 38 -42.80 -13.64 -6.23
N GLN C 39 -43.14 -13.84 -4.95
CA GLN C 39 -44.49 -14.19 -4.61
C GLN C 39 -45.46 -13.07 -5.00
N ARG C 40 -45.07 -11.85 -4.75
CA ARG C 40 -45.87 -10.71 -5.05
C ARG C 40 -46.04 -10.58 -6.57
N ALA C 41 -44.99 -10.78 -7.34
CA ALA C 41 -45.08 -10.64 -8.79
C ALA C 41 -46.07 -11.64 -9.36
N ILE C 42 -46.02 -12.86 -8.83
CA ILE C 42 -46.87 -13.94 -9.31
C ILE C 42 -48.29 -13.73 -8.82
N LEU C 43 -48.51 -13.53 -7.52
CA LEU C 43 -49.90 -13.42 -7.00
C LEU C 43 -50.59 -12.13 -7.50
N GLN C 44 -49.88 -11.02 -7.64
CA GLN C 44 -50.53 -9.79 -8.13
C GLN C 44 -50.82 -9.86 -9.63
N ASN C 45 -50.16 -10.74 -10.38
CA ASN C 45 -50.50 -11.00 -11.78
C ASN C 45 -51.21 -12.37 -11.88
N HIS C 46 -52.16 -12.66 -11.00
CA HIS C 46 -52.86 -13.96 -11.00
C HIS C 46 -53.54 -14.28 -12.33
N THR C 47 -54.04 -13.29 -13.08
CA THR C 47 -54.65 -13.52 -14.42
C THR C 47 -53.68 -14.23 -15.38
N ASP C 48 -52.37 -13.99 -15.25
CA ASP C 48 -51.33 -14.62 -16.10
C ASP C 48 -51.03 -16.07 -15.73
N PHE C 49 -51.63 -16.58 -14.67
CA PHE C 49 -51.42 -17.93 -14.23
C PHE C 49 -52.73 -18.72 -14.23
N LYS C 50 -53.87 -18.09 -13.92
CA LYS C 50 -55.13 -18.78 -13.68
C LYS C 50 -55.46 -19.66 -14.88
N ASP C 51 -55.57 -20.96 -14.62
CA ASP C 51 -55.88 -22.00 -15.61
C ASP C 51 -54.86 -22.05 -16.78
N LYS C 52 -53.60 -21.67 -16.57
CA LYS C 52 -52.56 -21.71 -17.61
C LYS C 52 -51.55 -22.84 -17.34
N ILE C 53 -50.73 -23.16 -18.36
CA ILE C 53 -49.64 -24.09 -18.22
C ILE C 53 -48.35 -23.31 -17.97
N VAL C 54 -47.56 -23.73 -16.98
CA VAL C 54 -46.36 -22.98 -16.67
C VAL C 54 -45.16 -23.91 -16.61
N LEU C 55 -44.02 -23.41 -17.11
CA LEU C 55 -42.76 -24.07 -16.95
C LEU C 55 -41.89 -23.32 -15.93
N ASP C 56 -41.41 -24.03 -14.90
CA ASP C 56 -40.46 -23.50 -13.88
C ASP C 56 -39.05 -24.08 -14.15
N VAL C 57 -38.14 -23.20 -14.60
CA VAL C 57 -36.85 -23.59 -15.04
C VAL C 57 -35.88 -23.50 -13.87
N GLY C 58 -35.37 -24.66 -13.47
CA GLY C 58 -34.55 -24.77 -12.31
C GLY C 58 -35.33 -24.49 -11.05
N CYS C 59 -36.31 -25.33 -10.77
CA CYS C 59 -37.25 -25.12 -9.70
C CYS C 59 -36.62 -25.18 -8.30
N GLY C 60 -35.50 -25.86 -8.15
CA GLY C 60 -34.85 -25.99 -6.84
C GLY C 60 -35.72 -26.81 -5.91
N SER C 61 -35.92 -26.25 -4.71
CA SER C 61 -36.88 -26.70 -3.67
C SER C 61 -38.32 -26.74 -4.22
N GLY C 62 -38.61 -25.92 -5.24
CA GLY C 62 -39.90 -25.93 -5.91
C GLY C 62 -40.75 -24.72 -5.51
N ILE C 63 -40.16 -23.75 -4.82
CA ILE C 63 -40.89 -22.64 -4.27
C ILE C 63 -41.66 -21.84 -5.35
N LEU C 64 -41.07 -21.58 -6.53
CA LEU C 64 -41.83 -20.75 -7.51
C LEU C 64 -43.04 -21.50 -8.08
N SER C 65 -42.91 -22.81 -8.23
CA SER C 65 -43.99 -23.66 -8.65
C SER C 65 -45.16 -23.56 -7.67
N PHE C 66 -44.85 -23.61 -6.36
CA PHE C 66 -45.90 -23.48 -5.37
C PHE C 66 -46.59 -22.11 -5.54
N PHE C 67 -45.83 -21.04 -5.81
CA PHE C 67 -46.45 -19.77 -6.00
C PHE C 67 -47.34 -19.75 -7.27
N ALA C 68 -46.90 -20.37 -8.37
CA ALA C 68 -47.72 -20.42 -9.53
C ALA C 68 -49.00 -21.20 -9.22
N ALA C 69 -48.92 -22.26 -8.41
CA ALA C 69 -50.10 -23.02 -7.98
C ALA C 69 -51.05 -22.15 -7.14
N GLN C 70 -50.53 -21.39 -6.17
CA GLN C 70 -51.32 -20.45 -5.38
C GLN C 70 -52.09 -19.46 -6.29
N ALA C 71 -51.54 -19.12 -7.45
CA ALA C 71 -52.16 -18.16 -8.32
C ALA C 71 -53.19 -18.78 -9.25
N GLY C 72 -53.31 -20.10 -9.25
CA GLY C 72 -54.39 -20.80 -9.99
C GLY C 72 -53.95 -21.45 -11.30
N ALA C 73 -52.67 -21.82 -11.46
CA ALA C 73 -52.23 -22.48 -12.67
C ALA C 73 -52.87 -23.88 -12.74
N ARG C 74 -53.30 -24.28 -13.94
CA ARG C 74 -53.77 -25.65 -14.20
C ARG C 74 -52.63 -26.67 -13.99
N LYS C 75 -51.46 -26.41 -14.56
CA LYS C 75 -50.34 -27.33 -14.53
C LYS C 75 -49.01 -26.58 -14.55
N ILE C 76 -48.04 -27.11 -13.77
CA ILE C 76 -46.72 -26.57 -13.70
C ILE C 76 -45.70 -27.67 -13.89
N TYR C 77 -44.87 -27.52 -14.93
CA TYR C 77 -43.73 -28.41 -15.14
C TYR C 77 -42.53 -27.76 -14.50
N ALA C 78 -41.96 -28.44 -13.53
CA ALA C 78 -40.91 -27.89 -12.78
C ALA C 78 -39.68 -28.69 -13.12
N VAL C 79 -38.79 -28.10 -13.88
CA VAL C 79 -37.63 -28.80 -14.39
C VAL C 79 -36.45 -28.51 -13.49
N GLU C 80 -35.76 -29.58 -13.08
CA GLU C 80 -34.62 -29.39 -12.14
C GLU C 80 -33.55 -30.48 -12.36
N ALA C 81 -32.31 -30.04 -12.38
CA ALA C 81 -31.22 -30.87 -12.84
C ALA C 81 -30.42 -31.47 -11.70
N SER C 82 -30.45 -30.85 -10.52
CA SER C 82 -29.74 -31.42 -9.36
C SER C 82 -30.59 -32.51 -8.71
N THR C 83 -30.00 -33.17 -7.71
CA THR C 83 -30.71 -34.12 -6.82
C THR C 83 -31.78 -33.43 -5.97
N MET C 84 -31.82 -32.11 -5.99
CA MET C 84 -32.92 -31.34 -5.41
C MET C 84 -34.29 -31.70 -6.01
N ALA C 85 -34.33 -32.25 -7.21
CA ALA C 85 -35.59 -32.70 -7.80
C ALA C 85 -36.36 -33.67 -6.91
N GLN C 86 -35.64 -34.59 -6.25
CA GLN C 86 -36.25 -35.62 -5.41
C GLN C 86 -36.90 -34.97 -4.17
N HIS C 87 -36.25 -33.95 -3.58
CA HIS C 87 -36.73 -33.21 -2.46
C HIS C 87 -37.94 -32.36 -2.86
N ALA C 88 -37.92 -31.74 -4.05
CA ALA C 88 -39.11 -31.06 -4.57
C ALA C 88 -40.30 -32.02 -4.66
N GLU C 89 -40.08 -33.24 -5.13
CA GLU C 89 -41.20 -34.17 -5.29
C GLU C 89 -41.79 -34.48 -3.90
N VAL C 90 -40.94 -34.69 -2.90
CA VAL C 90 -41.40 -34.85 -1.53
C VAL C 90 -42.32 -33.68 -1.12
N LEU C 91 -41.92 -32.44 -1.37
CA LEU C 91 -42.77 -31.32 -1.00
C LEU C 91 -44.07 -31.30 -1.80
N VAL C 92 -44.05 -31.69 -3.06
CA VAL C 92 -45.25 -31.62 -3.85
C VAL C 92 -46.30 -32.60 -3.29
N LYS C 93 -45.86 -33.78 -2.87
CA LYS C 93 -46.74 -34.80 -2.26
C LYS C 93 -47.31 -34.30 -0.93
N SER C 94 -46.46 -33.79 -0.06
CA SER C 94 -46.90 -33.41 1.26
C SER C 94 -47.70 -32.11 1.23
N ASN C 95 -47.66 -31.30 0.17
CA ASN C 95 -48.58 -30.15 0.08
C ASN C 95 -49.77 -30.47 -0.86
N ASN C 96 -49.99 -31.76 -1.21
CA ASN C 96 -51.16 -32.24 -1.96
C ASN C 96 -51.31 -31.52 -3.29
N LEU C 97 -50.24 -31.43 -4.07
CA LEU C 97 -50.32 -30.76 -5.33
C LEU C 97 -49.80 -31.64 -6.47
N THR C 98 -49.87 -32.97 -6.33
CA THR C 98 -49.46 -33.87 -7.41
C THR C 98 -50.36 -33.76 -8.67
N ASP C 99 -51.62 -33.35 -8.48
CA ASP C 99 -52.51 -33.05 -9.60
C ASP C 99 -52.05 -31.82 -10.44
N ARG C 100 -51.18 -30.96 -9.92
CA ARG C 100 -50.88 -29.65 -10.57
C ARG C 100 -49.40 -29.37 -10.78
N ILE C 101 -48.50 -29.94 -9.98
CA ILE C 101 -47.07 -29.75 -10.15
C ILE C 101 -46.41 -31.06 -10.51
N VAL C 102 -45.77 -31.07 -11.66
CA VAL C 102 -45.07 -32.22 -12.14
C VAL C 102 -43.58 -31.91 -12.16
N VAL C 103 -42.83 -32.64 -11.34
CA VAL C 103 -41.42 -32.42 -11.31
C VAL C 103 -40.81 -33.26 -12.41
N ILE C 104 -40.02 -32.62 -13.28
CA ILE C 104 -39.30 -33.33 -14.33
C ILE C 104 -37.81 -33.24 -14.07
N PRO C 105 -37.13 -34.35 -13.74
CA PRO C 105 -35.69 -34.31 -13.50
C PRO C 105 -34.93 -34.20 -14.83
N GLY C 106 -33.91 -33.33 -14.87
CA GLY C 106 -33.02 -33.22 -16.01
C GLY C 106 -32.73 -31.76 -16.33
N LYS C 107 -31.93 -31.51 -17.37
CA LYS C 107 -31.62 -30.18 -17.81
C LYS C 107 -32.65 -29.77 -18.85
N VAL C 108 -33.01 -28.49 -18.88
CA VAL C 108 -34.11 -28.02 -19.70
C VAL C 108 -33.76 -28.12 -21.18
N GLU C 109 -32.47 -28.18 -21.47
CA GLU C 109 -31.97 -28.41 -22.83
C GLU C 109 -32.10 -29.87 -23.27
N GLU C 110 -32.47 -30.81 -22.39
CA GLU C 110 -32.40 -32.24 -22.67
C GLU C 110 -33.73 -32.96 -22.40
N VAL C 111 -34.59 -32.43 -21.54
CA VAL C 111 -35.84 -33.09 -21.21
C VAL C 111 -36.85 -32.88 -22.32
N SER C 112 -37.98 -33.59 -22.24
CA SER C 112 -39.07 -33.54 -23.17
C SER C 112 -40.36 -33.15 -22.43
N LEU C 113 -41.02 -32.08 -22.86
CA LEU C 113 -42.26 -31.70 -22.16
C LEU C 113 -43.46 -32.08 -23.00
N PRO C 114 -44.54 -32.54 -22.37
CA PRO C 114 -45.71 -32.98 -23.11
C PRO C 114 -46.45 -31.90 -23.90
N GLU C 115 -46.39 -30.64 -23.47
CA GLU C 115 -47.11 -29.59 -24.17
C GLU C 115 -46.31 -28.29 -24.12
N GLN C 116 -46.76 -27.33 -24.93
CA GLN C 116 -46.25 -25.99 -24.92
C GLN C 116 -46.83 -25.26 -23.71
N VAL C 117 -46.13 -24.21 -23.24
CA VAL C 117 -46.54 -23.51 -22.02
C VAL C 117 -46.90 -22.05 -22.28
N ASP C 118 -47.73 -21.51 -21.40
CA ASP C 118 -48.26 -20.18 -21.53
C ASP C 118 -47.26 -19.17 -20.96
N ILE C 119 -46.44 -19.63 -20.03
CA ILE C 119 -45.53 -18.74 -19.32
C ILE C 119 -44.40 -19.53 -18.68
N ILE C 120 -43.22 -18.91 -18.70
CA ILE C 120 -42.03 -19.48 -18.13
C ILE C 120 -41.62 -18.67 -16.92
N ILE C 121 -41.23 -19.34 -15.84
CA ILE C 121 -40.77 -18.65 -14.62
C ILE C 121 -39.43 -19.24 -14.19
N SER C 122 -38.55 -18.39 -13.66
CA SER C 122 -37.24 -18.84 -13.24
C SER C 122 -36.61 -17.77 -12.38
N GLU C 123 -35.57 -18.15 -11.64
CA GLU C 123 -34.66 -17.25 -10.99
C GLU C 123 -33.29 -17.46 -11.63
N PRO C 124 -33.04 -16.92 -12.83
CA PRO C 124 -31.78 -17.19 -13.49
C PRO C 124 -30.64 -16.23 -13.16
N MET C 125 -30.90 -15.19 -12.39
CA MET C 125 -29.93 -14.13 -12.19
C MET C 125 -28.88 -14.61 -11.20
N GLY C 126 -27.60 -14.40 -11.53
CA GLY C 126 -26.46 -14.60 -10.66
C GLY C 126 -25.84 -13.27 -10.26
N TYR C 127 -24.67 -13.32 -9.61
CA TYR C 127 -23.94 -12.11 -9.34
C TYR C 127 -23.80 -11.35 -10.65
N MET C 128 -24.05 -10.05 -10.59
CA MET C 128 -23.88 -9.19 -11.76
C MET C 128 -24.82 -9.62 -12.90
N LEU C 129 -25.90 -10.31 -12.53
CA LEU C 129 -26.96 -10.84 -13.44
C LEU C 129 -26.50 -12.10 -14.16
N PHE C 130 -25.29 -12.10 -14.75
CA PHE C 130 -24.95 -13.05 -15.78
C PHE C 130 -24.20 -14.28 -15.27
N ASN C 131 -23.58 -14.21 -14.10
CA ASN C 131 -22.78 -15.31 -13.59
C ASN C 131 -23.63 -16.59 -13.49
N GLU C 132 -22.97 -17.75 -13.71
CA GLU C 132 -23.59 -19.12 -13.75
C GLU C 132 -24.21 -19.46 -15.13
N ARG C 133 -24.39 -18.43 -15.99
CA ARG C 133 -24.91 -18.55 -17.35
C ARG C 133 -26.25 -19.26 -17.38
N MET C 134 -27.05 -19.02 -16.37
CA MET C 134 -28.33 -19.65 -16.33
C MET C 134 -29.32 -18.90 -17.24
N LEU C 135 -29.00 -17.67 -17.64
CA LEU C 135 -29.87 -16.97 -18.57
C LEU C 135 -29.97 -17.71 -19.90
N GLU C 136 -28.91 -18.40 -20.26
CA GLU C 136 -28.92 -19.14 -21.48
C GLU C 136 -29.95 -20.27 -21.40
N SER C 137 -30.06 -20.97 -20.25
CA SER C 137 -31.01 -22.06 -20.18
C SER C 137 -32.42 -21.48 -20.15
N TYR C 138 -32.60 -20.39 -19.42
CA TYR C 138 -33.87 -19.73 -19.40
C TYR C 138 -34.30 -19.35 -20.82
N LEU C 139 -33.41 -18.78 -21.63
CA LEU C 139 -33.75 -18.37 -23.00
C LEU C 139 -33.99 -19.57 -23.91
N HIS C 140 -33.16 -20.60 -23.80
CA HIS C 140 -33.35 -21.87 -24.52
C HIS C 140 -34.76 -22.41 -24.33
N ALA C 141 -35.29 -22.34 -23.11
CA ALA C 141 -36.63 -22.83 -22.80
C ALA C 141 -37.73 -22.09 -23.57
N LYS C 142 -37.42 -21.01 -24.32
CA LYS C 142 -38.48 -20.37 -25.13
C LYS C 142 -38.99 -21.29 -26.23
N LYS C 143 -38.23 -22.33 -26.54
CA LYS C 143 -38.66 -23.33 -27.48
C LYS C 143 -39.96 -24.02 -27.02
N TYR C 144 -40.26 -24.07 -25.70
CA TYR C 144 -41.53 -24.62 -25.25
C TYR C 144 -42.61 -23.54 -25.08
N LEU C 145 -42.34 -22.31 -25.46
CA LEU C 145 -43.28 -21.24 -25.16
C LEU C 145 -44.29 -21.05 -26.30
N LYS C 146 -45.58 -21.06 -25.97
CA LYS C 146 -46.60 -20.73 -26.95
C LYS C 146 -46.36 -19.33 -27.48
N PRO C 147 -46.81 -19.04 -28.74
CA PRO C 147 -46.80 -17.68 -29.27
C PRO C 147 -47.61 -16.74 -28.35
N SER C 148 -47.12 -15.53 -28.12
CA SER C 148 -47.72 -14.58 -27.17
C SER C 148 -47.55 -15.02 -25.69
N GLY C 149 -46.69 -16.00 -25.41
CA GLY C 149 -46.42 -16.36 -24.04
C GLY C 149 -45.53 -15.35 -23.30
N ASN C 150 -45.57 -15.39 -21.98
CA ASN C 150 -44.86 -14.46 -21.17
C ASN C 150 -43.68 -15.17 -20.49
N MET C 151 -42.73 -14.38 -19.98
CA MET C 151 -41.64 -14.84 -19.19
C MET C 151 -41.53 -13.99 -17.93
N PHE C 152 -41.29 -14.65 -16.78
CA PHE C 152 -41.08 -14.04 -15.47
C PHE C 152 -39.73 -14.50 -14.91
N PRO C 153 -38.72 -13.62 -14.84
CA PRO C 153 -38.75 -12.21 -15.16
C PRO C 153 -38.71 -11.98 -16.66
N THR C 154 -39.12 -10.77 -17.05
CA THR C 154 -39.35 -10.41 -18.41
C THR C 154 -38.17 -9.61 -18.96
N ILE C 155 -37.65 -8.67 -18.16
CA ILE C 155 -36.47 -7.87 -18.53
C ILE C 155 -35.45 -7.84 -17.39
N GLY C 156 -34.21 -7.58 -17.75
CA GLY C 156 -33.12 -7.39 -16.78
C GLY C 156 -32.35 -6.15 -17.15
N ASP C 157 -32.03 -5.33 -16.16
CA ASP C 157 -31.19 -4.15 -16.37
C ASP C 157 -29.91 -4.34 -15.56
N VAL C 158 -28.75 -4.34 -16.20
CA VAL C 158 -27.51 -4.20 -15.47
C VAL C 158 -27.17 -2.73 -15.35
N HIS C 159 -26.81 -2.31 -14.13
CA HIS C 159 -26.36 -0.96 -13.84
C HIS C 159 -24.88 -0.97 -13.46
N LEU C 160 -24.10 -0.02 -14.00
CA LEU C 160 -22.73 0.17 -13.60
C LEU C 160 -22.52 1.64 -13.31
N ALA C 161 -21.62 1.89 -12.35
CA ALA C 161 -21.19 3.21 -12.00
C ALA C 161 -19.79 3.18 -11.40
N PRO C 162 -18.98 4.21 -11.66
CA PRO C 162 -17.64 4.30 -11.12
C PRO C 162 -17.71 4.61 -9.64
N PHE C 163 -16.76 4.09 -8.88
CA PHE C 163 -16.73 4.31 -7.44
C PHE C 163 -15.32 4.64 -6.94
N THR C 164 -15.28 5.23 -5.73
CA THR C 164 -14.05 5.52 -5.01
C THR C 164 -14.10 4.84 -3.65
N ASP C 165 -13.11 4.00 -3.35
CA ASP C 165 -13.05 3.31 -2.09
C ASP C 165 -11.60 2.96 -1.80
N GLU C 166 -10.91 3.89 -1.15
CA GLU C 166 -9.51 3.78 -0.87
C GLU C 166 -9.24 2.56 0.00
N GLN C 167 -10.11 2.26 0.94
CA GLN C 167 -9.86 1.19 1.91
C GLN C 167 -9.96 -0.20 1.25
N LEU C 168 -10.88 -0.35 0.31
CA LEU C 168 -10.97 -1.58 -0.47
C LEU C 168 -9.75 -1.77 -1.36
N TYR C 169 -9.35 -0.72 -2.06
CA TYR C 169 -8.17 -0.79 -2.86
C TYR C 169 -6.96 -1.20 -2.02
N MET C 170 -6.84 -0.64 -0.81
CA MET C 170 -5.65 -0.88 0.00
C MET C 170 -5.68 -2.29 0.61
N GLU C 171 -6.86 -2.81 0.99
CA GLU C 171 -6.94 -4.20 1.45
C GLU C 171 -6.34 -5.18 0.40
N GLN C 172 -6.77 -5.00 -0.86
CA GLN C 172 -6.39 -5.90 -1.94
C GLN C 172 -4.91 -5.75 -2.29
N PHE C 173 -4.41 -4.53 -2.27
CA PHE C 173 -3.06 -4.26 -2.61
C PHE C 173 -2.14 -4.77 -1.50
N THR C 174 -2.60 -4.62 -0.27
CA THR C 174 -1.82 -5.08 0.85
C THR C 174 -1.69 -6.60 0.80
N LYS C 175 -2.75 -7.34 0.48
CA LYS C 175 -2.64 -8.78 0.43
C LYS C 175 -1.63 -9.18 -0.64
N ALA C 176 -1.66 -8.50 -1.78
CA ALA C 176 -0.78 -8.86 -2.87
C ALA C 176 0.69 -8.55 -2.58
N ASN C 177 0.91 -7.56 -1.72
CA ASN C 177 2.25 -7.11 -1.47
C ASN C 177 3.00 -8.08 -0.58
N PHE C 178 2.33 -9.12 -0.12
CA PHE C 178 3.06 -10.22 0.51
C PHE C 178 4.19 -10.71 -0.40
N TRP C 179 3.94 -10.64 -1.72
CA TRP C 179 4.84 -11.12 -2.71
C TRP C 179 5.97 -10.10 -3.00
N TYR C 180 6.05 -8.93 -2.34
CA TYR C 180 7.25 -8.07 -2.42
C TYR C 180 8.46 -8.48 -1.57
N GLN C 181 8.34 -9.50 -0.72
CA GLN C 181 9.29 -9.72 0.32
C GLN C 181 10.61 -10.19 -0.27
N PRO C 182 11.74 -9.46 -0.15
CA PRO C 182 13.02 -10.00 -0.62
C PRO C 182 13.59 -11.11 0.26
N SER C 183 13.05 -11.35 1.46
CA SER C 183 13.67 -12.42 2.23
C SER C 183 12.67 -13.03 3.22
N PHE C 184 11.74 -13.81 2.64
CA PHE C 184 10.78 -14.62 3.32
C PHE C 184 11.45 -15.93 3.72
N HIS C 185 11.82 -16.06 4.97
CA HIS C 185 12.60 -17.18 5.44
C HIS C 185 13.81 -17.43 4.55
N GLY C 186 14.47 -16.36 4.11
CA GLY C 186 15.66 -16.48 3.31
C GLY C 186 15.36 -16.60 1.81
N VAL C 187 14.12 -16.35 1.37
CA VAL C 187 13.78 -16.50 -0.03
C VAL C 187 13.17 -15.23 -0.60
N ASP C 188 13.59 -14.88 -1.79
CA ASP C 188 13.12 -13.70 -2.42
C ASP C 188 11.90 -14.03 -3.27
N LEU C 189 10.75 -13.48 -2.90
CA LEU C 189 9.48 -13.78 -3.63
C LEU C 189 9.15 -12.71 -4.68
N SER C 190 9.92 -11.63 -4.75
CA SER C 190 9.46 -10.40 -5.39
C SER C 190 9.19 -10.54 -6.90
N ALA C 191 9.79 -11.53 -7.54
CA ALA C 191 9.58 -11.73 -8.97
C ALA C 191 8.13 -12.16 -9.27
N LEU C 192 7.37 -12.64 -8.27
CA LEU C 192 5.98 -13.03 -8.45
C LEU C 192 5.00 -11.92 -8.06
N ARG C 193 5.47 -10.76 -7.63
CA ARG C 193 4.57 -9.73 -7.19
C ARG C 193 3.59 -9.33 -8.28
N GLY C 194 4.05 -9.12 -9.50
CA GLY C 194 3.18 -8.79 -10.62
C GLY C 194 2.06 -9.80 -10.82
N ALA C 195 2.40 -11.09 -10.81
CA ALA C 195 1.44 -12.15 -10.99
C ALA C 195 0.43 -12.16 -9.83
N ALA C 196 0.90 -11.88 -8.62
CA ALA C 196 0.06 -11.89 -7.47
C ALA C 196 -0.91 -10.72 -7.55
N VAL C 197 -0.46 -9.51 -7.90
CA VAL C 197 -1.41 -8.39 -8.04
C VAL C 197 -2.46 -8.75 -9.09
N ASP C 198 -2.06 -9.31 -10.22
CA ASP C 198 -3.01 -9.67 -11.25
C ASP C 198 -4.09 -10.58 -10.68
N GLU C 199 -3.67 -11.62 -9.95
CA GLU C 199 -4.61 -12.60 -9.40
C GLU C 199 -5.58 -11.92 -8.42
N TYR C 200 -5.11 -11.04 -7.55
CA TYR C 200 -6.03 -10.41 -6.58
C TYR C 200 -7.03 -9.48 -7.28
N PHE C 201 -6.57 -8.76 -8.29
CA PHE C 201 -7.40 -7.73 -8.90
C PHE C 201 -8.35 -8.33 -9.94
N ARG C 202 -8.05 -9.55 -10.40
CA ARG C 202 -8.93 -10.34 -11.23
C ARG C 202 -10.18 -10.77 -10.46
N GLN C 203 -10.21 -10.67 -9.13
CA GLN C 203 -11.38 -11.17 -8.45
C GLN C 203 -12.39 -10.06 -8.18
N PRO C 204 -13.65 -10.17 -8.63
CA PRO C 204 -14.64 -9.17 -8.28
C PRO C 204 -15.01 -9.29 -6.81
N VAL C 205 -15.37 -8.16 -6.22
CA VAL C 205 -15.68 -8.09 -4.84
C VAL C 205 -17.19 -8.03 -4.66
N VAL C 206 -17.71 -8.98 -3.92
CA VAL C 206 -19.09 -9.05 -3.66
C VAL C 206 -19.34 -8.58 -2.24
N ASP C 207 -20.04 -7.46 -2.10
CA ASP C 207 -20.49 -6.92 -0.81
C ASP C 207 -21.29 -5.66 -1.08
N THR C 208 -21.77 -5.02 -0.01
CA THR C 208 -22.61 -3.86 -0.15
C THR C 208 -21.75 -2.62 0.13
N PHE C 209 -22.34 -1.44 -0.05
CA PHE C 209 -21.60 -0.24 0.09
C PHE C 209 -22.56 0.95 0.19
N ASP C 210 -22.10 2.03 0.80
CA ASP C 210 -22.85 3.27 0.86
C ASP C 210 -22.81 3.93 -0.52
N ILE C 211 -23.95 4.41 -1.03
CA ILE C 211 -24.00 5.10 -2.34
C ILE C 211 -23.16 6.39 -2.37
N ARG C 212 -22.66 6.86 -1.22
CA ARG C 212 -21.82 8.06 -1.19
C ARG C 212 -20.54 7.81 -2.01
N ILE C 213 -20.12 6.54 -2.14
CA ILE C 213 -18.89 6.27 -2.90
C ILE C 213 -19.07 6.39 -4.43
N LEU C 214 -20.29 6.42 -4.96
CA LEU C 214 -20.46 6.44 -6.41
C LEU C 214 -20.23 7.85 -6.93
N MET C 215 -19.57 7.95 -8.06
CA MET C 215 -19.11 9.25 -8.52
C MET C 215 -19.82 9.70 -9.79
N ALA C 216 -20.85 8.97 -10.23
CA ALA C 216 -21.63 9.36 -11.38
C ALA C 216 -22.97 8.64 -11.41
N LYS C 217 -23.93 9.25 -12.11
CA LYS C 217 -25.13 8.58 -12.49
C LYS C 217 -24.77 7.26 -13.17
N SER C 218 -25.52 6.19 -12.83
CA SER C 218 -25.24 4.86 -13.38
C SER C 218 -25.62 4.79 -14.86
N VAL C 219 -25.05 3.81 -15.57
CA VAL C 219 -25.40 3.49 -16.94
C VAL C 219 -26.09 2.14 -16.94
N LYS C 220 -27.09 2.01 -17.80
CA LYS C 220 -28.01 0.90 -17.82
C LYS C 220 -27.76 0.12 -19.10
N TYR C 221 -27.74 -1.20 -18.99
CA TYR C 221 -27.76 -2.07 -20.14
C TYR C 221 -28.91 -3.06 -19.96
N THR C 222 -29.78 -3.14 -20.95
CA THR C 222 -31.03 -3.83 -20.86
C THR C 222 -31.03 -5.07 -21.73
N VAL C 223 -31.40 -6.20 -21.14
CA VAL C 223 -31.70 -7.41 -21.85
C VAL C 223 -33.21 -7.66 -21.81
N ASN C 224 -33.86 -7.80 -22.96
CA ASN C 224 -35.29 -8.13 -23.01
C ASN C 224 -35.42 -9.64 -23.22
N PHE C 225 -35.84 -10.40 -22.21
CA PHE C 225 -35.74 -11.87 -22.31
C PHE C 225 -36.76 -12.45 -23.28
N LEU C 226 -37.86 -11.75 -23.54
CA LEU C 226 -38.82 -12.15 -24.56
C LEU C 226 -38.24 -12.14 -25.98
N GLU C 227 -37.30 -11.25 -26.26
CA GLU C 227 -36.72 -11.11 -27.60
C GLU C 227 -35.34 -11.74 -27.74
N ALA C 228 -34.55 -11.87 -26.67
CA ALA C 228 -33.16 -12.35 -26.81
C ALA C 228 -33.05 -13.85 -27.19
N LYS C 229 -32.05 -14.19 -27.99
CA LYS C 229 -31.67 -15.55 -28.34
C LYS C 229 -30.49 -15.95 -27.46
N GLU C 230 -30.29 -17.25 -27.26
CA GLU C 230 -29.15 -17.79 -26.52
C GLU C 230 -27.84 -17.16 -26.93
N GLY C 231 -27.61 -17.00 -28.23
CA GLY C 231 -26.32 -16.51 -28.74
C GLY C 231 -26.01 -15.06 -28.37
N ASP C 232 -27.01 -14.26 -28.01
CA ASP C 232 -26.79 -12.86 -27.64
C ASP C 232 -25.95 -12.77 -26.36
N LEU C 233 -25.90 -13.85 -25.56
CA LEU C 233 -25.21 -13.80 -24.30
C LEU C 233 -23.82 -14.42 -24.30
N HIS C 234 -23.30 -14.84 -25.44
CA HIS C 234 -21.94 -15.32 -25.50
C HIS C 234 -20.95 -14.17 -25.45
N ARG C 235 -21.36 -12.99 -25.95
CA ARG C 235 -20.51 -11.86 -26.01
C ARG C 235 -21.36 -10.64 -25.74
N ILE C 236 -21.15 -9.99 -24.60
CA ILE C 236 -21.96 -8.87 -24.21
C ILE C 236 -21.07 -7.64 -24.11
N GLU C 237 -21.34 -6.64 -24.95
CA GLU C 237 -20.57 -5.42 -25.03
C GLU C 237 -21.40 -4.30 -24.40
N ILE C 238 -20.87 -3.67 -23.36
CA ILE C 238 -21.57 -2.62 -22.65
C ILE C 238 -20.75 -1.34 -22.73
N PRO C 239 -21.09 -0.43 -23.66
CA PRO C 239 -20.34 0.81 -23.78
C PRO C 239 -20.85 1.71 -22.65
N PHE C 240 -19.98 2.57 -22.13
CA PHE C 240 -20.38 3.54 -21.12
C PHE C 240 -19.66 4.86 -21.31
N LYS C 241 -20.33 5.91 -20.80
CA LYS C 241 -19.87 7.30 -20.85
C LYS C 241 -20.38 8.01 -19.59
N PHE C 242 -19.56 8.08 -18.55
CA PHE C 242 -19.97 8.71 -17.29
C PHE C 242 -19.58 10.20 -17.28
N HIS C 243 -20.48 11.04 -16.77
CA HIS C 243 -20.20 12.43 -16.42
C HIS C 243 -19.90 12.52 -14.90
N MET C 244 -18.65 12.80 -14.55
CA MET C 244 -18.24 12.70 -13.15
C MET C 244 -18.86 13.83 -12.35
N LEU C 245 -19.49 13.51 -11.22
CA LEU C 245 -20.11 14.52 -10.34
C LEU C 245 -19.23 14.92 -9.16
N HIS C 246 -18.21 14.12 -8.89
CA HIS C 246 -17.25 14.37 -7.80
C HIS C 246 -15.84 14.14 -8.35
N SER C 247 -14.89 14.92 -7.88
CA SER C 247 -13.50 14.71 -8.20
C SER C 247 -12.96 13.66 -7.23
N GLY C 248 -11.98 12.88 -7.68
CA GLY C 248 -11.40 11.88 -6.84
C GLY C 248 -10.74 10.82 -7.68
N LEU C 249 -10.07 9.88 -7.01
CA LEU C 249 -9.57 8.69 -7.62
C LEU C 249 -10.74 7.72 -7.81
N VAL C 250 -10.87 7.22 -9.04
CA VAL C 250 -11.84 6.23 -9.37
C VAL C 250 -11.13 4.88 -9.21
N HIS C 251 -11.60 4.04 -8.29
CA HIS C 251 -10.96 2.78 -8.04
C HIS C 251 -11.55 1.59 -8.80
N GLY C 252 -12.71 1.76 -9.43
CA GLY C 252 -13.26 0.76 -10.31
C GLY C 252 -14.72 1.04 -10.66
N LEU C 253 -15.45 -0.02 -11.03
CA LEU C 253 -16.82 0.09 -11.40
C LEU C 253 -17.68 -0.83 -10.51
N ALA C 254 -18.86 -0.35 -10.15
CA ALA C 254 -19.80 -1.10 -9.36
C ALA C 254 -20.95 -1.56 -10.26
N PHE C 255 -21.39 -2.80 -10.06
CA PHE C 255 -22.43 -3.37 -10.82
C PHE C 255 -23.56 -3.83 -9.90
N TRP C 256 -24.77 -3.63 -10.35
CA TRP C 256 -25.90 -4.22 -9.74
C TRP C 256 -26.95 -4.46 -10.83
N PHE C 257 -28.06 -5.12 -10.47
CA PHE C 257 -29.07 -5.35 -11.50
C PHE C 257 -30.48 -5.24 -10.96
N ASP C 258 -31.40 -5.00 -11.88
CA ASP C 258 -32.83 -4.96 -11.65
C ASP C 258 -33.48 -5.95 -12.60
N VAL C 259 -34.48 -6.69 -12.15
CA VAL C 259 -35.31 -7.41 -13.11
C VAL C 259 -36.75 -6.95 -12.95
N ALA C 260 -37.51 -7.04 -14.04
CA ALA C 260 -38.92 -6.68 -14.00
C ALA C 260 -39.77 -7.87 -14.43
N PHE C 261 -40.84 -8.11 -13.65
CA PHE C 261 -41.87 -9.01 -13.99
C PHE C 261 -43.03 -8.22 -14.60
N ILE C 262 -43.14 -8.19 -15.92
CA ILE C 262 -44.14 -7.39 -16.64
C ILE C 262 -45.39 -8.24 -16.90
N GLY C 263 -46.34 -8.20 -15.98
CA GLY C 263 -47.60 -8.91 -16.12
C GLY C 263 -48.67 -8.05 -16.77
N SER C 264 -49.84 -8.67 -16.94
CA SER C 264 -51.06 -8.01 -17.45
C SER C 264 -51.62 -7.00 -16.45
N ILE C 265 -51.59 -7.32 -15.16
CA ILE C 265 -52.16 -6.42 -14.14
C ILE C 265 -51.12 -5.38 -13.76
N MET C 266 -49.89 -5.79 -13.48
CA MET C 266 -48.90 -4.80 -13.06
C MET C 266 -47.46 -5.31 -13.29
N THR C 267 -46.54 -4.34 -13.29
CA THR C 267 -45.16 -4.60 -13.36
C THR C 267 -44.58 -4.62 -11.94
N VAL C 268 -43.83 -5.67 -11.56
CA VAL C 268 -43.11 -5.66 -10.29
C VAL C 268 -41.63 -5.71 -10.55
N TRP C 269 -40.87 -4.89 -9.80
CA TRP C 269 -39.40 -4.84 -9.88
C TRP C 269 -38.75 -5.55 -8.71
N LEU C 270 -37.66 -6.25 -9.00
CA LEU C 270 -36.78 -6.77 -8.01
C LEU C 270 -35.43 -6.15 -8.26
N SER C 271 -35.00 -5.34 -7.33
CA SER C 271 -33.82 -4.51 -7.50
C SER C 271 -32.75 -4.93 -6.49
N THR C 272 -31.50 -4.95 -6.93
CA THR C 272 -30.40 -5.20 -6.05
C THR C 272 -29.56 -3.96 -5.94
N ALA C 273 -30.13 -2.81 -6.31
CA ALA C 273 -29.44 -1.51 -6.18
C ALA C 273 -28.98 -1.30 -4.74
N PRO C 274 -27.92 -0.50 -4.53
CA PRO C 274 -27.45 -0.19 -3.18
C PRO C 274 -28.34 0.81 -2.44
N THR C 275 -29.23 1.52 -3.15
CA THR C 275 -30.30 2.36 -2.53
C THR C 275 -31.46 1.54 -1.99
N GLU C 276 -31.50 0.22 -2.26
CA GLU C 276 -32.64 -0.65 -1.95
C GLU C 276 -32.28 -1.61 -0.83
N PRO C 277 -33.27 -2.26 -0.18
CA PRO C 277 -32.91 -3.24 0.84
C PRO C 277 -32.07 -4.40 0.28
N LEU C 278 -31.20 -4.89 1.13
CA LEU C 278 -30.15 -5.81 0.74
C LEU C 278 -30.76 -7.15 0.33
N THR C 279 -30.14 -7.81 -0.64
CA THR C 279 -30.44 -9.16 -1.07
C THR C 279 -29.18 -10.00 -0.97
N HIS C 280 -29.30 -11.31 -1.18
CA HIS C 280 -28.15 -12.19 -1.09
C HIS C 280 -27.28 -12.08 -2.35
N TRP C 281 -27.65 -11.22 -3.31
CA TRP C 281 -26.77 -10.88 -4.47
C TRP C 281 -25.82 -9.71 -4.17
N TYR C 282 -26.08 -8.98 -3.09
CA TYR C 282 -25.34 -7.82 -2.72
C TYR C 282 -25.17 -6.91 -3.94
N GLN C 283 -23.96 -6.37 -4.11
CA GLN C 283 -23.50 -5.72 -5.28
C GLN C 283 -22.09 -6.22 -5.58
N VAL C 284 -21.58 -5.85 -6.76
CA VAL C 284 -20.33 -6.37 -7.22
C VAL C 284 -19.47 -5.21 -7.69
N ARG C 285 -18.20 -5.27 -7.34
CA ARG C 285 -17.27 -4.23 -7.67
C ARG C 285 -16.04 -4.83 -8.33
N CYS C 286 -15.60 -4.21 -9.43
CA CYS C 286 -14.44 -4.60 -10.16
C CYS C 286 -13.40 -3.51 -10.03
N LEU C 287 -12.36 -3.76 -9.22
CA LEU C 287 -11.31 -2.80 -8.99
C LEU C 287 -10.39 -2.72 -10.21
N PHE C 288 -9.90 -1.50 -10.44
CA PHE C 288 -8.84 -1.24 -11.35
C PHE C 288 -7.51 -1.41 -10.60
N GLN C 289 -6.51 -1.91 -11.30
CA GLN C 289 -5.24 -2.19 -10.69
C GLN C 289 -4.55 -0.87 -10.37
N SER C 290 -4.66 0.09 -11.28
CA SER C 290 -4.26 1.45 -10.99
C SER C 290 -5.48 2.34 -11.09
N PRO C 291 -5.82 3.09 -10.02
CA PRO C 291 -6.90 4.06 -10.05
C PRO C 291 -6.70 5.18 -11.09
N LEU C 292 -7.78 5.81 -11.54
CA LEU C 292 -7.72 6.87 -12.44
C LEU C 292 -8.16 8.14 -11.76
N PHE C 293 -7.45 9.24 -11.99
CA PHE C 293 -7.85 10.52 -11.37
C PHE C 293 -8.79 11.25 -12.33
N ALA C 294 -9.97 11.64 -11.83
CA ALA C 294 -10.97 12.37 -12.62
C ALA C 294 -11.47 13.58 -11.84
N LYS C 295 -11.60 14.73 -12.53
CA LYS C 295 -12.13 15.94 -11.96
C LYS C 295 -13.61 15.97 -12.22
N ALA C 296 -14.38 16.53 -11.30
CA ALA C 296 -15.81 16.74 -11.55
C ALA C 296 -15.97 17.50 -12.88
N GLY C 297 -16.94 17.06 -13.69
CA GLY C 297 -17.15 17.61 -15.04
C GLY C 297 -16.50 16.77 -16.14
N ASP C 298 -15.48 15.95 -15.80
CA ASP C 298 -14.78 15.09 -16.78
C ASP C 298 -15.67 13.91 -17.22
N THR C 299 -15.27 13.26 -18.31
CA THR C 299 -15.98 12.14 -18.88
C THR C 299 -15.08 10.91 -18.75
N LEU C 300 -15.60 9.88 -18.09
CA LEU C 300 -14.96 8.57 -18.03
C LEU C 300 -15.70 7.65 -19.01
N SER C 301 -15.00 7.17 -20.04
CA SER C 301 -15.62 6.42 -21.13
C SER C 301 -14.90 5.08 -21.35
N GLY C 302 -15.60 4.14 -21.97
CA GLY C 302 -15.01 2.90 -22.30
C GLY C 302 -16.04 1.81 -22.45
N THR C 303 -15.59 0.58 -22.19
CA THR C 303 -16.32 -0.60 -22.54
C THR C 303 -16.15 -1.64 -21.44
N CYS C 304 -17.24 -2.32 -21.16
CA CYS C 304 -17.22 -3.48 -20.41
C CYS C 304 -17.63 -4.64 -21.34
N LEU C 305 -16.71 -5.59 -21.54
CA LEU C 305 -16.92 -6.68 -22.47
C LEU C 305 -16.91 -8.02 -21.75
N LEU C 306 -18.06 -8.71 -21.71
CA LEU C 306 -18.15 -10.03 -21.11
C LEU C 306 -18.15 -11.13 -22.18
N ILE C 307 -17.20 -12.04 -22.07
CA ILE C 307 -17.08 -13.14 -22.99
C ILE C 307 -17.32 -14.46 -22.26
N ALA C 308 -18.35 -15.19 -22.67
CA ALA C 308 -18.72 -16.46 -22.02
C ALA C 308 -17.60 -17.50 -22.17
N ASN C 309 -17.33 -18.24 -21.09
CA ASN C 309 -16.33 -19.30 -21.05
C ASN C 309 -17.02 -20.63 -20.71
N LYS C 310 -16.26 -21.73 -20.82
CA LYS C 310 -16.83 -23.05 -20.60
C LYS C 310 -16.95 -23.44 -19.11
N ARG C 311 -16.51 -22.60 -18.17
CA ARG C 311 -16.69 -22.83 -16.73
C ARG C 311 -17.97 -22.13 -16.23
N GLN C 312 -18.96 -21.94 -17.12
CA GLN C 312 -20.27 -21.38 -16.78
C GLN C 312 -20.15 -19.98 -16.21
N SER C 313 -19.18 -19.22 -16.72
CA SER C 313 -19.05 -17.85 -16.27
C SER C 313 -18.58 -17.01 -17.44
N TYR C 314 -17.95 -15.89 -17.12
CA TYR C 314 -17.57 -14.95 -18.10
C TYR C 314 -16.18 -14.44 -17.74
N ASP C 315 -15.39 -14.17 -18.77
CA ASP C 315 -14.20 -13.35 -18.65
C ASP C 315 -14.66 -11.92 -18.87
N ILE C 316 -14.28 -11.01 -17.97
CA ILE C 316 -14.71 -9.67 -18.05
C ILE C 316 -13.51 -8.79 -18.35
N SER C 317 -13.66 -7.95 -19.35
CA SER C 317 -12.69 -7.00 -19.74
C SER C 317 -13.30 -5.61 -19.54
N ILE C 318 -12.68 -4.78 -18.71
CA ILE C 318 -13.10 -3.40 -18.58
C ILE C 318 -11.97 -2.46 -19.03
N VAL C 319 -12.27 -1.59 -20.00
CA VAL C 319 -11.30 -0.62 -20.42
C VAL C 319 -11.94 0.74 -20.25
N ALA C 320 -11.24 1.60 -19.52
CA ALA C 320 -11.82 2.88 -19.16
C ALA C 320 -10.79 3.97 -19.38
N GLN C 321 -11.25 5.14 -19.80
CA GLN C 321 -10.32 6.23 -19.96
C GLN C 321 -10.99 7.52 -19.55
N VAL C 322 -10.20 8.41 -18.94
CA VAL C 322 -10.62 9.75 -18.74
C VAL C 322 -10.31 10.52 -20.01
N ASP C 323 -11.32 11.16 -20.58
CA ASP C 323 -11.19 11.67 -21.94
C ASP C 323 -10.31 12.91 -21.95
N GLN C 324 -10.50 13.77 -20.94
CA GLN C 324 -9.79 15.06 -20.85
C GLN C 324 -8.26 14.85 -20.70
N THR C 325 -7.83 13.88 -19.90
CA THR C 325 -6.39 13.66 -19.60
C THR C 325 -5.77 12.49 -20.39
N GLY C 326 -6.59 11.60 -20.97
CA GLY C 326 -6.06 10.42 -21.68
C GLY C 326 -5.52 9.34 -20.75
N SER C 327 -5.85 9.42 -19.45
CA SER C 327 -5.51 8.44 -18.46
C SER C 327 -6.39 7.21 -18.69
N LYS C 328 -5.74 6.07 -18.93
CA LYS C 328 -6.39 4.84 -19.39
C LYS C 328 -6.16 3.73 -18.37
N SER C 329 -7.11 2.82 -18.30
CA SER C 329 -6.98 1.63 -17.50
C SER C 329 -7.65 0.46 -18.19
N SER C 330 -7.07 -0.73 -18.02
CA SER C 330 -7.56 -1.95 -18.69
C SER C 330 -7.43 -3.09 -17.69
N ASN C 331 -8.46 -3.93 -17.59
CA ASN C 331 -8.49 -4.88 -16.51
C ASN C 331 -9.27 -6.08 -16.97
N LEU C 332 -8.86 -7.24 -16.45
CA LEU C 332 -9.45 -8.52 -16.78
C LEU C 332 -9.92 -9.13 -15.50
N LEU C 333 -11.19 -9.52 -15.42
CA LEU C 333 -11.67 -10.15 -14.26
C LEU C 333 -12.26 -11.50 -14.57
N ASP C 334 -12.20 -12.33 -13.55
CA ASP C 334 -12.63 -13.68 -13.62
C ASP C 334 -13.80 -13.82 -12.66
N LEU C 335 -14.99 -13.82 -13.26
CA LEU C 335 -16.22 -13.76 -12.52
C LEU C 335 -16.52 -15.07 -11.78
N LYS C 336 -15.90 -16.17 -12.17
CA LYS C 336 -16.04 -17.47 -11.49
C LYS C 336 -15.46 -17.47 -10.07
N ASN C 337 -14.36 -16.75 -9.78
CA ASN C 337 -13.64 -16.76 -8.49
C ASN C 337 -13.88 -15.43 -7.76
N PRO C 338 -15.10 -15.05 -7.32
CA PRO C 338 -15.29 -13.76 -6.67
C PRO C 338 -14.78 -13.75 -5.22
N PHE C 339 -14.53 -12.55 -4.68
CA PHE C 339 -14.12 -12.36 -3.31
C PHE C 339 -15.33 -11.89 -2.51
N PHE C 340 -15.79 -12.75 -1.58
CA PHE C 340 -16.93 -12.45 -0.74
C PHE C 340 -16.39 -11.72 0.48
N ARG C 341 -16.55 -10.40 0.48
CA ARG C 341 -15.95 -9.55 1.49
C ARG C 341 -16.90 -9.36 2.68
N TYR C 342 -18.20 -9.50 2.46
CA TYR C 342 -19.18 -9.62 3.56
C TYR C 342 -18.84 -10.82 4.47
N SER D 1 42.59 23.18 5.65
CA SER D 1 42.58 22.76 7.09
C SER D 1 42.00 21.33 7.16
N VAL D 2 41.93 20.81 8.38
CA VAL D 2 41.21 19.57 8.66
C VAL D 2 39.72 19.71 8.25
N PHE D 3 39.18 20.95 8.26
CA PHE D 3 37.75 21.18 7.94
C PHE D 3 37.50 21.20 6.42
N SER D 4 38.26 21.96 5.64
CA SER D 4 38.00 22.03 4.16
C SER D 4 38.36 20.71 3.43
N GLU D 5 39.25 19.89 4.02
CA GLU D 5 39.59 18.57 3.49
C GLU D 5 38.36 17.62 3.50
N ARG D 6 37.62 17.60 4.62
CA ARG D 6 36.46 16.70 4.82
C ARG D 6 35.14 17.33 4.35
N THR D 7 35.14 18.58 3.87
CA THR D 7 33.90 19.32 3.55
C THR D 7 33.92 19.91 2.14
N GLU D 8 33.05 19.37 1.27
CA GLU D 8 32.68 19.96 -0.03
C GLU D 8 32.27 21.42 0.25
N GLU D 9 32.82 22.38 -0.52
CA GLU D 9 32.64 23.82 -0.16
C GLU D 9 31.18 24.25 -0.33
N SER D 10 30.47 23.70 -1.32
CA SER D 10 29.01 23.95 -1.52
C SER D 10 28.14 23.68 -0.26
N SER D 11 28.47 22.59 0.44
CA SER D 11 27.78 22.17 1.69
C SER D 11 28.13 23.12 2.85
N ALA D 12 29.41 23.54 2.96
CA ALA D 12 29.90 24.49 4.01
C ALA D 12 29.21 25.85 3.89
N VAL D 13 29.00 26.36 2.66
CA VAL D 13 28.41 27.72 2.53
C VAL D 13 26.93 27.61 2.93
N GLN D 14 26.18 26.63 2.39
CA GLN D 14 24.80 26.41 2.84
C GLN D 14 24.73 26.25 4.38
N TYR D 15 25.67 25.53 5.00
CA TYR D 15 25.67 25.22 6.43
C TYR D 15 25.82 26.49 7.28
N PHE D 16 26.81 27.33 6.96
CA PHE D 16 27.08 28.56 7.72
C PHE D 16 26.11 29.71 7.36
N GLN D 17 25.50 29.70 6.15
CA GLN D 17 24.40 30.63 5.80
C GLN D 17 23.18 30.32 6.67
N PHE D 18 22.85 29.03 6.88
CA PHE D 18 21.72 28.58 7.67
C PHE D 18 21.88 29.01 9.13
N TYR D 19 23.10 28.93 9.68
CA TYR D 19 23.32 29.27 11.09
C TYR D 19 23.58 30.78 11.31
N GLY D 20 23.75 31.55 10.24
CA GLY D 20 23.86 33.00 10.33
C GLY D 20 22.54 33.74 10.55
N TYR D 21 21.40 33.07 10.45
CA TYR D 21 20.10 33.70 10.65
C TYR D 21 19.70 33.70 12.12
N LEU D 22 19.30 34.87 12.59
CA LEU D 22 18.76 35.01 13.91
C LEU D 22 17.50 34.19 14.13
N SER D 23 16.67 34.04 13.12
CA SER D 23 15.47 33.21 13.29
C SER D 23 15.84 31.78 13.67
N GLN D 24 16.91 31.23 13.08
CA GLN D 24 17.31 29.89 13.43
C GLN D 24 17.86 29.87 14.85
N GLN D 25 18.61 30.89 15.26
CA GLN D 25 19.12 31.00 16.60
C GLN D 25 17.93 30.99 17.58
N GLN D 26 16.87 31.76 17.25
CA GLN D 26 15.72 31.88 18.10
C GLN D 26 15.08 30.50 18.29
N ASN D 27 14.86 29.81 17.18
CA ASN D 27 14.24 28.52 17.15
C ASN D 27 15.02 27.57 18.08
N MET D 28 16.33 27.64 18.08
CA MET D 28 17.10 26.75 18.98
C MET D 28 17.03 27.19 20.47
N MET D 29 17.06 28.48 20.74
CA MET D 29 17.00 28.98 22.09
C MET D 29 15.65 28.74 22.77
N GLN D 30 14.56 28.68 21.98
CA GLN D 30 13.23 28.44 22.51
C GLN D 30 13.01 26.98 22.93
N ASP D 31 13.93 26.07 22.61
CA ASP D 31 13.89 24.74 23.20
C ASP D 31 14.29 24.80 24.67
N TYR D 32 13.31 24.83 25.56
CA TYR D 32 13.58 25.04 26.96
C TYR D 32 14.40 23.85 27.53
N VAL D 33 14.11 22.64 27.09
CA VAL D 33 14.86 21.51 27.64
C VAL D 33 16.35 21.66 27.30
N ARG D 34 16.68 21.95 26.04
CA ARG D 34 18.09 22.16 25.62
C ARG D 34 18.70 23.24 26.50
N THR D 35 18.13 24.44 26.46
CA THR D 35 18.78 25.61 27.00
C THR D 35 18.90 25.52 28.52
N GLY D 36 17.82 25.06 29.15
CA GLY D 36 17.71 24.92 30.57
C GLY D 36 18.68 23.89 31.08
N THR D 37 18.80 22.76 30.36
CA THR D 37 19.68 21.68 30.80
C THR D 37 21.14 22.11 30.69
N TYR D 38 21.53 22.78 29.62
CA TYR D 38 22.89 23.35 29.52
C TYR D 38 23.18 24.28 30.69
N GLN D 39 22.23 25.18 30.99
CA GLN D 39 22.44 26.13 32.06
C GLN D 39 22.60 25.40 33.39
N ARG D 40 21.79 24.40 33.62
CA ARG D 40 21.81 23.60 34.82
C ARG D 40 23.17 22.89 34.92
N ALA D 41 23.64 22.29 33.83
CA ALA D 41 24.88 21.55 33.87
C ALA D 41 26.04 22.44 34.25
N ILE D 42 26.04 23.65 33.66
CA ILE D 42 27.12 24.59 33.88
C ILE D 42 27.01 25.19 35.28
N LEU D 43 25.86 25.74 35.65
CA LEU D 43 25.75 26.42 36.96
C LEU D 43 25.86 25.45 38.13
N GLN D 44 25.34 24.24 38.03
CA GLN D 44 25.44 23.28 39.15
C GLN D 44 26.87 22.73 39.27
N ASN D 45 27.68 22.79 38.22
CA ASN D 45 29.10 22.45 38.29
C ASN D 45 29.95 23.71 38.23
N HIS D 46 29.59 24.74 38.99
CA HIS D 46 30.33 26.02 39.02
C HIS D 46 31.81 25.86 39.39
N THR D 47 32.19 24.87 40.21
CA THR D 47 33.63 24.64 40.57
C THR D 47 34.47 24.34 39.31
N ASP D 48 33.88 23.73 38.27
CA ASP D 48 34.59 23.44 37.01
C ASP D 48 34.74 24.64 36.09
N PHE D 49 34.17 25.79 36.46
CA PHE D 49 34.32 27.01 35.70
C PHE D 49 35.02 28.13 36.47
N LYS D 50 34.86 28.17 37.80
CA LYS D 50 35.31 29.29 38.64
C LYS D 50 36.78 29.54 38.38
N ASP D 51 37.08 30.74 37.92
CA ASP D 51 38.46 31.20 37.61
C ASP D 51 39.21 30.31 36.60
N LYS D 52 38.49 29.66 35.67
CA LYS D 52 39.11 28.81 34.63
C LYS D 52 39.05 29.47 33.24
N ILE D 53 39.84 28.95 32.31
CA ILE D 53 39.78 29.36 30.92
C ILE D 53 38.87 28.37 30.17
N VAL D 54 37.98 28.90 29.34
CA VAL D 54 37.01 28.06 28.66
C VAL D 54 37.06 28.33 27.16
N LEU D 55 36.88 27.27 26.37
CA LEU D 55 36.64 27.39 24.96
C LEU D 55 35.20 26.96 24.64
N ASP D 56 34.43 27.86 23.98
CA ASP D 56 33.04 27.55 23.46
C ASP D 56 33.14 27.37 21.94
N VAL D 57 32.91 26.13 21.51
CA VAL D 57 33.08 25.76 20.14
C VAL D 57 31.77 25.90 19.40
N GLY D 58 31.75 26.83 18.45
CA GLY D 58 30.53 27.19 17.75
C GLY D 58 29.55 27.85 18.69
N CYS D 59 29.92 29.02 19.21
CA CYS D 59 29.15 29.70 20.22
C CYS D 59 27.77 30.18 19.77
N GLY D 60 27.58 30.41 18.47
CA GLY D 60 26.33 30.90 17.95
C GLY D 60 26.06 32.30 18.43
N SER D 61 24.84 32.52 18.94
CA SER D 61 24.43 33.75 19.69
C SER D 61 25.35 34.03 20.90
N GLY D 62 25.98 32.98 21.43
CA GLY D 62 26.94 33.12 22.52
C GLY D 62 26.37 32.67 23.85
N ILE D 63 25.19 32.04 23.85
CA ILE D 63 24.46 31.73 25.07
C ILE D 63 25.30 30.84 26.02
N LEU D 64 26.03 29.83 25.54
CA LEU D 64 26.77 28.96 26.50
C LEU D 64 27.93 29.72 27.15
N SER D 65 28.57 30.62 26.40
CA SER D 65 29.59 31.48 26.94
C SER D 65 29.03 32.32 28.08
N PHE D 66 27.84 32.89 27.91
CA PHE D 66 27.22 33.64 28.96
C PHE D 66 27.01 32.75 30.18
N PHE D 67 26.60 31.50 29.98
CA PHE D 67 26.46 30.60 31.13
C PHE D 67 27.83 30.32 31.79
N ALA D 68 28.89 30.12 31.02
CA ALA D 68 30.20 29.92 31.62
C ALA D 68 30.61 31.17 32.43
N ALA D 69 30.27 32.35 31.92
CA ALA D 69 30.49 33.62 32.64
C ALA D 69 29.71 33.66 33.97
N GLN D 70 28.42 33.32 33.95
CA GLN D 70 27.57 33.25 35.14
C GLN D 70 28.21 32.31 36.19
N ALA D 71 28.94 31.28 35.75
CA ALA D 71 29.51 30.30 36.65
C ALA D 71 30.87 30.73 37.21
N GLY D 72 31.41 31.84 36.74
CA GLY D 72 32.64 32.42 37.31
C GLY D 72 33.93 32.17 36.53
N ALA D 73 33.84 31.92 35.22
CA ALA D 73 35.04 31.70 34.42
C ALA D 73 35.85 33.01 34.36
N ARG D 74 37.18 32.90 34.45
CA ARG D 74 38.08 34.02 34.21
C ARG D 74 37.96 34.53 32.76
N LYS D 75 38.02 33.61 31.80
CA LYS D 75 38.02 33.96 30.40
C LYS D 75 37.39 32.86 29.55
N ILE D 76 36.65 33.28 28.53
CA ILE D 76 35.99 32.37 27.63
C ILE D 76 36.26 32.79 26.19
N TYR D 77 36.87 31.90 25.41
CA TYR D 77 37.03 32.10 23.98
C TYR D 77 35.84 31.44 23.29
N ALA D 78 35.08 32.24 22.58
CA ALA D 78 33.94 31.79 21.95
C ALA D 78 34.21 31.81 20.45
N VAL D 79 34.40 30.64 19.86
CA VAL D 79 34.79 30.53 18.49
C VAL D 79 33.56 30.29 17.63
N GLU D 80 33.41 31.07 16.57
CA GLU D 80 32.19 30.98 15.74
C GLU D 80 32.47 31.34 14.28
N ALA D 81 31.98 30.52 13.38
CA ALA D 81 32.39 30.53 11.99
C ALA D 81 31.35 31.23 11.11
N SER D 82 30.10 31.32 11.54
CA SER D 82 29.09 32.05 10.75
C SER D 82 29.20 33.54 11.07
N THR D 83 28.41 34.33 10.32
CA THR D 83 28.23 35.78 10.56
C THR D 83 27.55 36.07 11.91
N MET D 84 27.04 35.02 12.57
CA MET D 84 26.51 35.12 13.91
C MET D 84 27.58 35.63 14.90
N ALA D 85 28.87 35.49 14.60
CA ALA D 85 29.94 36.01 15.47
C ALA D 85 29.79 37.50 15.75
N GLN D 86 29.36 38.29 14.78
CA GLN D 86 29.20 39.73 14.91
C GLN D 86 28.06 40.06 15.88
N HIS D 87 26.97 39.30 15.82
CA HIS D 87 25.83 39.44 16.71
C HIS D 87 26.22 39.00 18.13
N ALA D 88 27.00 37.93 18.28
CA ALA D 88 27.55 37.56 19.59
C ALA D 88 28.34 38.72 20.20
N GLU D 89 29.17 39.40 19.40
CA GLU D 89 29.99 40.47 19.95
C GLU D 89 29.05 41.59 20.44
N VAL D 90 28.01 41.93 19.68
CA VAL D 90 27.03 42.88 20.14
C VAL D 90 26.46 42.47 21.51
N LEU D 91 26.07 41.21 21.70
CA LEU D 91 25.55 40.82 23.02
C LEU D 91 26.59 40.93 24.13
N VAL D 92 27.85 40.62 23.82
CA VAL D 92 28.85 40.63 24.87
C VAL D 92 29.05 42.06 25.36
N LYS D 93 29.00 43.06 24.45
CA LYS D 93 29.17 44.47 24.81
C LYS D 93 27.98 44.92 25.64
N SER D 94 26.76 44.64 25.19
CA SER D 94 25.59 45.13 25.85
C SER D 94 25.33 44.39 27.18
N ASN D 95 25.90 43.23 27.44
CA ASN D 95 25.81 42.63 28.77
C ASN D 95 27.08 42.86 29.61
N ASN D 96 27.96 43.80 29.18
CA ASN D 96 29.18 44.23 29.93
C ASN D 96 30.09 43.06 30.30
N LEU D 97 30.39 42.20 29.31
CA LEU D 97 31.21 41.06 29.61
C LEU D 97 32.41 40.98 28.67
N THR D 98 32.87 42.12 28.16
CA THR D 98 34.07 42.22 27.32
C THR D 98 35.36 41.81 28.07
N ASP D 99 35.37 42.00 29.38
CA ASP D 99 36.49 41.56 30.22
C ASP D 99 36.60 40.03 30.30
N ARG D 100 35.54 39.29 29.96
CA ARG D 100 35.48 37.83 30.21
C ARG D 100 35.19 36.98 28.97
N ILE D 101 34.50 37.53 27.97
CA ILE D 101 34.15 36.76 26.79
C ILE D 101 34.82 37.39 25.57
N VAL D 102 35.63 36.59 24.90
CA VAL D 102 36.32 37.02 23.72
C VAL D 102 35.80 36.23 22.55
N VAL D 103 35.17 36.93 21.61
CA VAL D 103 34.68 36.24 20.43
C VAL D 103 35.81 36.16 19.44
N ILE D 104 36.05 34.95 18.95
CA ILE D 104 37.03 34.72 17.90
C ILE D 104 36.32 34.26 16.65
N PRO D 105 36.30 35.05 15.56
CA PRO D 105 35.64 34.60 14.33
C PRO D 105 36.51 33.59 13.61
N GLY D 106 35.90 32.52 13.10
CA GLY D 106 36.60 31.55 12.29
C GLY D 106 36.21 30.13 12.62
N LYS D 107 36.80 29.17 11.92
CA LYS D 107 36.58 27.76 12.21
C LYS D 107 37.57 27.30 13.27
N VAL D 108 37.15 26.40 14.16
CA VAL D 108 38.00 26.04 15.30
C VAL D 108 39.25 25.28 14.84
N GLU D 109 39.16 24.71 13.64
CA GLU D 109 40.29 24.05 12.99
C GLU D 109 41.32 25.03 12.41
N GLU D 110 41.03 26.34 12.38
CA GLU D 110 41.84 27.32 11.61
C GLU D 110 42.28 28.51 12.46
N VAL D 111 41.57 28.83 13.54
CA VAL D 111 41.92 29.97 14.36
C VAL D 111 43.11 29.64 15.25
N SER D 112 43.64 30.66 15.93
CA SER D 112 44.79 30.60 16.81
C SER D 112 44.36 31.12 18.17
N LEU D 113 44.51 30.31 19.21
CA LEU D 113 44.15 30.78 20.55
C LEU D 113 45.40 31.13 21.31
N PRO D 114 45.35 32.17 22.15
CA PRO D 114 46.52 32.57 22.92
C PRO D 114 46.99 31.54 23.96
N GLU D 115 46.10 30.72 24.50
CA GLU D 115 46.44 29.84 25.57
C GLU D 115 45.64 28.53 25.47
N GLN D 116 46.09 27.55 26.25
CA GLN D 116 45.38 26.31 26.43
C GLN D 116 44.24 26.56 27.41
N VAL D 117 43.20 25.73 27.35
CA VAL D 117 41.98 25.94 28.14
C VAL D 117 41.74 24.78 29.12
N ASP D 118 40.99 25.09 30.17
CA ASP D 118 40.74 24.17 31.25
C ASP D 118 39.55 23.28 30.91
N ILE D 119 38.66 23.77 30.05
CA ILE D 119 37.43 23.10 29.71
C ILE D 119 36.87 23.62 28.38
N ILE D 120 36.28 22.68 27.63
CA ILE D 120 35.64 22.94 26.38
C ILE D 120 34.14 22.72 26.52
N ILE D 121 33.34 23.61 25.92
CA ILE D 121 31.88 23.47 25.92
C ILE D 121 31.34 23.66 24.51
N SER D 122 30.27 22.96 24.17
CA SER D 122 29.69 23.00 22.85
C SER D 122 28.35 22.26 22.85
N GLU D 123 27.55 22.54 21.82
CA GLU D 123 26.37 21.79 21.50
C GLU D 123 26.59 21.19 20.11
N PRO D 124 27.38 20.10 20.02
CA PRO D 124 27.68 19.54 18.72
C PRO D 124 26.68 18.51 18.18
N MET D 125 25.68 18.13 18.96
CA MET D 125 24.83 17.02 18.60
C MET D 125 23.86 17.47 17.53
N GLY D 126 23.69 16.64 16.50
CA GLY D 126 22.66 16.77 15.48
C GLY D 126 21.63 15.65 15.60
N TYR D 127 20.75 15.52 14.62
CA TYR D 127 19.85 14.42 14.54
C TYR D 127 20.67 13.15 14.68
N MET D 128 20.19 12.23 15.52
CA MET D 128 20.88 10.93 15.68
C MET D 128 22.28 11.13 16.23
N LEU D 129 22.53 12.26 16.89
CA LEU D 129 23.81 12.65 17.49
C LEU D 129 24.80 13.15 16.44
N PHE D 130 24.98 12.42 15.34
CA PHE D 130 26.14 12.57 14.49
C PHE D 130 25.92 13.51 13.30
N ASN D 131 24.69 13.78 12.89
CA ASN D 131 24.43 14.61 11.71
C ASN D 131 25.08 16.01 11.87
N GLU D 132 25.53 16.58 10.76
CA GLU D 132 26.27 17.89 10.66
C GLU D 132 27.79 17.73 10.95
N ARG D 133 28.20 16.59 11.52
CA ARG D 133 29.62 16.23 11.76
C ARG D 133 30.34 17.29 12.57
N MET D 134 29.61 17.92 13.47
CA MET D 134 30.20 18.91 14.30
C MET D 134 30.92 18.22 15.47
N LEU D 135 30.68 16.92 15.73
CA LEU D 135 31.45 16.25 16.75
C LEU D 135 32.94 16.22 16.40
N GLU D 136 33.23 16.19 15.13
CA GLU D 136 34.59 16.19 14.70
C GLU D 136 35.26 17.51 15.09
N SER D 137 34.58 18.65 14.97
CA SER D 137 35.23 19.92 15.31
C SER D 137 35.36 19.99 16.82
N TYR D 138 34.34 19.56 17.53
CA TYR D 138 34.43 19.47 18.98
C TYR D 138 35.67 18.65 19.40
N LEU D 139 35.87 17.49 18.81
CA LEU D 139 37.00 16.62 19.15
C LEU D 139 38.36 17.22 18.73
N HIS D 140 38.43 17.80 17.52
CA HIS D 140 39.60 18.52 17.03
C HIS D 140 40.06 19.56 18.04
N ALA D 141 39.13 20.30 18.65
CA ALA D 141 39.48 21.34 19.62
C ALA D 141 40.15 20.77 20.87
N LYS D 142 40.28 19.44 21.04
CA LYS D 142 41.06 18.94 22.18
C LYS D 142 42.54 19.28 22.10
N LYS D 143 42.99 19.66 20.90
CA LYS D 143 44.32 20.22 20.75
C LYS D 143 44.55 21.46 21.62
N TYR D 144 43.52 22.24 22.01
CA TYR D 144 43.74 23.36 22.91
C TYR D 144 43.48 22.99 24.36
N LEU D 145 43.20 21.73 24.66
CA LEU D 145 42.78 21.40 26.02
C LEU D 145 43.99 21.05 26.88
N LYS D 146 44.11 21.70 28.03
CA LYS D 146 45.13 21.30 29.02
C LYS D 146 44.97 19.82 29.37
N PRO D 147 46.07 19.14 29.71
CA PRO D 147 45.99 17.77 30.21
C PRO D 147 45.07 17.67 31.43
N SER D 148 44.22 16.64 31.48
CA SER D 148 43.19 16.48 32.53
C SER D 148 42.08 17.55 32.48
N GLY D 149 41.95 18.27 31.35
CA GLY D 149 40.81 19.19 31.16
C GLY D 149 39.49 18.47 30.93
N ASN D 150 38.38 19.19 31.12
CA ASN D 150 37.07 18.61 31.01
C ASN D 150 36.41 19.03 29.68
N MET D 151 35.39 18.28 29.28
CA MET D 151 34.59 18.58 28.14
C MET D 151 33.12 18.47 28.52
N PHE D 152 32.31 19.45 28.07
CA PHE D 152 30.87 19.53 28.29
C PHE D 152 30.17 19.65 26.93
N PRO D 153 29.48 18.60 26.47
CA PRO D 153 29.22 17.33 27.12
C PRO D 153 30.43 16.41 27.08
N THR D 154 30.43 15.43 27.97
CA THR D 154 31.54 14.57 28.25
C THR D 154 31.40 13.26 27.51
N ILE D 155 30.19 12.73 27.50
CA ILE D 155 29.82 11.42 26.94
C ILE D 155 28.57 11.59 26.06
N GLY D 156 28.42 10.72 25.06
CA GLY D 156 27.18 10.62 24.28
C GLY D 156 26.80 9.16 24.14
N ASP D 157 25.53 8.83 24.34
CA ASP D 157 25.02 7.48 24.12
C ASP D 157 24.01 7.54 22.99
N VAL D 158 24.24 6.80 21.90
CA VAL D 158 23.20 6.59 20.92
C VAL D 158 22.40 5.34 21.30
N HIS D 159 21.08 5.44 21.27
CA HIS D 159 20.17 4.34 21.54
C HIS D 159 19.41 3.95 20.25
N LEU D 160 19.32 2.65 19.97
CA LEU D 160 18.51 2.15 18.88
C LEU D 160 17.61 1.04 19.40
N ALA D 161 16.43 0.94 18.77
CA ALA D 161 15.49 -0.10 19.04
C ALA D 161 14.60 -0.34 17.83
N PRO D 162 14.18 -1.60 17.59
CA PRO D 162 13.27 -1.92 16.52
C PRO D 162 11.87 -1.42 16.87
N PHE D 163 11.12 -1.00 15.85
CA PHE D 163 9.78 -0.52 16.05
C PHE D 163 8.79 -1.07 15.01
N THR D 164 7.50 -0.99 15.36
CA THR D 164 6.39 -1.35 14.49
C THR D 164 5.47 -0.14 14.34
N ASP D 165 5.27 0.31 13.10
CA ASP D 165 4.39 1.41 12.84
C ASP D 165 3.86 1.29 11.42
N GLU D 166 2.75 0.58 11.31
CA GLU D 166 2.15 0.26 10.03
C GLU D 166 1.78 1.54 9.29
N GLN D 167 1.29 2.56 10.00
CA GLN D 167 0.75 3.77 9.37
C GLN D 167 1.89 4.60 8.74
N LEU D 168 3.04 4.66 9.42
CA LEU D 168 4.19 5.32 8.87
C LEU D 168 4.70 4.60 7.63
N TYR D 169 4.84 3.28 7.72
CA TYR D 169 5.24 2.50 6.57
C TYR D 169 4.31 2.76 5.38
N MET D 170 3.00 2.82 5.62
CA MET D 170 2.05 2.92 4.53
C MET D 170 2.04 4.33 3.93
N GLU D 171 2.22 5.38 4.75
CA GLU D 171 2.35 6.72 4.19
C GLU D 171 3.48 6.78 3.12
N GLN D 172 4.65 6.22 3.48
CA GLN D 172 5.82 6.30 2.66
C GLN D 172 5.68 5.43 1.41
N PHE D 173 5.06 4.27 1.55
CA PHE D 173 4.87 3.37 0.47
C PHE D 173 3.83 3.93 -0.50
N THR D 174 2.82 4.57 0.08
CA THR D 174 1.79 5.17 -0.74
C THR D 174 2.37 6.30 -1.58
N LYS D 175 3.26 7.14 -1.03
CA LYS D 175 3.81 8.23 -1.82
C LYS D 175 4.61 7.63 -2.97
N ALA D 176 5.36 6.54 -2.72
CA ALA D 176 6.18 5.97 -3.76
C ALA D 176 5.37 5.30 -4.86
N ASN D 177 4.18 4.84 -4.50
CA ASN D 177 3.37 4.09 -5.44
C ASN D 177 2.72 5.02 -6.47
N PHE D 178 2.91 6.32 -6.32
CA PHE D 178 2.56 7.20 -7.40
C PHE D 178 3.24 6.79 -8.72
N TRP D 179 4.44 6.21 -8.58
CA TRP D 179 5.25 5.79 -9.68
C TRP D 179 4.86 4.41 -10.19
N TYR D 180 3.83 3.75 -9.64
CA TYR D 180 3.23 2.55 -10.28
C TYR D 180 2.29 2.82 -11.45
N GLN D 181 1.92 4.07 -11.74
CA GLN D 181 0.81 4.37 -12.60
C GLN D 181 1.12 3.96 -14.03
N PRO D 182 0.45 2.98 -14.64
CA PRO D 182 0.70 2.68 -16.05
C PRO D 182 0.13 3.72 -17.01
N SER D 183 -0.69 4.64 -16.54
CA SER D 183 -1.17 5.65 -17.50
C SER D 183 -1.53 6.97 -16.84
N PHE D 184 -0.48 7.69 -16.44
CA PHE D 184 -0.53 9.03 -15.90
C PHE D 184 -0.56 10.01 -17.08
N HIS D 185 -1.74 10.57 -17.33
CA HIS D 185 -1.97 11.38 -18.51
C HIS D 185 -1.45 10.70 -19.79
N GLY D 186 -1.65 9.39 -19.89
CA GLY D 186 -1.26 8.64 -21.06
C GLY D 186 0.18 8.15 -21.00
N VAL D 187 0.85 8.26 -19.86
CA VAL D 187 2.24 7.84 -19.76
C VAL D 187 2.46 6.80 -18.69
N ASP D 188 3.26 5.81 -19.00
CA ASP D 188 3.57 4.78 -18.09
C ASP D 188 4.78 5.14 -17.26
N LEU D 189 4.59 5.32 -15.97
CA LEU D 189 5.73 5.69 -15.06
C LEU D 189 6.37 4.48 -14.36
N SER D 190 5.81 3.29 -14.52
CA SER D 190 6.08 2.16 -13.60
C SER D 190 7.53 1.69 -13.60
N ALA D 191 8.28 1.97 -14.66
CA ALA D 191 9.66 1.59 -14.72
C ALA D 191 10.53 2.37 -13.70
N LEU D 192 10.03 3.48 -13.14
CA LEU D 192 10.72 4.23 -12.12
C LEU D 192 10.28 3.85 -10.69
N ARG D 193 9.34 2.93 -10.54
CA ARG D 193 8.82 2.66 -9.23
C ARG D 193 9.92 2.21 -8.26
N GLY D 194 10.80 1.31 -8.68
CA GLY D 194 11.90 0.87 -7.84
C GLY D 194 12.76 2.02 -7.35
N ALA D 195 13.13 2.93 -8.25
CA ALA D 195 13.96 4.06 -7.91
C ALA D 195 13.21 4.98 -6.95
N ALA D 196 11.90 5.14 -7.14
CA ALA D 196 11.12 6.00 -6.29
C ALA D 196 11.03 5.40 -4.88
N VAL D 197 10.78 4.10 -4.74
CA VAL D 197 10.79 3.51 -3.39
C VAL D 197 12.15 3.69 -2.74
N ASP D 198 13.25 3.46 -3.47
CA ASP D 198 14.57 3.65 -2.90
C ASP D 198 14.69 5.06 -2.32
N GLU D 199 14.31 6.08 -3.11
CA GLU D 199 14.45 7.46 -2.71
C GLU D 199 13.63 7.76 -1.45
N TYR D 200 12.39 7.26 -1.36
CA TYR D 200 11.58 7.57 -0.19
C TYR D 200 12.12 6.88 1.06
N PHE D 201 12.61 5.66 0.89
CA PHE D 201 13.01 4.84 2.05
C PHE D 201 14.44 5.18 2.48
N ARG D 202 15.21 5.87 1.63
CA ARG D 202 16.47 6.45 2.01
C ARG D 202 16.29 7.61 2.98
N GLN D 203 15.08 8.14 3.19
CA GLN D 203 14.99 9.31 4.04
C GLN D 203 14.63 8.95 5.47
N PRO D 204 15.43 9.32 6.48
CA PRO D 204 15.03 9.05 7.86
C PRO D 204 13.88 9.98 8.25
N VAL D 205 13.03 9.48 9.14
CA VAL D 205 11.88 10.18 9.55
C VAL D 205 12.12 10.77 10.93
N VAL D 206 12.00 12.08 10.99
CA VAL D 206 12.22 12.79 12.19
C VAL D 206 10.87 13.21 12.71
N ASP D 207 10.51 12.70 13.87
CA ASP D 207 9.29 13.06 14.62
C ASP D 207 9.28 12.22 15.91
N THR D 208 8.23 12.36 16.70
CA THR D 208 8.15 11.71 17.98
C THR D 208 7.20 10.54 17.82
N PHE D 209 7.05 9.73 18.88
CA PHE D 209 6.24 8.57 18.79
C PHE D 209 5.95 8.02 20.16
N ASP D 210 4.87 7.23 20.29
CA ASP D 210 4.57 6.55 21.55
C ASP D 210 5.54 5.37 21.74
N ILE D 211 6.14 5.22 22.92
CA ILE D 211 7.05 4.08 23.21
C ILE D 211 6.35 2.71 23.09
N ARG D 212 5.03 2.66 22.97
CA ARG D 212 4.31 1.41 22.78
C ARG D 212 4.77 0.73 21.48
N ILE D 213 5.27 1.50 20.51
CA ILE D 213 5.69 0.91 19.23
C ILE D 213 7.03 0.18 19.32
N LEU D 214 7.82 0.33 20.38
CA LEU D 214 9.14 -0.32 20.43
C LEU D 214 8.96 -1.79 20.81
N MET D 215 9.73 -2.66 20.18
CA MET D 215 9.51 -4.07 20.32
C MET D 215 10.65 -4.78 21.04
N ALA D 216 11.56 -4.01 21.64
CA ALA D 216 12.65 -4.58 22.41
C ALA D 216 13.30 -3.46 23.23
N LYS D 217 13.94 -3.86 24.33
CA LYS D 217 14.83 -2.99 25.02
C LYS D 217 15.85 -2.43 24.02
N SER D 218 16.18 -1.13 24.13
CA SER D 218 17.15 -0.49 23.27
C SER D 218 18.58 -1.02 23.50
N VAL D 219 19.43 -0.81 22.50
CA VAL D 219 20.85 -1.07 22.58
C VAL D 219 21.56 0.28 22.58
N LYS D 220 22.67 0.35 23.31
CA LYS D 220 23.39 1.59 23.56
C LYS D 220 24.73 1.55 22.84
N TYR D 221 25.15 2.65 22.24
CA TYR D 221 26.51 2.78 21.72
C TYR D 221 27.11 4.04 22.30
N THR D 222 28.29 3.94 22.93
CA THR D 222 28.83 5.03 23.69
C THR D 222 30.05 5.65 23.02
N VAL D 223 30.05 6.97 22.89
CA VAL D 223 31.24 7.72 22.57
C VAL D 223 31.72 8.49 23.81
N ASN D 224 32.95 8.26 24.27
CA ASN D 224 33.54 9.01 25.35
C ASN D 224 34.38 10.17 24.75
N PHE D 225 33.90 11.42 24.86
CA PHE D 225 34.53 12.49 24.07
C PHE D 225 35.92 12.85 24.60
N LEU D 226 36.21 12.56 25.88
CA LEU D 226 37.54 12.74 26.45
C LEU D 226 38.60 11.86 25.77
N GLU D 227 38.24 10.66 25.33
CA GLU D 227 39.20 9.70 24.72
C GLU D 227 39.13 9.69 23.18
N ALA D 228 38.00 10.01 22.57
CA ALA D 228 37.84 9.87 21.12
C ALA D 228 38.72 10.85 20.29
N LYS D 229 39.21 10.36 19.14
CA LYS D 229 39.94 11.15 18.17
C LYS D 229 38.95 11.44 17.03
N GLU D 230 39.21 12.50 16.26
CA GLU D 230 38.42 12.83 15.06
C GLU D 230 38.17 11.62 14.17
N GLY D 231 39.20 10.81 13.93
CA GLY D 231 39.07 9.68 12.99
C GLY D 231 38.12 8.58 13.44
N ASP D 232 37.77 8.49 14.73
CA ASP D 232 36.82 7.49 15.22
C ASP D 232 35.42 7.72 14.64
N LEU D 233 35.13 8.92 14.14
CA LEU D 233 33.81 9.24 13.66
C LEU D 233 33.68 9.23 12.14
N HIS D 234 34.70 8.83 11.39
CA HIS D 234 34.52 8.68 9.95
C HIS D 234 33.71 7.42 9.62
N ARG D 235 33.79 6.41 10.47
CA ARG D 235 33.19 5.18 10.24
C ARG D 235 32.77 4.61 11.58
N ILE D 236 31.49 4.50 11.82
CA ILE D 236 30.97 4.09 13.10
C ILE D 236 30.16 2.82 12.89
N GLU D 237 30.59 1.73 13.51
CA GLU D 237 29.97 0.44 13.42
C GLU D 237 29.24 0.16 14.74
N ILE D 238 27.93 -0.09 14.65
CA ILE D 238 27.12 -0.35 15.80
C ILE D 238 26.51 -1.73 15.66
N PRO D 239 27.07 -2.77 16.30
CA PRO D 239 26.46 -4.08 16.24
C PRO D 239 25.26 -4.08 17.19
N PHE D 240 24.23 -4.85 16.87
CA PHE D 240 23.08 -5.01 17.74
C PHE D 240 22.53 -6.43 17.69
N LYS D 241 21.89 -6.81 18.80
CA LYS D 241 21.25 -8.10 19.01
C LYS D 241 20.03 -7.89 19.91
N PHE D 242 18.85 -7.71 19.32
CA PHE D 242 17.64 -7.49 20.10
C PHE D 242 16.95 -8.82 20.43
N HIS D 243 16.42 -8.90 21.65
CA HIS D 243 15.52 -9.95 22.10
C HIS D 243 14.07 -9.43 22.04
N MET D 244 13.27 -9.96 21.12
CA MET D 244 11.98 -9.37 20.85
C MET D 244 11.03 -9.65 22.02
N LEU D 245 10.35 -8.61 22.50
CA LEU D 245 9.37 -8.72 23.58
C LEU D 245 7.93 -8.80 23.02
N HIS D 246 7.74 -8.43 21.76
CA HIS D 246 6.44 -8.44 21.10
C HIS D 246 6.58 -9.08 19.73
N SER D 247 5.57 -9.84 19.33
CA SER D 247 5.50 -10.37 17.98
C SER D 247 4.89 -9.29 17.09
N GLY D 248 5.30 -9.27 15.82
CA GLY D 248 4.78 -8.31 14.90
C GLY D 248 5.75 -8.11 13.76
N LEU D 249 5.36 -7.26 12.81
CA LEU D 249 6.24 -6.79 11.78
C LEU D 249 7.11 -5.69 12.38
N VAL D 250 8.41 -5.83 12.14
CA VAL D 250 9.35 -4.79 12.47
C VAL D 250 9.48 -3.92 11.23
N HIS D 251 9.15 -2.63 11.35
CA HIS D 251 9.23 -1.75 10.21
C HIS D 251 10.54 -0.96 10.08
N GLY D 252 11.37 -0.98 11.14
CA GLY D 252 12.66 -0.36 11.09
C GLY D 252 13.26 -0.19 12.48
N LEU D 253 14.21 0.76 12.58
CA LEU D 253 14.89 1.02 13.81
C LEU D 253 14.69 2.48 14.21
N ALA D 254 14.52 2.71 15.51
CA ALA D 254 14.41 4.04 16.07
C ALA D 254 15.72 4.40 16.78
N PHE D 255 16.13 5.67 16.63
CA PHE D 255 17.33 6.18 17.23
C PHE D 255 16.98 7.39 18.09
N TRP D 256 17.66 7.49 19.21
CA TRP D 256 17.69 8.68 19.96
C TRP D 256 19.04 8.77 20.65
N PHE D 257 19.31 9.89 21.36
CA PHE D 257 20.58 9.95 22.08
C PHE D 257 20.48 10.65 23.41
N ASP D 258 21.46 10.36 24.26
CA ASP D 258 21.62 11.01 25.56
C ASP D 258 23.04 11.56 25.60
N VAL D 259 23.24 12.76 26.13
CA VAL D 259 24.60 13.17 26.45
C VAL D 259 24.67 13.43 27.95
N ALA D 260 25.87 13.27 28.50
CA ALA D 260 26.08 13.54 29.90
C ALA D 260 27.15 14.60 30.09
N PHE D 261 26.86 15.56 30.97
CA PHE D 261 27.83 16.51 31.44
C PHE D 261 28.35 16.03 32.80
N ILE D 262 29.53 15.42 32.82
CA ILE D 262 30.10 14.84 34.03
C ILE D 262 31.00 15.88 34.69
N GLY D 263 30.43 16.66 35.62
CA GLY D 263 31.18 17.60 36.39
C GLY D 263 31.66 16.99 37.70
N SER D 264 32.40 17.80 38.47
CA SER D 264 32.89 17.47 39.80
C SER D 264 31.76 17.38 40.83
N ILE D 265 30.76 18.26 40.74
CA ILE D 265 29.68 18.31 41.70
C ILE D 265 28.61 17.33 41.30
N MET D 266 28.21 17.31 40.03
CA MET D 266 27.17 16.34 39.63
C MET D 266 27.21 16.09 38.11
N THR D 267 26.58 14.97 37.76
CA THR D 267 26.38 14.57 36.42
C THR D 267 24.99 15.01 35.99
N VAL D 268 24.87 15.72 34.87
CA VAL D 268 23.60 16.13 34.36
C VAL D 268 23.43 15.50 32.98
N TRP D 269 22.26 14.93 32.75
CA TRP D 269 21.90 14.27 31.50
C TRP D 269 20.97 15.15 30.64
N LEU D 270 21.21 15.15 29.34
CA LEU D 270 20.30 15.71 28.40
C LEU D 270 19.89 14.59 27.48
N SER D 271 18.63 14.22 27.59
CA SER D 271 18.09 13.03 26.93
C SER D 271 17.07 13.44 25.87
N THR D 272 17.14 12.77 24.72
CA THR D 272 16.14 12.97 23.71
C THR D 272 15.31 11.72 23.55
N ALA D 273 15.35 10.85 24.56
CA ALA D 273 14.52 9.64 24.58
C ALA D 273 13.05 9.99 24.38
N PRO D 274 12.24 9.06 23.83
CA PRO D 274 10.80 9.27 23.70
C PRO D 274 10.03 9.12 25.03
N THR D 275 10.66 8.53 26.05
CA THR D 275 10.09 8.55 27.44
C THR D 275 10.24 9.92 28.13
N GLU D 276 11.03 10.84 27.56
CA GLU D 276 11.42 12.12 28.20
C GLU D 276 10.73 13.28 27.49
N PRO D 277 10.73 14.51 28.04
CA PRO D 277 10.07 15.61 27.32
C PRO D 277 10.72 15.87 25.94
N LEU D 278 9.90 16.29 25.00
CA LEU D 278 10.28 16.53 23.64
C LEU D 278 11.31 17.66 23.54
N THR D 279 12.26 17.51 22.61
CA THR D 279 13.27 18.50 22.27
C THR D 279 13.20 18.73 20.76
N HIS D 280 13.96 19.70 20.26
CA HIS D 280 13.94 20.02 18.84
C HIS D 280 14.74 18.97 18.05
N TRP D 281 15.30 17.96 18.69
CA TRP D 281 15.94 16.81 18.01
C TRP D 281 14.95 15.66 17.74
N TYR D 282 13.78 15.73 18.36
CA TYR D 282 12.78 14.69 18.28
C TYR D 282 13.43 13.32 18.48
N GLN D 283 12.98 12.36 17.66
CA GLN D 283 13.62 11.08 17.50
C GLN D 283 13.65 10.76 16.01
N VAL D 284 14.41 9.72 15.67
CA VAL D 284 14.66 9.44 14.27
C VAL D 284 14.40 7.97 14.02
N ARG D 285 13.75 7.70 12.89
CA ARG D 285 13.39 6.36 12.54
C ARG D 285 13.82 6.08 11.12
N CYS D 286 14.41 4.91 10.91
CA CYS D 286 14.87 4.44 9.64
C CYS D 286 14.01 3.26 9.24
N LEU D 287 13.13 3.45 8.26
CA LEU D 287 12.27 2.42 7.78
C LEU D 287 13.04 1.42 6.95
N PHE D 288 12.63 0.15 7.06
CA PHE D 288 13.03 -0.88 6.16
C PHE D 288 12.07 -0.89 4.99
N GLN D 289 12.59 -1.17 3.79
CA GLN D 289 11.79 -1.16 2.59
C GLN D 289 10.81 -2.33 2.66
N SER D 290 11.30 -3.47 3.15
CA SER D 290 10.43 -4.59 3.42
C SER D 290 10.52 -4.91 4.90
N PRO D 291 9.39 -4.90 5.62
CA PRO D 291 9.36 -5.25 7.04
C PRO D 291 9.77 -6.70 7.31
N LEU D 292 10.24 -7.01 8.51
CA LEU D 292 10.59 -8.34 8.87
C LEU D 292 9.63 -8.86 9.92
N PHE D 293 9.21 -10.12 9.80
CA PHE D 293 8.30 -10.70 10.79
C PHE D 293 9.12 -11.36 11.90
N ALA D 294 8.85 -10.99 13.14
CA ALA D 294 9.51 -11.61 14.31
C ALA D 294 8.48 -12.00 15.37
N LYS D 295 8.68 -13.20 15.95
CA LYS D 295 7.88 -13.69 17.06
C LYS D 295 8.55 -13.25 18.34
N ALA D 296 7.77 -12.94 19.36
CA ALA D 296 8.33 -12.69 20.69
C ALA D 296 9.24 -13.88 21.06
N GLY D 297 10.41 -13.57 21.64
CA GLY D 297 11.44 -14.57 21.96
C GLY D 297 12.52 -14.68 20.89
N ASP D 298 12.24 -14.25 19.65
CA ASP D 298 13.21 -14.28 18.53
C ASP D 298 14.29 -13.21 18.72
N THR D 299 15.38 -13.35 17.97
CA THR D 299 16.52 -12.47 18.05
C THR D 299 16.65 -11.78 16.69
N LEU D 300 16.63 -10.45 16.73
CA LEU D 300 16.86 -9.62 15.55
C LEU D 300 18.27 -9.04 15.69
N SER D 301 19.17 -9.40 14.77
CA SER D 301 20.60 -9.09 14.88
C SER D 301 21.12 -8.42 13.61
N GLY D 302 22.23 -7.69 13.75
CA GLY D 302 22.86 -7.07 12.63
C GLY D 302 23.70 -5.90 13.03
N THR D 303 23.84 -4.98 12.08
CA THR D 303 24.80 -3.90 12.17
C THR D 303 24.17 -2.65 11.61
N CYS D 304 24.46 -1.55 12.29
CA CYS D 304 24.23 -0.26 11.80
C CYS D 304 25.60 0.39 11.53
N LEU D 305 25.89 0.71 10.26
CA LEU D 305 27.19 1.22 9.86
C LEU D 305 27.05 2.65 9.30
N LEU D 306 27.60 3.63 9.99
CA LEU D 306 27.56 5.03 9.54
C LEU D 306 28.90 5.42 8.90
N ILE D 307 28.85 5.86 7.64
CA ILE D 307 30.03 6.26 6.92
C ILE D 307 29.93 7.75 6.58
N ALA D 308 30.86 8.54 7.10
CA ALA D 308 30.86 10.02 6.89
C ALA D 308 31.04 10.34 5.41
N ASN D 309 30.30 11.34 4.94
CA ASN D 309 30.38 11.86 3.57
C ASN D 309 30.81 13.32 3.59
N LYS D 310 31.12 13.88 2.41
CA LYS D 310 31.66 15.24 2.33
C LYS D 310 30.55 16.32 2.37
N ARG D 311 29.27 15.91 2.43
CA ARG D 311 28.15 16.88 2.62
C ARG D 311 27.82 17.04 4.13
N GLN D 312 28.82 16.83 4.99
CA GLN D 312 28.70 17.03 6.44
C GLN D 312 27.63 16.14 7.05
N SER D 313 27.47 14.92 6.50
CA SER D 313 26.52 14.00 7.06
C SER D 313 27.06 12.59 6.94
N TYR D 314 26.17 11.62 6.94
CA TYR D 314 26.55 10.24 6.96
C TYR D 314 25.63 9.46 6.03
N ASP D 315 26.20 8.46 5.37
CA ASP D 315 25.45 7.39 4.74
C ASP D 315 25.25 6.31 5.83
N ILE D 316 24.03 5.85 5.99
CA ILE D 316 23.70 4.89 7.00
C ILE D 316 23.32 3.60 6.31
N SER D 317 23.94 2.53 6.75
CA SER D 317 23.71 1.21 6.25
C SER D 317 23.20 0.38 7.42
N ILE D 318 22.00 -0.17 7.30
CA ILE D 318 21.48 -1.06 8.32
C ILE D 318 21.23 -2.43 7.71
N VAL D 319 21.81 -3.45 8.30
CA VAL D 319 21.62 -4.81 7.87
C VAL D 319 21.07 -5.56 9.06
N ALA D 320 19.92 -6.20 8.88
CA ALA D 320 19.23 -6.83 10.00
C ALA D 320 18.76 -8.22 9.58
N GLN D 321 18.75 -9.16 10.51
CA GLN D 321 18.23 -10.44 10.20
C GLN D 321 17.54 -11.01 11.42
N VAL D 322 16.45 -11.75 11.19
CA VAL D 322 15.86 -12.57 12.21
C VAL D 322 16.60 -13.90 12.22
N ASP D 323 17.12 -14.28 13.37
CA ASP D 323 18.08 -15.41 13.41
C ASP D 323 17.35 -16.75 13.21
N GLN D 324 16.18 -16.88 13.84
CA GLN D 324 15.37 -18.10 13.81
C GLN D 324 14.89 -18.45 12.40
N THR D 325 14.49 -17.47 11.60
CA THR D 325 13.92 -17.68 10.25
C THR D 325 14.92 -17.38 9.12
N GLY D 326 15.99 -16.62 9.39
CA GLY D 326 16.92 -16.18 8.32
C GLY D 326 16.36 -15.11 7.38
N SER D 327 15.30 -14.45 7.82
CA SER D 327 14.72 -13.31 7.13
C SER D 327 15.64 -12.10 7.31
N LYS D 328 16.10 -11.54 6.20
CA LYS D 328 17.14 -10.52 6.10
C LYS D 328 16.54 -9.22 5.53
N SER D 329 17.17 -8.13 5.92
CA SER D 329 16.87 -6.83 5.38
C SER D 329 18.16 -6.00 5.32
N SER D 330 18.24 -5.15 4.30
CA SER D 330 19.43 -4.30 4.09
C SER D 330 18.92 -2.97 3.58
N ASN D 331 19.42 -1.88 4.12
CA ASN D 331 18.86 -0.60 3.80
C ASN D 331 19.94 0.45 3.87
N LEU D 332 19.83 1.45 3.01
CA LEU D 332 20.76 2.53 2.90
C LEU D 332 19.99 3.80 3.11
N LEU D 333 20.42 4.65 4.05
CA LEU D 333 19.77 5.89 4.26
C LEU D 333 20.73 7.04 4.15
N ASP D 334 20.15 8.18 3.79
CA ASP D 334 20.83 9.40 3.55
C ASP D 334 20.34 10.42 4.59
N LEU D 335 21.15 10.56 5.62
CA LEU D 335 20.85 11.37 6.76
C LEU D 335 20.82 12.88 6.43
N LYS D 336 21.43 13.31 5.33
CA LYS D 336 21.37 14.73 4.90
C LYS D 336 19.95 15.17 4.50
N ASN D 337 19.13 14.30 3.89
CA ASN D 337 17.77 14.64 3.38
C ASN D 337 16.70 13.97 4.26
N PRO D 338 16.52 14.36 5.54
CA PRO D 338 15.50 13.69 6.36
C PRO D 338 14.08 14.16 6.04
N PHE D 339 13.08 13.35 6.39
CA PHE D 339 11.69 13.73 6.27
C PHE D 339 11.18 14.20 7.64
N PHE D 340 10.84 15.50 7.71
CA PHE D 340 10.32 16.13 8.93
C PHE D 340 8.83 15.92 8.90
N ARG D 341 8.34 14.94 9.68
CA ARG D 341 6.97 14.54 9.60
C ARG D 341 6.10 15.31 10.58
N TYR D 342 6.68 15.83 11.66
CA TYR D 342 5.87 16.56 12.70
C TYR D 342 4.78 17.51 12.10
C13 KYH E . 0.21 -33.84 -6.35
C17 KYH E . 0.48 -29.22 -3.28
C15 KYH E . -0.75 -32.58 -4.87
C11 KYH E . 0.66 -34.84 -7.26
C22 KYH E . 3.41 -26.70 0.01
C20 KYH E . 1.86 -28.40 -1.14
C21 KYH E . 2.40 -26.92 -1.16
C24 KYH E . 0.14 -28.96 0.38
C25 KYH E . -1.38 -28.90 0.78
C27 KYH E . -3.14 -29.67 2.46
N28 KYH E . -3.97 -29.10 3.58
C02 KYH E . -0.32 -28.57 -4.46
C03 KYH E . -0.70 -29.55 -5.16
C05 KYH E . 0.56 -30.58 -5.02
C07 KYH E . 0.85 -32.64 -6.35
C09 KYH E . 2.31 -33.37 -8.02
C18 KYH E . -0.25 -29.28 -2.07
C26 KYH E . -1.64 -29.20 2.29
C29 KYH E . -4.41 -27.81 3.63
N06 KYH E . 0.21 -31.88 -5.42
N08 KYH E . 1.90 -32.40 -7.20
N10 KYH E . 1.71 -34.56 -8.06
N12 KYH E . 0.00 -36.15 -7.31
N14 KYH E . -0.76 -33.80 -5.43
N19 KYH E . 0.39 -28.44 -0.99
N23 KYH E . 4.64 -27.55 -0.10
N30 KYH E . -5.18 -27.45 4.68
N31 KYH E . -4.09 -26.91 2.71
O01 KYH E . 0.61 -27.60 -5.17
O04 KYH E . -0.85 -29.30 -6.60
O16 KYH E . 0.81 -30.62 -3.75
C13 KYH F . 18.25 23.98 -16.77
C17 KYH F . 13.77 21.65 -14.30
C15 KYH F . 16.80 24.09 -15.15
C11 KYH F . 19.28 24.14 -17.78
C22 KYH F . 10.15 19.78 -15.24
C20 KYH F . 11.24 22.07 -14.92
C21 KYH F . 11.11 20.62 -14.36
C24 KYH F . 10.86 23.11 -12.77
C25 KYH F . 10.04 24.45 -12.94
C27 KYH F . 9.00 25.08 -10.67
N28 KYH F . 8.89 26.14 -9.64
C02 KYH F . 14.86 20.83 -13.52
C03 KYH F . 15.92 21.39 -13.82
C05 KYH F . 15.71 21.88 -15.37
C07 KYH F . 17.55 22.82 -16.76
C09 KYH F . 18.77 22.00 -18.59
C18 KYH F . 13.16 22.58 -13.43
C26 KYH F . 10.14 25.39 -11.71
C29 KYH F . 8.73 25.75 -8.35
N06 KYH F . 16.65 22.90 -15.73
N08 KYH F . 17.83 21.83 -17.68
N10 KYH F . 19.48 23.13 -18.63
N12 KYH F . 20.09 25.38 -17.85
N14 KYH F . 17.78 24.77 -15.77
N19 KYH F . 11.79 22.99 -13.90
N23 KYH F . 8.82 20.44 -15.34
N30 KYH F . 8.70 24.43 -8.07
N31 KYH F . 8.61 26.63 -7.38
O01 KYH F . 14.77 19.39 -14.01
O04 KYH F . 17.12 20.53 -13.71
O16 KYH F . 14.53 22.36 -15.40
C13 KYH G . -30.18 -25.60 -14.89
C17 KYH G . -31.27 -23.76 -9.70
C15 KYH G . -29.45 -24.56 -13.07
C11 KYH G . -30.49 -26.18 -16.18
C22 KYH G . -34.98 -21.28 -8.25
C20 KYH G . -32.61 -21.44 -9.28
C21 KYH G . -33.45 -21.50 -7.98
C24 KYH G . -30.50 -20.22 -9.33
C25 KYH G . -30.26 -19.21 -8.15
C27 KYH G . -29.08 -16.93 -7.88
N28 KYH G . -28.58 -16.78 -6.47
C02 KYH G . -30.50 -25.04 -9.22
C03 KYH G . -30.05 -25.55 -10.26
C05 KYH G . -31.17 -25.20 -11.42
C07 KYH G . -31.05 -25.85 -13.85
C09 KYH G . -32.41 -27.15 -15.28
C18 KYH G . -30.46 -22.58 -9.67
C26 KYH G . -28.98 -18.38 -8.45
C29 KYH G . -27.26 -16.78 -6.15
N06 KYH G . -30.56 -25.20 -12.73
N08 KYH G . -32.17 -26.65 -14.06
N10 KYH G . -31.58 -26.92 -16.31
N12 KYH G . -29.62 -25.96 -17.36
N14 KYH G . -29.20 -24.79 -14.41
N19 KYH G . -31.16 -21.47 -8.90
N23 KYH G . -35.59 -20.32 -7.28
N30 KYH G . -26.31 -16.94 -7.07
N31 KYH G . -26.89 -16.61 -4.91
O01 KYH G . -31.50 -25.93 -8.50
O04 KYH G . -29.85 -27.04 -10.24
O16 KYH G . -31.63 -24.03 -11.14
C13 KYH H . 31.89 25.11 13.51
C17 KYH H . 26.87 26.44 15.65
C15 KYH H . 29.70 24.77 13.42
C11 KYH H . 33.34 25.14 13.46
C22 KYH H . 24.29 26.74 19.88
C20 KYH H . 25.72 25.68 17.99
C21 KYH H . 24.89 26.93 18.45
C24 KYH H . 24.87 23.70 17.00
C25 KYH H . 23.57 23.19 16.26
C27 KYH H . 21.69 21.45 16.86
N28 KYH H . 21.12 20.63 15.74
C02 KYH H . 26.65 27.28 14.36
C03 KYH H . 27.61 26.96 13.62
C05 KYH H . 28.86 26.72 14.66
C07 KYH H . 31.26 26.13 14.17
C09 KYH H . 33.32 27.13 14.68
C18 KYH H . 26.19 25.20 15.64
C26 KYH H . 23.23 21.73 16.69
C29 KYH H . 19.76 20.54 15.54
N06 KYH H . 29.90 25.89 14.09
N08 KYH H . 31.99 27.14 14.74
N10 KYH H . 33.98 26.15 14.05
N12 KYH H . 34.13 24.08 12.77
N14 KYH H . 30.93 24.26 13.05
N19 KYH H . 25.17 25.12 16.74
N23 KYH H . 25.34 26.83 20.94
N30 KYH H . 18.87 21.16 16.35
N31 KYH H . 19.33 19.80 14.55
O01 KYH H . 26.66 28.76 14.74
O04 KYH H . 28.00 27.96 12.59
O16 KYH H . 28.35 26.14 15.68
#